data_7G07
# 
_entry.id   7G07 
# 
_audit_conform.dict_name       mmcif_pdbx.dic 
_audit_conform.dict_version    5.404 
_audit_conform.dict_location   http://mmcif.pdb.org/dictionaries/ascii/mmcif_pdbx.dic 
# 
loop_
_database_2.database_id 
_database_2.database_code 
_database_2.pdbx_database_accession 
_database_2.pdbx_DOI 
PDB   7G07         pdb_00007g07 10.2210/pdb7g07/pdb 
WWPDB D_1001405568 ?            ?                   
# 
loop_
_pdbx_audit_revision_history.ordinal 
_pdbx_audit_revision_history.data_content_type 
_pdbx_audit_revision_history.major_revision 
_pdbx_audit_revision_history.minor_revision 
_pdbx_audit_revision_history.revision_date 
_pdbx_audit_revision_history.part_number 
1 'Structure model' 1 0 2023-06-14 ? 
2 'Structure model' 1 1 2024-04-03 ? 
3 'Structure model' 1 2 2024-11-20 ? 
4 'Structure model' 1 3 2025-08-13 ? 
# 
_pdbx_audit_revision_details.ordinal             1 
_pdbx_audit_revision_details.revision_ordinal    1 
_pdbx_audit_revision_details.data_content_type   'Structure model' 
_pdbx_audit_revision_details.provider            repository 
_pdbx_audit_revision_details.type                'Initial release' 
_pdbx_audit_revision_details.description         ? 
_pdbx_audit_revision_details.details             ? 
# 
loop_
_pdbx_audit_revision_group.ordinal 
_pdbx_audit_revision_group.revision_ordinal 
_pdbx_audit_revision_group.data_content_type 
_pdbx_audit_revision_group.group 
1 2 'Structure model' 'Data collection'        
2 2 'Structure model' 'Refinement description' 
3 3 'Structure model' 'Structure summary'      
4 4 'Structure model' 'Database references'    
# 
loop_
_pdbx_audit_revision_category.ordinal 
_pdbx_audit_revision_category.revision_ordinal 
_pdbx_audit_revision_category.data_content_type 
_pdbx_audit_revision_category.category 
1 2 'Structure model' chem_comp_atom                
2 2 'Structure model' chem_comp_bond                
3 2 'Structure model' pdbx_initial_refinement_model 
4 3 'Structure model' pdbx_entry_details            
5 3 'Structure model' struct                        
6 4 'Structure model' citation                      
7 4 'Structure model' citation_author               
# 
loop_
_pdbx_audit_revision_item.ordinal 
_pdbx_audit_revision_item.revision_ordinal 
_pdbx_audit_revision_item.data_content_type 
_pdbx_audit_revision_item.item 
1  3 'Structure model' '_pdbx_entry_details.has_protein_modification' 
2  3 'Structure model' '_struct.title'                                
3  4 'Structure model' '_citation.journal_abbrev'                     
4  4 'Structure model' '_citation.journal_id_CSD'                     
5  4 'Structure model' '_citation.journal_id_ISSN'                    
6  4 'Structure model' '_citation.journal_volume'                     
7  4 'Structure model' '_citation.page_first'                         
8  4 'Structure model' '_citation.page_last'                          
9  4 'Structure model' '_citation.pdbx_database_id_DOI'               
10 4 'Structure model' '_citation.pdbx_database_id_PubMed'            
11 4 'Structure model' '_citation.title'                              
12 4 'Structure model' '_citation.year'                               
# 
_pdbx_database_status.entry_id                        7G07 
_pdbx_database_status.status_code                     REL 
_pdbx_database_status.status_code_sf                  REL 
_pdbx_database_status.status_code_mr                  ? 
_pdbx_database_status.status_code_cs                  ? 
_pdbx_database_status.recvd_initial_deposition_date   2023-04-27 
_pdbx_database_status.status_code_nmr_data            ? 
_pdbx_database_status.deposit_site                    RCSB 
_pdbx_database_status.process_site                    RCSB 
_pdbx_database_status.SG_entry                        ? 
_pdbx_database_status.pdb_format_compatible           Y 
_pdbx_database_status.methods_development_category    ? 
# 
_pdbx_contact_author.id                 1 
_pdbx_contact_author.name_first         Markus 
_pdbx_contact_author.name_last          Rudolph 
_pdbx_contact_author.name_mi            G. 
_pdbx_contact_author.role               'principal investigator/group leader' 
_pdbx_contact_author.email              Markus.Rudolph@roche.com 
_pdbx_contact_author.identifier_ORCID   0000-0003-0447-1101 
# 
loop_
_audit_author.pdbx_ordinal 
_audit_author.name 
1 'Ehler, A.'     
2 'Benz, J.'      
3 'Obst, U.'      
4 'Richter, H.'   
5 'Rudolph, M.G.' 
# 
_citation.id                        primary 
_citation.journal_abbrev            'Acta Crystallogr D Struct Biol' 
_citation.title                     
'A high-resolution data set of fatty acid-binding protein structures. III. Unexpectedly high occurrence of wrong ligands.' 
_citation.year                      2025 
_citation.journal_volume            81 
_citation.page_first                451 
_citation.page_last                 464 
_citation.journal_id_ASTM           ? 
_citation.country                   ? 
_citation.journal_id_ISSN           2059-7983 
_citation.journal_id_CSD            ? 
_citation.book_publisher            ? 
_citation.pdbx_database_id_PubMed   40748031 
_citation.pdbx_database_id_DOI      10.1107/S2059798325006096 
# 
loop_
_citation_author.citation_id 
_citation_author.name 
_citation_author.ordinal 
_citation_author.identifier_ORCID 
primary 'Ehler, A.'     1 ?                   
primary 'Bartelmus, C.' 2 0000-0002-1527-4325 
primary 'Benz, J.'      3 ?                   
primary 'Plitzko, I.'   4 ?                   
primary 'Rudolph, M.G.' 5 0000-0003-0447-1101 
# 
loop_
_entity.id 
_entity.type 
_entity.src_method 
_entity.pdbx_description 
_entity.formula_weight 
_entity.pdbx_number_of_molecules 
_entity.pdbx_ec 
_entity.pdbx_mutation 
_entity.pdbx_fragment 
_entity.details 
1 polymer     man 'Fatty acid-binding protein, adipocyte' 15022.176 1   ? ? ? ? 
2 non-polymer syn 
;4-{[(3M)-3-(3-cyclopropyl-1,2,4-oxadiazol-5-yl)-4,5,6,7-tetrahydro-1-benzothiophen-2-yl]carbamoyl}-5,6-dihydro-2H-pyran-3-carboxylic acid
;
415.463   1   ? ? ? ? 
3 non-polymer syn 'DIMETHYL SULFOXIDE' 78.133    2   ? ? ? ? 
4 non-polymer syn 'FORMIC ACID' 46.025    1   ? ? ? ? 
5 non-polymer syn 'SULFATE ION' 96.063    2   ? ? ? ? 
6 water       nat water 18.015    105 ? ? ? ? 
# 
_entity_name_com.entity_id   1 
_entity_name_com.name        
'Adipocyte lipid-binding protein,ALBP,Adipocyte-type fatty acid-binding protein,A-FABP,AFABP,Fatty acid-binding protein 4' 
# 
_entity_poly.entity_id                      1 
_entity_poly.type                           'polypeptide(L)' 
_entity_poly.nstd_linkage                   no 
_entity_poly.nstd_monomer                   no 
_entity_poly.pdbx_seq_one_letter_code       
;GSHMCDAFVGTWKLVSSENFDDYMKEVGVGFATRKVAGMAKPNMIISVNGDVITIKSESTFKNTEISFILGQEFDEVTAD
DRKVKSTITLDGGVLVHVQKWDGKSTTIKRKREDDKLVVECVMKGVTSTRVYERA
;
_entity_poly.pdbx_seq_one_letter_code_can   
;GSHMCDAFVGTWKLVSSENFDDYMKEVGVGFATRKVAGMAKPNMIISVNGDVITIKSESTFKNTEISFILGQEFDEVTAD
DRKVKSTITLDGGVLVHVQKWDGKSTTIKRKREDDKLVVECVMKGVTSTRVYERA
;
_entity_poly.pdbx_strand_id                 A 
_entity_poly.pdbx_target_identifier         ? 
# 
loop_
_pdbx_entity_nonpoly.entity_id 
_pdbx_entity_nonpoly.name 
_pdbx_entity_nonpoly.comp_id 
2 
;4-{[(3M)-3-(3-cyclopropyl-1,2,4-oxadiazol-5-yl)-4,5,6,7-tetrahydro-1-benzothiophen-2-yl]carbamoyl}-5,6-dihydro-2H-pyran-3-carboxylic acid
;
WJH 
3 'DIMETHYL SULFOXIDE' DMS 
4 'FORMIC ACID' FMT 
5 'SULFATE ION' SO4 
6 water HOH 
# 
loop_
_entity_poly_seq.entity_id 
_entity_poly_seq.num 
_entity_poly_seq.mon_id 
_entity_poly_seq.hetero 
1 1   GLY n 
1 2   SER n 
1 3   HIS n 
1 4   MET n 
1 5   CYS n 
1 6   ASP n 
1 7   ALA n 
1 8   PHE n 
1 9   VAL n 
1 10  GLY n 
1 11  THR n 
1 12  TRP n 
1 13  LYS n 
1 14  LEU n 
1 15  VAL n 
1 16  SER n 
1 17  SER n 
1 18  GLU n 
1 19  ASN n 
1 20  PHE n 
1 21  ASP n 
1 22  ASP n 
1 23  TYR n 
1 24  MET n 
1 25  LYS n 
1 26  GLU n 
1 27  VAL n 
1 28  GLY n 
1 29  VAL n 
1 30  GLY n 
1 31  PHE n 
1 32  ALA n 
1 33  THR n 
1 34  ARG n 
1 35  LYS n 
1 36  VAL n 
1 37  ALA n 
1 38  GLY n 
1 39  MET n 
1 40  ALA n 
1 41  LYS n 
1 42  PRO n 
1 43  ASN n 
1 44  MET n 
1 45  ILE n 
1 46  ILE n 
1 47  SER n 
1 48  VAL n 
1 49  ASN n 
1 50  GLY n 
1 51  ASP n 
1 52  VAL n 
1 53  ILE n 
1 54  THR n 
1 55  ILE n 
1 56  LYS n 
1 57  SER n 
1 58  GLU n 
1 59  SER n 
1 60  THR n 
1 61  PHE n 
1 62  LYS n 
1 63  ASN n 
1 64  THR n 
1 65  GLU n 
1 66  ILE n 
1 67  SER n 
1 68  PHE n 
1 69  ILE n 
1 70  LEU n 
1 71  GLY n 
1 72  GLN n 
1 73  GLU n 
1 74  PHE n 
1 75  ASP n 
1 76  GLU n 
1 77  VAL n 
1 78  THR n 
1 79  ALA n 
1 80  ASP n 
1 81  ASP n 
1 82  ARG n 
1 83  LYS n 
1 84  VAL n 
1 85  LYS n 
1 86  SER n 
1 87  THR n 
1 88  ILE n 
1 89  THR n 
1 90  LEU n 
1 91  ASP n 
1 92  GLY n 
1 93  GLY n 
1 94  VAL n 
1 95  LEU n 
1 96  VAL n 
1 97  HIS n 
1 98  VAL n 
1 99  GLN n 
1 100 LYS n 
1 101 TRP n 
1 102 ASP n 
1 103 GLY n 
1 104 LYS n 
1 105 SER n 
1 106 THR n 
1 107 THR n 
1 108 ILE n 
1 109 LYS n 
1 110 ARG n 
1 111 LYS n 
1 112 ARG n 
1 113 GLU n 
1 114 ASP n 
1 115 ASP n 
1 116 LYS n 
1 117 LEU n 
1 118 VAL n 
1 119 VAL n 
1 120 GLU n 
1 121 CYS n 
1 122 VAL n 
1 123 MET n 
1 124 LYS n 
1 125 GLY n 
1 126 VAL n 
1 127 THR n 
1 128 SER n 
1 129 THR n 
1 130 ARG n 
1 131 VAL n 
1 132 TYR n 
1 133 GLU n 
1 134 ARG n 
1 135 ALA n 
# 
_entity_src_gen.entity_id                          1 
_entity_src_gen.pdbx_src_id                        1 
_entity_src_gen.pdbx_alt_source_flag               sample 
_entity_src_gen.pdbx_seq_type                      'Biological sequence' 
_entity_src_gen.pdbx_beg_seq_num                   1 
_entity_src_gen.pdbx_end_seq_num                   135 
_entity_src_gen.gene_src_common_name               human 
_entity_src_gen.gene_src_genus                     ? 
_entity_src_gen.pdbx_gene_src_gene                 FABP4 
_entity_src_gen.gene_src_species                   ? 
_entity_src_gen.gene_src_strain                    ? 
_entity_src_gen.gene_src_tissue                    ? 
_entity_src_gen.gene_src_tissue_fraction           ? 
_entity_src_gen.gene_src_details                   ? 
_entity_src_gen.pdbx_gene_src_fragment             ? 
_entity_src_gen.pdbx_gene_src_scientific_name      'Homo sapiens' 
_entity_src_gen.pdbx_gene_src_ncbi_taxonomy_id     9606 
_entity_src_gen.pdbx_gene_src_variant              ? 
_entity_src_gen.pdbx_gene_src_cell_line            ? 
_entity_src_gen.pdbx_gene_src_atcc                 ? 
_entity_src_gen.pdbx_gene_src_organ                ? 
_entity_src_gen.pdbx_gene_src_organelle            ? 
_entity_src_gen.pdbx_gene_src_cell                 ? 
_entity_src_gen.pdbx_gene_src_cellular_location    ? 
_entity_src_gen.host_org_common_name               ? 
_entity_src_gen.pdbx_host_org_scientific_name      'Escherichia coli BL21(DE3)' 
_entity_src_gen.pdbx_host_org_ncbi_taxonomy_id     469008 
_entity_src_gen.host_org_genus                     ? 
_entity_src_gen.pdbx_host_org_gene                 ? 
_entity_src_gen.pdbx_host_org_organ                ? 
_entity_src_gen.host_org_species                   ? 
_entity_src_gen.pdbx_host_org_tissue               ? 
_entity_src_gen.pdbx_host_org_tissue_fraction      ? 
_entity_src_gen.pdbx_host_org_strain               ? 
_entity_src_gen.pdbx_host_org_variant              ? 
_entity_src_gen.pdbx_host_org_cell_line            ? 
_entity_src_gen.pdbx_host_org_atcc                 ? 
_entity_src_gen.pdbx_host_org_culture_collection   ? 
_entity_src_gen.pdbx_host_org_cell                 ? 
_entity_src_gen.pdbx_host_org_organelle            ? 
_entity_src_gen.pdbx_host_org_cellular_location    ? 
_entity_src_gen.pdbx_host_org_vector_type          plasmid 
_entity_src_gen.pdbx_host_org_vector               ? 
_entity_src_gen.host_org_details                   ? 
_entity_src_gen.expression_system_id               ? 
_entity_src_gen.plasmid_name                       PET15b 
_entity_src_gen.plasmid_details                    ? 
_entity_src_gen.pdbx_description                   ? 
# 
loop_
_chem_comp.id 
_chem_comp.type 
_chem_comp.mon_nstd_flag 
_chem_comp.name 
_chem_comp.pdbx_synonyms 
_chem_comp.formula 
_chem_comp.formula_weight 
ALA 'L-peptide linking' y ALANINE ? 'C3 H7 N O2'      89.093  
ARG 'L-peptide linking' y ARGININE ? 'C6 H15 N4 O2 1'  175.209 
ASN 'L-peptide linking' y ASPARAGINE ? 'C4 H8 N2 O3'     132.118 
ASP 'L-peptide linking' y 'ASPARTIC ACID' ? 'C4 H7 N O4'      133.103 
CYS 'L-peptide linking' y CYSTEINE ? 'C3 H7 N O2 S'    121.158 
DMS non-polymer         . 'DIMETHYL SULFOXIDE' ? 'C2 H6 O S'       78.133  
FMT non-polymer         . 'FORMIC ACID' ? 'C H2 O2'         46.025  
GLN 'L-peptide linking' y GLUTAMINE ? 'C5 H10 N2 O3'    146.144 
GLU 'L-peptide linking' y 'GLUTAMIC ACID' ? 'C5 H9 N O4'      147.129 
GLY 'peptide linking'   y GLYCINE ? 'C2 H5 N O2'      75.067  
HIS 'L-peptide linking' y HISTIDINE ? 'C6 H10 N3 O2 1'  156.162 
HOH non-polymer         . WATER ? 'H2 O'            18.015  
ILE 'L-peptide linking' y ISOLEUCINE ? 'C6 H13 N O2'     131.173 
LEU 'L-peptide linking' y LEUCINE ? 'C6 H13 N O2'     131.173 
LYS 'L-peptide linking' y LYSINE ? 'C6 H15 N2 O2 1'  147.195 
MET 'L-peptide linking' y METHIONINE ? 'C5 H11 N O2 S'   149.211 
PHE 'L-peptide linking' y PHENYLALANINE ? 'C9 H11 N O2'     165.189 
PRO 'L-peptide linking' y PROLINE ? 'C5 H9 N O2'      115.130 
SER 'L-peptide linking' y SERINE ? 'C3 H7 N O3'      105.093 
SO4 non-polymer         . 'SULFATE ION' ? 'O4 S -2'         96.063  
THR 'L-peptide linking' y THREONINE ? 'C4 H9 N O3'      119.119 
TRP 'L-peptide linking' y TRYPTOPHAN ? 'C11 H12 N2 O2'   204.225 
TYR 'L-peptide linking' y TYROSINE ? 'C9 H11 N O3'     181.189 
VAL 'L-peptide linking' y VALINE ? 'C5 H11 N O2'     117.146 
WJH non-polymer         . 
;4-{[(3M)-3-(3-cyclopropyl-1,2,4-oxadiazol-5-yl)-4,5,6,7-tetrahydro-1-benzothiophen-2-yl]carbamoyl}-5,6-dihydro-2H-pyran-3-carboxylic acid
;
? 'C20 H21 N3 O5 S' 415.463 
# 
loop_
_pdbx_poly_seq_scheme.asym_id 
_pdbx_poly_seq_scheme.entity_id 
_pdbx_poly_seq_scheme.seq_id 
_pdbx_poly_seq_scheme.mon_id 
_pdbx_poly_seq_scheme.ndb_seq_num 
_pdbx_poly_seq_scheme.pdb_seq_num 
_pdbx_poly_seq_scheme.auth_seq_num 
_pdbx_poly_seq_scheme.pdb_mon_id 
_pdbx_poly_seq_scheme.auth_mon_id 
_pdbx_poly_seq_scheme.pdb_strand_id 
_pdbx_poly_seq_scheme.pdb_ins_code 
_pdbx_poly_seq_scheme.hetero 
A 1 1   GLY 1   -3  ?   ?   ?   A . n 
A 1 2   SER 2   -2  -2  SER SER A . n 
A 1 3   HIS 3   -1  -1  HIS HIS A . n 
A 1 4   MET 4   0   0   MET MET A . n 
A 1 5   CYS 5   1   1   CYS CYS A . n 
A 1 6   ASP 6   2   2   ASP ASP A . n 
A 1 7   ALA 7   3   3   ALA ALA A . n 
A 1 8   PHE 8   4   4   PHE PHE A . n 
A 1 9   VAL 9   5   5   VAL VAL A . n 
A 1 10  GLY 10  6   6   GLY GLY A . n 
A 1 11  THR 11  7   7   THR THR A . n 
A 1 12  TRP 12  8   8   TRP TRP A . n 
A 1 13  LYS 13  9   9   LYS LYS A . n 
A 1 14  LEU 14  10  10  LEU LEU A . n 
A 1 15  VAL 15  11  11  VAL VAL A . n 
A 1 16  SER 16  12  12  SER SER A . n 
A 1 17  SER 17  13  13  SER SER A . n 
A 1 18  GLU 18  14  14  GLU GLU A . n 
A 1 19  ASN 19  15  15  ASN ASN A . n 
A 1 20  PHE 20  16  16  PHE PHE A . n 
A 1 21  ASP 21  17  17  ASP ASP A . n 
A 1 22  ASP 22  18  18  ASP ASP A . n 
A 1 23  TYR 23  19  19  TYR TYR A . n 
A 1 24  MET 24  20  20  MET MET A . n 
A 1 25  LYS 25  21  21  LYS LYS A . n 
A 1 26  GLU 26  22  22  GLU GLU A . n 
A 1 27  VAL 27  23  23  VAL VAL A . n 
A 1 28  GLY 28  24  24  GLY GLY A . n 
A 1 29  VAL 29  25  25  VAL VAL A . n 
A 1 30  GLY 30  26  26  GLY GLY A . n 
A 1 31  PHE 31  27  27  PHE PHE A . n 
A 1 32  ALA 32  28  28  ALA ALA A . n 
A 1 33  THR 33  29  29  THR THR A . n 
A 1 34  ARG 34  30  30  ARG ARG A . n 
A 1 35  LYS 35  31  31  LYS LYS A . n 
A 1 36  VAL 36  32  32  VAL VAL A . n 
A 1 37  ALA 37  33  33  ALA ALA A . n 
A 1 38  GLY 38  34  34  GLY GLY A . n 
A 1 39  MET 39  35  35  MET MET A . n 
A 1 40  ALA 40  36  36  ALA ALA A . n 
A 1 41  LYS 41  37  37  LYS LYS A . n 
A 1 42  PRO 42  38  38  PRO PRO A . n 
A 1 43  ASN 43  39  39  ASN ASN A . n 
A 1 44  MET 44  40  40  MET MET A . n 
A 1 45  ILE 45  41  41  ILE ILE A . n 
A 1 46  ILE 46  42  42  ILE ILE A . n 
A 1 47  SER 47  43  43  SER SER A . n 
A 1 48  VAL 48  44  44  VAL VAL A . n 
A 1 49  ASN 49  45  45  ASN ASN A . n 
A 1 50  GLY 50  46  46  GLY GLY A . n 
A 1 51  ASP 51  47  47  ASP ASP A . n 
A 1 52  VAL 52  48  48  VAL VAL A . n 
A 1 53  ILE 53  49  49  ILE ILE A . n 
A 1 54  THR 54  50  50  THR THR A . n 
A 1 55  ILE 55  51  51  ILE ILE A . n 
A 1 56  LYS 56  52  52  LYS LYS A . n 
A 1 57  SER 57  53  53  SER SER A . n 
A 1 58  GLU 58  54  54  GLU GLU A . n 
A 1 59  SER 59  55  55  SER SER A . n 
A 1 60  THR 60  56  56  THR THR A . n 
A 1 61  PHE 61  57  57  PHE PHE A . n 
A 1 62  LYS 62  58  58  LYS LYS A . n 
A 1 63  ASN 63  59  59  ASN ASN A . n 
A 1 64  THR 64  60  60  THR THR A . n 
A 1 65  GLU 65  61  61  GLU GLU A . n 
A 1 66  ILE 66  62  62  ILE ILE A . n 
A 1 67  SER 67  63  63  SER SER A . n 
A 1 68  PHE 68  64  64  PHE PHE A . n 
A 1 69  ILE 69  65  65  ILE ILE A . n 
A 1 70  LEU 70  66  66  LEU LEU A . n 
A 1 71  GLY 71  67  67  GLY GLY A . n 
A 1 72  GLN 72  68  68  GLN GLN A . n 
A 1 73  GLU 73  69  69  GLU GLU A . n 
A 1 74  PHE 74  70  70  PHE PHE A . n 
A 1 75  ASP 75  71  71  ASP ASP A . n 
A 1 76  GLU 76  72  72  GLU GLU A . n 
A 1 77  VAL 77  73  73  VAL VAL A . n 
A 1 78  THR 78  74  74  THR THR A . n 
A 1 79  ALA 79  75  75  ALA ALA A . n 
A 1 80  ASP 80  76  76  ASP ASP A . n 
A 1 81  ASP 81  77  77  ASP ASP A . n 
A 1 82  ARG 82  78  78  ARG ARG A . n 
A 1 83  LYS 83  79  79  LYS LYS A . n 
A 1 84  VAL 84  80  80  VAL VAL A . n 
A 1 85  LYS 85  81  81  LYS LYS A . n 
A 1 86  SER 86  82  82  SER SER A . n 
A 1 87  THR 87  83  83  THR THR A . n 
A 1 88  ILE 88  84  84  ILE ILE A . n 
A 1 89  THR 89  85  85  THR THR A . n 
A 1 90  LEU 90  86  86  LEU LEU A . n 
A 1 91  ASP 91  87  87  ASP ASP A . n 
A 1 92  GLY 92  88  88  GLY GLY A . n 
A 1 93  GLY 93  89  89  GLY GLY A . n 
A 1 94  VAL 94  90  90  VAL VAL A . n 
A 1 95  LEU 95  91  91  LEU LEU A . n 
A 1 96  VAL 96  92  92  VAL VAL A . n 
A 1 97  HIS 97  93  93  HIS HIS A . n 
A 1 98  VAL 98  94  94  VAL VAL A . n 
A 1 99  GLN 99  95  95  GLN GLN A . n 
A 1 100 LYS 100 96  96  LYS LYS A . n 
A 1 101 TRP 101 97  97  TRP TRP A . n 
A 1 102 ASP 102 98  98  ASP ASP A . n 
A 1 103 GLY 103 99  99  GLY GLY A . n 
A 1 104 LYS 104 100 100 LYS LYS A . n 
A 1 105 SER 105 101 101 SER SER A . n 
A 1 106 THR 106 102 102 THR THR A . n 
A 1 107 THR 107 103 103 THR THR A . n 
A 1 108 ILE 108 104 104 ILE ILE A . n 
A 1 109 LYS 109 105 105 LYS LYS A . n 
A 1 110 ARG 110 106 106 ARG ARG A . n 
A 1 111 LYS 111 107 107 LYS LYS A . n 
A 1 112 ARG 112 108 108 ARG ARG A . n 
A 1 113 GLU 113 109 109 GLU GLU A . n 
A 1 114 ASP 114 110 110 ASP ASP A . n 
A 1 115 ASP 115 111 111 ASP ASP A . n 
A 1 116 LYS 116 112 112 LYS LYS A . n 
A 1 117 LEU 117 113 113 LEU LEU A . n 
A 1 118 VAL 118 114 114 VAL VAL A . n 
A 1 119 VAL 119 115 115 VAL VAL A . n 
A 1 120 GLU 120 116 116 GLU GLU A . n 
A 1 121 CYS 121 117 117 CYS CYS A . n 
A 1 122 VAL 122 118 118 VAL VAL A . n 
A 1 123 MET 123 119 119 MET MET A . n 
A 1 124 LYS 124 120 120 LYS LYS A . n 
A 1 125 GLY 125 121 121 GLY GLY A . n 
A 1 126 VAL 126 122 122 VAL VAL A . n 
A 1 127 THR 127 123 123 THR THR A . n 
A 1 128 SER 128 124 124 SER SER A . n 
A 1 129 THR 129 125 125 THR THR A . n 
A 1 130 ARG 130 126 126 ARG ARG A . n 
A 1 131 VAL 131 127 127 VAL VAL A . n 
A 1 132 TYR 132 128 128 TYR TYR A . n 
A 1 133 GLU 133 129 129 GLU GLU A . n 
A 1 134 ARG 134 130 130 ARG ARG A . n 
A 1 135 ALA 135 131 131 ALA ALA A . n 
# 
_pdbx_entity_instance_feature.ordinal        1 
_pdbx_entity_instance_feature.comp_id        WJH 
_pdbx_entity_instance_feature.asym_id        ? 
_pdbx_entity_instance_feature.seq_num        ? 
_pdbx_entity_instance_feature.auth_comp_id   WJH 
_pdbx_entity_instance_feature.auth_asym_id   ? 
_pdbx_entity_instance_feature.auth_seq_num   ? 
_pdbx_entity_instance_feature.feature_type   'SUBJECT OF INVESTIGATION' 
_pdbx_entity_instance_feature.details        ? 
# 
loop_
_pdbx_nonpoly_scheme.asym_id 
_pdbx_nonpoly_scheme.entity_id 
_pdbx_nonpoly_scheme.mon_id 
_pdbx_nonpoly_scheme.ndb_seq_num 
_pdbx_nonpoly_scheme.pdb_seq_num 
_pdbx_nonpoly_scheme.auth_seq_num 
_pdbx_nonpoly_scheme.pdb_mon_id 
_pdbx_nonpoly_scheme.auth_mon_id 
_pdbx_nonpoly_scheme.pdb_strand_id 
_pdbx_nonpoly_scheme.pdb_ins_code 
B 2 WJH 1   201 1   WJH L0R A . 
C 3 DMS 1   202 1   DMS DMS A . 
D 4 FMT 1   203 1   FMT FMT A . 
E 3 DMS 1   204 1   DMS DMS A . 
F 5 SO4 1   205 1   SO4 SO4 A . 
G 5 SO4 1   206 2   SO4 SO4 A . 
H 6 HOH 1   301 35  HOH HOH A . 
H 6 HOH 2   302 99  HOH HOH A . 
H 6 HOH 3   303 27  HOH HOH A . 
H 6 HOH 4   304 64  HOH HOH A . 
H 6 HOH 5   305 53  HOH HOH A . 
H 6 HOH 6   306 56  HOH HOH A . 
H 6 HOH 7   307 51  HOH HOH A . 
H 6 HOH 8   308 14  HOH HOH A . 
H 6 HOH 9   309 73  HOH HOH A . 
H 6 HOH 10  310 24  HOH HOH A . 
H 6 HOH 11  311 25  HOH HOH A . 
H 6 HOH 12  312 90  HOH HOH A . 
H 6 HOH 13  313 52  HOH HOH A . 
H 6 HOH 14  314 54  HOH HOH A . 
H 6 HOH 15  315 17  HOH HOH A . 
H 6 HOH 16  316 67  HOH HOH A . 
H 6 HOH 17  317 26  HOH HOH A . 
H 6 HOH 18  318 39  HOH HOH A . 
H 6 HOH 19  319 81  HOH HOH A . 
H 6 HOH 20  320 37  HOH HOH A . 
H 6 HOH 21  321 30  HOH HOH A . 
H 6 HOH 22  322 8   HOH HOH A . 
H 6 HOH 23  323 66  HOH HOH A . 
H 6 HOH 24  324 74  HOH HOH A . 
H 6 HOH 25  325 92  HOH HOH A . 
H 6 HOH 26  326 100 HOH HOH A . 
H 6 HOH 27  327 33  HOH HOH A . 
H 6 HOH 28  328 97  HOH HOH A . 
H 6 HOH 29  329 12  HOH HOH A . 
H 6 HOH 30  330 41  HOH HOH A . 
H 6 HOH 31  331 1   HOH HOH A . 
H 6 HOH 32  332 77  HOH HOH A . 
H 6 HOH 33  333 18  HOH HOH A . 
H 6 HOH 34  334 38  HOH HOH A . 
H 6 HOH 35  335 70  HOH HOH A . 
H 6 HOH 36  336 62  HOH HOH A . 
H 6 HOH 37  337 50  HOH HOH A . 
H 6 HOH 38  338 3   HOH HOH A . 
H 6 HOH 39  339 23  HOH HOH A . 
H 6 HOH 40  340 19  HOH HOH A . 
H 6 HOH 41  341 69  HOH HOH A . 
H 6 HOH 42  342 22  HOH HOH A . 
H 6 HOH 43  343 68  HOH HOH A . 
H 6 HOH 44  344 86  HOH HOH A . 
H 6 HOH 45  345 20  HOH HOH A . 
H 6 HOH 46  346 4   HOH HOH A . 
H 6 HOH 47  347 46  HOH HOH A . 
H 6 HOH 48  348 16  HOH HOH A . 
H 6 HOH 49  349 13  HOH HOH A . 
H 6 HOH 50  350 5   HOH HOH A . 
H 6 HOH 51  351 2   HOH HOH A . 
H 6 HOH 52  352 55  HOH HOH A . 
H 6 HOH 53  353 59  HOH HOH A . 
H 6 HOH 54  354 7   HOH HOH A . 
H 6 HOH 55  355 44  HOH HOH A . 
H 6 HOH 56  356 15  HOH HOH A . 
H 6 HOH 57  357 71  HOH HOH A . 
H 6 HOH 58  358 10  HOH HOH A . 
H 6 HOH 59  359 34  HOH HOH A . 
H 6 HOH 60  360 60  HOH HOH A . 
H 6 HOH 61  361 40  HOH HOH A . 
H 6 HOH 62  362 102 HOH HOH A . 
H 6 HOH 63  363 84  HOH HOH A . 
H 6 HOH 64  364 21  HOH HOH A . 
H 6 HOH 65  365 43  HOH HOH A . 
H 6 HOH 66  366 11  HOH HOH A . 
H 6 HOH 67  367 49  HOH HOH A . 
H 6 HOH 68  368 63  HOH HOH A . 
H 6 HOH 69  369 58  HOH HOH A . 
H 6 HOH 70  370 6   HOH HOH A . 
H 6 HOH 71  371 28  HOH HOH A . 
H 6 HOH 72  372 47  HOH HOH A . 
H 6 HOH 73  373 103 HOH HOH A . 
H 6 HOH 74  374 89  HOH HOH A . 
H 6 HOH 75  375 57  HOH HOH A . 
H 6 HOH 76  376 42  HOH HOH A . 
H 6 HOH 77  377 85  HOH HOH A . 
H 6 HOH 78  378 105 HOH HOH A . 
H 6 HOH 79  379 36  HOH HOH A . 
H 6 HOH 80  380 104 HOH HOH A . 
H 6 HOH 81  381 32  HOH HOH A . 
H 6 HOH 82  382 87  HOH HOH A . 
H 6 HOH 83  383 72  HOH HOH A . 
H 6 HOH 84  384 48  HOH HOH A . 
H 6 HOH 85  385 9   HOH HOH A . 
H 6 HOH 86  386 76  HOH HOH A . 
H 6 HOH 87  387 61  HOH HOH A . 
H 6 HOH 88  388 82  HOH HOH A . 
H 6 HOH 89  389 29  HOH HOH A . 
H 6 HOH 90  390 65  HOH HOH A . 
H 6 HOH 91  391 98  HOH HOH A . 
H 6 HOH 92  392 75  HOH HOH A . 
H 6 HOH 93  393 96  HOH HOH A . 
H 6 HOH 94  394 78  HOH HOH A . 
H 6 HOH 95  395 94  HOH HOH A . 
H 6 HOH 96  396 31  HOH HOH A . 
H 6 HOH 97  397 91  HOH HOH A . 
H 6 HOH 98  398 88  HOH HOH A . 
H 6 HOH 99  399 83  HOH HOH A . 
H 6 HOH 100 400 101 HOH HOH A . 
H 6 HOH 101 401 45  HOH HOH A . 
H 6 HOH 102 402 79  HOH HOH A . 
H 6 HOH 103 403 93  HOH HOH A . 
H 6 HOH 104 404 95  HOH HOH A . 
H 6 HOH 105 405 80  HOH HOH A . 
# 
loop_
_software.pdbx_ordinal 
_software.name 
_software.version 
_software.date 
_software.type 
_software.contact_author 
_software.contact_author_email 
_software.classification 
_software.location 
_software.language 
_software.citation_id 
1 XSCALE      .        ?               package 'Wolfgang Kabsch'    ?                        'data scaling'    
http://www.mpimf-heidelberg.mpg.de/~kabsch/xds/html_doc/xscale_program.html ?          ? 
2 REFMAC      5.7.0025 ?               program 'Garib N. Murshudov' garib@ysbl.york.ac.uk    refinement        
http://www.ccp4.ac.uk/dist/html/refmac5.html                                Fortran_77 ? 
3 PDB_EXTRACT 3.27     'Oct. 31, 2020' package PDB                  deposit@deposit.rcsb.org 'data extraction' 
http://sw-tools.pdb.org/apps/PDB_EXTRACT/                                   C++        ? 
4 XDS         .        ?               ?       ?                    ?                        'data reduction'  ? ?          ? 
5 PHASER      .        ?               ?       ?                    ?                        phasing           ? ?          ? 
# 
_cell.entry_id           7G07 
_cell.length_a           33.024 
_cell.length_b           54.276 
_cell.length_c           75.060 
_cell.angle_alpha        90.000 
_cell.angle_beta         90.000 
_cell.angle_gamma        90.000 
_cell.Z_PDB              4 
_cell.pdbx_unique_axis   ? 
# 
_symmetry.entry_id                         7G07 
_symmetry.space_group_name_H-M             'P 21 21 21' 
_symmetry.pdbx_full_space_group_name_H-M   ? 
_symmetry.cell_setting                     ? 
_symmetry.Int_Tables_number                19 
# 
_exptl.crystals_number   1 
_exptl.entry_id          7G07 
_exptl.method            'X-RAY DIFFRACTION' 
# 
_exptl_crystal.id                    1 
_exptl_crystal.density_meas          ? 
_exptl_crystal.density_Matthews      2.24 
_exptl_crystal.density_percent_sol   45.06 
_exptl_crystal.description           ? 
_exptl_crystal.preparation           ? 
# 
_exptl_crystal_grow.crystal_id      1 
_exptl_crystal_grow.method          'VAPOR DIFFUSION, SITTING DROP' 
_exptl_crystal_grow.pH              7.0 
_exptl_crystal_grow.temp            293 
_exptl_crystal_grow.pdbx_details    'protein in 25mM Tris/HCl pH 7.5 100mM NaCl, see also PMID 27658368' 
_exptl_crystal_grow.temp_details    ? 
_exptl_crystal_grow.pdbx_pH_range   ? 
# 
_diffrn.id                               1 
_diffrn.crystal_id                       1 
_diffrn.ambient_temp                     100 
_diffrn.ambient_temp_details             ? 
_diffrn.pdbx_serial_crystal_experiment   ? 
# 
_diffrn_detector.diffrn_id              1 
_diffrn_detector.detector               PIXEL 
_diffrn_detector.type                   'PSI PILATUS 6M' 
_diffrn_detector.pdbx_collection_date   2012-06-04 
_diffrn_detector.details                ? 
# 
_diffrn_radiation.diffrn_id                        1 
_diffrn_radiation.pdbx_diffrn_protocol             'SINGLE WAVELENGTH' 
_diffrn_radiation.monochromator                    ? 
_diffrn_radiation.pdbx_monochromatic_or_laue_m_l   M 
_diffrn_radiation.wavelength_id                    1 
_diffrn_radiation.pdbx_scattering_type             x-ray 
# 
_diffrn_radiation_wavelength.id           1 
_diffrn_radiation_wavelength.wavelength   0.700010 
_diffrn_radiation_wavelength.wt           1.0 
# 
_diffrn_source.diffrn_id                   1 
_diffrn_source.source                      SYNCHROTRON 
_diffrn_source.type                        'SLS BEAMLINE X10SA' 
_diffrn_source.pdbx_wavelength_list        0.700010 
_diffrn_source.pdbx_synchrotron_site       SLS 
_diffrn_source.pdbx_synchrotron_beamline   X10SA 
_diffrn_source.pdbx_wavelength             ? 
# 
_reflns.entry_id                     7G07 
_reflns.pdbx_diffrn_id               1 
_reflns.pdbx_ordinal                 1 
_reflns.observed_criterion_sigma_I   ? 
_reflns.observed_criterion_sigma_F   ? 
_reflns.d_resolution_low             30.87 
_reflns.d_resolution_high            1.610 
_reflns.number_obs                   18144 
_reflns.number_all                   ? 
_reflns.percent_possible_obs         99.800 
_reflns.pdbx_Rmerge_I_obs            0.072 
_reflns.pdbx_Rsym_value              0.072 
_reflns.pdbx_netI_over_sigmaI        13.080 
_reflns.B_iso_Wilson_estimate        29.333 
_reflns.pdbx_redundancy              6.190 
_reflns.pdbx_Rrim_I_all              0.082 
_reflns.pdbx_Rpim_I_all              ? 
_reflns.pdbx_CC_half                 0.999 
_reflns.pdbx_netI_over_av_sigmaI     ? 
_reflns.pdbx_number_measured_all     111481 
_reflns.pdbx_scaling_rejects         18 
_reflns.pdbx_chi_squared             0.834 
_reflns.Rmerge_F_all                 ? 
_reflns.Rmerge_F_obs                 ? 
_reflns.observed_criterion_F_max     ? 
_reflns.observed_criterion_F_min     ? 
_reflns.observed_criterion_I_max     ? 
_reflns.observed_criterion_I_min     ? 
_reflns.pdbx_d_res_high_opt          ? 
_reflns.pdbx_d_res_low_opt           ? 
_reflns.details                      ? 
# 
loop_
_reflns_shell.pdbx_diffrn_id 
_reflns_shell.pdbx_ordinal 
_reflns_shell.d_res_high 
_reflns_shell.d_res_low 
_reflns_shell.number_measured_obs 
_reflns_shell.number_measured_all 
_reflns_shell.number_unique_obs 
_reflns_shell.pdbx_rejects 
_reflns_shell.Rmerge_I_obs 
_reflns_shell.meanI_over_sigI_obs 
_reflns_shell.pdbx_Rsym_value 
_reflns_shell.pdbx_chi_squared 
_reflns_shell.pdbx_redundancy 
_reflns_shell.percent_possible_obs 
_reflns_shell.pdbx_netI_over_sigmaI_obs 
_reflns_shell.number_possible 
_reflns_shell.number_unique_all 
_reflns_shell.Rmerge_F_all 
_reflns_shell.Rmerge_F_obs 
_reflns_shell.Rmerge_I_all 
_reflns_shell.meanI_over_sigI_all 
_reflns_shell.percent_possible_all 
_reflns_shell.pdbx_Rrim_I_all 
_reflns_shell.pdbx_Rpim_I_all 
_reflns_shell.pdbx_CC_half 
1 1  1.610 1.650  7974 ? 1329 ? 1.447 1.390  ? ? 6.000 ? ? 1333 ? ? ? ? ? 99.700 1.583 ? 0.593 
1 2  1.650 1.700  7761 ? 1277 ? 1.230 1.720  ? ? 6.078 ? ? 1279 ? ? ? ? ? 99.800 1.345 ? 0.695 
1 3  1.700 1.750  7570 ? 1252 ? 0.930 2.280  ? ? 6.046 ? ? 1258 ? ? ? ? ? 99.500 1.018 ? 0.736 
1 4  1.750 1.800  7196 ? 1183 ? 0.746 2.850  ? ? 6.083 ? ? 1185 ? ? ? ? ? 99.800 0.815 ? 0.847 
1 5  1.800 1.860  7065 ? 1196 ? 0.551 3.870  ? ? 5.907 ? ? 1200 ? ? ? ? ? 99.700 0.605 ? 0.894 
1 6  1.860 1.920  6633 ? 1138 ? 0.380 5.430  ? ? 5.829 ? ? 1143 ? ? ? ? ? 99.600 0.418 ? 0.961 
1 7  1.920 2.000  6729 ? 1091 ? 0.262 8.000  ? ? 6.168 ? ? 1097 ? ? ? ? ? 99.500 0.286 ? 0.977 
1 8  2.000 2.080  6887 ? 1056 ? 0.223 9.480  ? ? 6.522 ? ? 1059 ? ? ? ? ? 99.700 0.242 ? 0.982 
1 9  2.080 2.170  6699 ? 1029 ? 0.168 11.980 ? ? 6.510 ? ? 1033 ? ? ? ? ? 99.600 0.182 ? 0.989 
1 10 2.170 2.280  6313 ? 984  ? 0.127 14.840 ? ? 6.416 ? ? 985  ? ? ? ? ? 99.900 0.138 ? 0.994 
1 11 2.280 2.400  5777 ? 918  ? 0.114 16.430 ? ? 6.293 ? ? 919  ? ? ? ? ? 99.900 0.125 ? 0.993 
1 12 2.400 2.550  5419 ? 900  ? 0.097 18.100 ? ? 6.021 ? ? 901  ? ? ? ? ? 99.900 0.106 ? 0.994 
1 13 2.550 2.720  5453 ? 838  ? 0.073 23.570 ? ? 6.507 ? ? 839  ? ? ? ? ? 99.900 0.079 ? 0.997 
1 14 2.720 2.940  5156 ? 780  ? 0.060 27.730 ? ? 6.610 ? ? 783  ? ? ? ? ? 99.600 0.065 ? 0.998 
1 15 2.940 3.220  4647 ? 725  ? 0.049 31.740 ? ? 6.410 ? ? 726  ? ? ? ? ? 99.900 0.054 ? 0.998 
1 16 3.220 3.600  3858 ? 664  ? 0.040 37.670 ? ? 5.810 ? ? 667  ? ? ? ? ? 99.600 0.044 ? 0.999 
1 17 3.600 4.160  3583 ? 589  ? 0.034 42.360 ? ? 6.083 ? ? 593  ? ? ? ? ? 99.300 0.037 ? 0.999 
1 18 4.160 5.090  3199 ? 509  ? 0.029 46.820 ? ? 6.285 ? ? 511  ? ? ? ? ? 99.600 0.032 ? 0.999 
1 19 5.090 7.200  2267 ? 411  ? 0.030 43.460 ? ? 5.516 ? ? 412  ? ? ? ? ? 99.800 0.033 ? 0.999 
1 20 7.200 30.890 1295 ? 244  ? 0.025 44.040 ? ? 5.307 ? ? 257  ? ? ? ? ? 94.900 0.028 ? 0.999 
# 
_refine.entry_id                                 7G07 
_refine.pdbx_refine_id                           'X-RAY DIFFRACTION' 
_refine.ls_d_res_high                            1.6100 
_refine.ls_d_res_low                             30.8900 
_refine.pdbx_ls_sigma_F                          0.000 
_refine.pdbx_data_cutoff_high_absF               ? 
_refine.pdbx_data_cutoff_low_absF                ? 
_refine.ls_percent_reflns_obs                    95.0400 
_refine.ls_number_reflns_obs                     16332 
_refine.ls_number_reflns_all                     ? 
_refine.pdbx_ls_cross_valid_method               THROUGHOUT 
_refine.ls_matrix_type                           ? 
_refine.pdbx_R_Free_selection_details            RANDOM 
_refine.details                                  
'isomer confirmed as meta-pyrane due to hydrogen bond of water molecule to pyrane oxygen' 
_refine.ls_R_factor_all                          ? 
_refine.ls_R_factor_obs                          0.1947 
_refine.ls_R_factor_R_work                       0.1928 
_refine.ls_wR_factor_R_work                      ? 
_refine.ls_R_factor_R_free                       0.2295 
_refine.ls_wR_factor_R_free                      ? 
_refine.ls_percent_reflns_R_free                 5.2000 
_refine.ls_number_reflns_R_free                  898 
_refine.ls_number_reflns_R_work                  ? 
_refine.ls_R_factor_R_free_error                 ? 
_refine.B_iso_mean                               24.0510 
_refine.solvent_model_param_bsol                 ? 
_refine.solvent_model_param_ksol                 ? 
_refine.pdbx_isotropic_thermal_model             ? 
_refine.aniso_B[1][1]                            1.4400 
_refine.aniso_B[2][2]                            -0.5800 
_refine.aniso_B[3][3]                            -0.8600 
_refine.aniso_B[1][2]                            0.0000 
_refine.aniso_B[1][3]                            0.0000 
_refine.aniso_B[2][3]                            0.0000 
_refine.correlation_coeff_Fo_to_Fc               0.9640 
_refine.correlation_coeff_Fo_to_Fc_free          0.9460 
_refine.overall_SU_R_Cruickshank_DPI             ? 
_refine.pdbx_overall_SU_R_free_Cruickshank_DPI   ? 
_refine.pdbx_overall_SU_R_Blow_DPI               ? 
_refine.pdbx_overall_SU_R_free_Blow_DPI          ? 
_refine.overall_SU_R_free                        ? 
_refine.pdbx_overall_ESU_R                       0.1080 
_refine.pdbx_overall_ESU_R_Free                  0.1070 
_refine.overall_SU_ML                            0.0770 
_refine.overall_SU_B                             2.2960 
_refine.solvent_model_details                    MASK 
_refine.pdbx_solvent_vdw_probe_radii             1.2000 
_refine.pdbx_solvent_ion_probe_radii             0.8000 
_refine.pdbx_solvent_shrinkage_radii             0.8000 
_refine.ls_number_parameters                     ? 
_refine.ls_number_restraints                     ? 
_refine.pdbx_starting_model                      'inhouse model' 
_refine.pdbx_method_to_determine_struct          'MOLECULAR REPLACEMENT' 
_refine.pdbx_stereochemistry_target_values       'MAXIMUM LIKELIHOOD' 
_refine.pdbx_stereochem_target_val_spec_case     ? 
_refine.overall_FOM_work_R_set                   ? 
_refine.B_iso_max                                62.670 
_refine.B_iso_min                                12.650 
_refine.pdbx_overall_phase_error                 ? 
_refine.occupancy_max                            ? 
_refine.occupancy_min                            ? 
_refine.pdbx_diffrn_id                           1 
_refine.pdbx_TLS_residual_ADP_flag               ? 
_refine.pdbx_ls_sigma_I                          ? 
_refine.pdbx_data_cutoff_high_rms_absF           ? 
_refine.ls_R_factor_R_free_error_details         ? 
# 
_refine_hist.cycle_id                         final 
_refine_hist.pdbx_refine_id                   'X-RAY DIFFRACTION' 
_refine_hist.d_res_high                       1.6100 
_refine_hist.d_res_low                        30.8900 
_refine_hist.pdbx_number_atoms_ligand         50 
_refine_hist.number_atoms_solvent             105 
_refine_hist.number_atoms_total               1201 
_refine_hist.pdbx_number_residues_total       134 
_refine_hist.pdbx_B_iso_mean_ligand           32.11 
_refine_hist.pdbx_B_iso_mean_solvent          33.20 
_refine_hist.pdbx_number_atoms_protein        1046 
_refine_hist.pdbx_number_atoms_nucleic_acid   0 
# 
loop_
_refine_ls_restr.pdbx_refine_id 
_refine_ls_restr.type 
_refine_ls_restr.number 
_refine_ls_restr.dev_ideal 
_refine_ls_restr.dev_ideal_target 
_refine_ls_restr.weight 
_refine_ls_restr.pdbx_restraint_function 
'X-RAY DIFFRACTION' r_bond_refined_d       1187 0.017  0.019  ? ? 
'X-RAY DIFFRACTION' r_angle_refined_deg    1609 1.926  1.998  ? ? 
'X-RAY DIFFRACTION' r_dihedral_angle_1_deg 153  5.912  5.000  ? ? 
'X-RAY DIFFRACTION' r_dihedral_angle_2_deg 49   30.338 25.102 ? ? 
'X-RAY DIFFRACTION' r_dihedral_angle_3_deg 230  17.372 15.000 ? ? 
'X-RAY DIFFRACTION' r_dihedral_angle_4_deg 6    18.551 15.000 ? ? 
'X-RAY DIFFRACTION' r_chiral_restr         181  0.136  0.200  ? ? 
'X-RAY DIFFRACTION' r_gen_planes_refined   870  0.008  0.020  ? ? 
# 
_refine_ls_shell.d_res_high                       1.6100 
_refine_ls_shell.d_res_low                        1.6520 
_refine_ls_shell.pdbx_total_number_of_bins_used   20 
_refine_ls_shell.percent_reflns_obs               86.7600 
_refine_ls_shell.number_reflns_R_work             1091 
_refine_ls_shell.R_factor_all                     ? 
_refine_ls_shell.R_factor_R_work                  0.3880 
_refine_ls_shell.R_factor_R_free                  0.4610 
_refine_ls_shell.percent_reflns_R_free            ? 
_refine_ls_shell.number_reflns_R_free             62 
_refine_ls_shell.R_factor_R_free_error            0.0000 
_refine_ls_shell.number_reflns_all                1153 
_refine_ls_shell.number_reflns_obs                ? 
_refine_ls_shell.pdbx_refine_id                   'X-RAY DIFFRACTION' 
# 
_struct.entry_id                  7G07 
_struct.title                     
;Crystal Structure of human FABP4 in complex with 4-[[3-(3-cyclopropyl-1,2,4-oxadiazol-5-yl)-4,5,6,7-tetrahydro-1-benzothiophen-2-yl]carbamoyl]-3,6-dihydro-2H-pyran-5-carboxylic acid, i.e. SMILES S1C(=C(C2=NC(=NO2)C2CC2)C2=C1CCCC2)NC(=O)C1=C(COCC1)C(=O)O with IC50=0.0174352 microM
;
_struct.pdbx_model_details        ? 
_struct.pdbx_CASP_flag            ? 
_struct.pdbx_model_type_details   ? 
# 
_struct_keywords.entry_id        7G07 
_struct_keywords.text            
'LIPID BINDING PROTEIN, FATTY ACID BINDING PROTEIN, CYTOPLASM, LIPID-BINDING, TRANSPORT, PROTEIN BINDING' 
_struct_keywords.pdbx_keywords   'LIPID BINDING PROTEIN' 
# 
loop_
_struct_asym.id 
_struct_asym.pdbx_blank_PDB_chainid_flag 
_struct_asym.pdbx_modified 
_struct_asym.entity_id 
_struct_asym.details 
A N N 1 ? 
B N N 2 ? 
C N N 3 ? 
D N N 4 ? 
E N N 3 ? 
F N N 5 ? 
G N N 5 ? 
H N N 6 ? 
# 
_struct_ref.id                         1 
_struct_ref.db_name                    UNP 
_struct_ref.db_code                    FABP4_HUMAN 
_struct_ref.pdbx_db_accession          P15090 
_struct_ref.pdbx_db_isoform            ? 
_struct_ref.entity_id                  1 
_struct_ref.pdbx_seq_one_letter_code   
;MCDAFVGTWKLVSSENFDDYMKEVGVGFATRKVAGMAKPNMIISVNGDVITIKSESTFKNTEISFILGQEFDEVTADDRK
VKSTITLDGGVLVHVQKWDGKSTTIKRKREDDKLVVECVMKGVTSTRVYERA
;
_struct_ref.pdbx_align_begin           1 
# 
_struct_ref_seq.align_id                      1 
_struct_ref_seq.ref_id                        1 
_struct_ref_seq.pdbx_PDB_id_code              7G07 
_struct_ref_seq.pdbx_strand_id                A 
_struct_ref_seq.seq_align_beg                 4 
_struct_ref_seq.pdbx_seq_align_beg_ins_code   ? 
_struct_ref_seq.seq_align_end                 135 
_struct_ref_seq.pdbx_seq_align_end_ins_code   ? 
_struct_ref_seq.pdbx_db_accession             P15090 
_struct_ref_seq.db_align_beg                  1 
_struct_ref_seq.pdbx_db_align_beg_ins_code    ? 
_struct_ref_seq.db_align_end                  132 
_struct_ref_seq.pdbx_db_align_end_ins_code    ? 
_struct_ref_seq.pdbx_auth_seq_align_beg       0 
_struct_ref_seq.pdbx_auth_seq_align_end       131 
# 
loop_
_struct_ref_seq_dif.align_id 
_struct_ref_seq_dif.pdbx_pdb_id_code 
_struct_ref_seq_dif.mon_id 
_struct_ref_seq_dif.pdbx_pdb_strand_id 
_struct_ref_seq_dif.seq_num 
_struct_ref_seq_dif.pdbx_pdb_ins_code 
_struct_ref_seq_dif.pdbx_seq_db_name 
_struct_ref_seq_dif.pdbx_seq_db_accession_code 
_struct_ref_seq_dif.db_mon_id 
_struct_ref_seq_dif.pdbx_seq_db_seq_num 
_struct_ref_seq_dif.details 
_struct_ref_seq_dif.pdbx_auth_seq_num 
_struct_ref_seq_dif.pdbx_ordinal 
1 7G07 GLY A 1 ? UNP P15090 ? ? 'expression tag' -3 1 
1 7G07 SER A 2 ? UNP P15090 ? ? 'expression tag' -2 2 
1 7G07 HIS A 3 ? UNP P15090 ? ? 'expression tag' -1 3 
# 
_pdbx_struct_assembly.id                   1 
_pdbx_struct_assembly.details              author_and_software_defined_assembly 
_pdbx_struct_assembly.method_details       PISA 
_pdbx_struct_assembly.oligomeric_details   monomeric 
_pdbx_struct_assembly.oligomeric_count     1 
# 
_pdbx_struct_assembly_gen.assembly_id       1 
_pdbx_struct_assembly_gen.oper_expression   1 
_pdbx_struct_assembly_gen.asym_id_list      A,B,C,D,E,F,G,H 
# 
_pdbx_struct_assembly_auth_evidence.id                     1 
_pdbx_struct_assembly_auth_evidence.assembly_id            1 
_pdbx_struct_assembly_auth_evidence.experimental_support   'gel filtration' 
_pdbx_struct_assembly_auth_evidence.details                'elutes as a monomer' 
# 
_pdbx_struct_oper_list.id                   1 
_pdbx_struct_oper_list.type                 'identity operation' 
_pdbx_struct_oper_list.name                 1_555 
_pdbx_struct_oper_list.symmetry_operation   x,y,z 
_pdbx_struct_oper_list.matrix[1][1]         1.0000000000 
_pdbx_struct_oper_list.matrix[1][2]         0.0000000000 
_pdbx_struct_oper_list.matrix[1][3]         0.0000000000 
_pdbx_struct_oper_list.vector[1]            0.0000000000 
_pdbx_struct_oper_list.matrix[2][1]         0.0000000000 
_pdbx_struct_oper_list.matrix[2][2]         1.0000000000 
_pdbx_struct_oper_list.matrix[2][3]         0.0000000000 
_pdbx_struct_oper_list.vector[2]            0.0000000000 
_pdbx_struct_oper_list.matrix[3][1]         0.0000000000 
_pdbx_struct_oper_list.matrix[3][2]         0.0000000000 
_pdbx_struct_oper_list.matrix[3][3]         1.0000000000 
_pdbx_struct_oper_list.vector[3]            0.0000000000 
# 
loop_
_struct_conf.conf_type_id 
_struct_conf.id 
_struct_conf.pdbx_PDB_helix_id 
_struct_conf.beg_label_comp_id 
_struct_conf.beg_label_asym_id 
_struct_conf.beg_label_seq_id 
_struct_conf.pdbx_beg_PDB_ins_code 
_struct_conf.end_label_comp_id 
_struct_conf.end_label_asym_id 
_struct_conf.end_label_seq_id 
_struct_conf.pdbx_end_PDB_ins_code 
_struct_conf.beg_auth_comp_id 
_struct_conf.beg_auth_asym_id 
_struct_conf.beg_auth_seq_id 
_struct_conf.end_auth_comp_id 
_struct_conf.end_auth_asym_id 
_struct_conf.end_auth_seq_id 
_struct_conf.pdbx_PDB_helix_class 
_struct_conf.details 
_struct_conf.pdbx_PDB_helix_length 
HELX_P HELX_P1 AA1 HIS A 3  ? VAL A 9  ? HIS A -1 VAL A 5  5 ? 7  
HELX_P HELX_P2 AA2 ASN A 19 ? GLY A 28 ? ASN A 15 GLY A 24 1 ? 10 
HELX_P HELX_P3 AA3 GLY A 30 ? ALA A 40 ? GLY A 26 ALA A 36 1 ? 11 
# 
_struct_conf_type.id          HELX_P 
_struct_conf_type.criteria    ? 
_struct_conf_type.reference   ? 
# 
_struct_sheet.id               AA1 
_struct_sheet.type             ? 
_struct_sheet.number_strands   10 
_struct_sheet.details          ? 
# 
loop_
_struct_sheet_order.sheet_id 
_struct_sheet_order.range_id_1 
_struct_sheet_order.range_id_2 
_struct_sheet_order.offset 
_struct_sheet_order.sense 
AA1 1 2  ? anti-parallel 
AA1 2 3  ? anti-parallel 
AA1 3 4  ? anti-parallel 
AA1 4 5  ? anti-parallel 
AA1 5 6  ? anti-parallel 
AA1 6 7  ? anti-parallel 
AA1 7 8  ? anti-parallel 
AA1 8 9  ? anti-parallel 
AA1 9 10 ? anti-parallel 
# 
loop_
_struct_sheet_range.sheet_id 
_struct_sheet_range.id 
_struct_sheet_range.beg_label_comp_id 
_struct_sheet_range.beg_label_asym_id 
_struct_sheet_range.beg_label_seq_id 
_struct_sheet_range.pdbx_beg_PDB_ins_code 
_struct_sheet_range.end_label_comp_id 
_struct_sheet_range.end_label_asym_id 
_struct_sheet_range.end_label_seq_id 
_struct_sheet_range.pdbx_end_PDB_ins_code 
_struct_sheet_range.beg_auth_comp_id 
_struct_sheet_range.beg_auth_asym_id 
_struct_sheet_range.beg_auth_seq_id 
_struct_sheet_range.end_auth_comp_id 
_struct_sheet_range.end_auth_asym_id 
_struct_sheet_range.end_auth_seq_id 
AA1 1  ASN A 63  ? PHE A 68  ? ASN A 59  PHE A 64  
AA1 2  VAL A 52  ? GLU A 58  ? VAL A 48  GLU A 54  
AA1 3  ASN A 43  ? ASN A 49  ? ASN A 39  ASN A 45  
AA1 4  GLY A 10  ? GLU A 18  ? GLY A 6   GLU A 14  
AA1 5  VAL A 126 ? ARG A 134 ? VAL A 122 ARG A 130 
AA1 6  LYS A 116 ? MET A 123 ? LYS A 112 MET A 119 
AA1 7  LYS A 104 ? GLU A 113 ? LYS A 100 GLU A 109 
AA1 8  VAL A 94  ? TRP A 101 ? VAL A 90  TRP A 97  
AA1 9  LYS A 83  ? ASP A 91  ? LYS A 79  ASP A 87  
AA1 10 PHE A 74  ? VAL A 77  ? PHE A 70  VAL A 73  
# 
loop_
_pdbx_struct_sheet_hbond.sheet_id 
_pdbx_struct_sheet_hbond.range_id_1 
_pdbx_struct_sheet_hbond.range_id_2 
_pdbx_struct_sheet_hbond.range_1_label_atom_id 
_pdbx_struct_sheet_hbond.range_1_label_comp_id 
_pdbx_struct_sheet_hbond.range_1_label_asym_id 
_pdbx_struct_sheet_hbond.range_1_label_seq_id 
_pdbx_struct_sheet_hbond.range_1_PDB_ins_code 
_pdbx_struct_sheet_hbond.range_1_auth_atom_id 
_pdbx_struct_sheet_hbond.range_1_auth_comp_id 
_pdbx_struct_sheet_hbond.range_1_auth_asym_id 
_pdbx_struct_sheet_hbond.range_1_auth_seq_id 
_pdbx_struct_sheet_hbond.range_2_label_atom_id 
_pdbx_struct_sheet_hbond.range_2_label_comp_id 
_pdbx_struct_sheet_hbond.range_2_label_asym_id 
_pdbx_struct_sheet_hbond.range_2_label_seq_id 
_pdbx_struct_sheet_hbond.range_2_PDB_ins_code 
_pdbx_struct_sheet_hbond.range_2_auth_atom_id 
_pdbx_struct_sheet_hbond.range_2_auth_comp_id 
_pdbx_struct_sheet_hbond.range_2_auth_asym_id 
_pdbx_struct_sheet_hbond.range_2_auth_seq_id 
AA1 1 2  O THR A 64  ? O THR A 60  N SER A 57  ? N SER A 53  
AA1 2 3  O LYS A 56  ? O LYS A 52  N ILE A 45  ? N ILE A 41  
AA1 3 4  O MET A 44  ? O MET A 40  N TRP A 12  ? N TRP A 8   
AA1 4 5  N VAL A 15  ? N VAL A 11  O VAL A 131 ? O VAL A 127 
AA1 5 6  O ARG A 130 ? O ARG A 126 N VAL A 119 ? N VAL A 115 
AA1 6 7  O VAL A 118 ? O VAL A 114 N LYS A 111 ? N LYS A 107 
AA1 7 8  O LYS A 104 ? O LYS A 100 N TRP A 101 ? N TRP A 97  
AA1 8 9  O VAL A 96  ? O VAL A 92  N THR A 89  ? N THR A 85  
AA1 9 10 O SER A 86  ? O SER A 82  N PHE A 74  ? N PHE A 70  
# 
_pdbx_entry_details.entry_id                   7G07 
_pdbx_entry_details.compound_details           ? 
_pdbx_entry_details.source_details             ? 
_pdbx_entry_details.nonpolymer_details         ? 
_pdbx_entry_details.sequence_details           ? 
_pdbx_entry_details.has_ligand_of_interest     Y 
_pdbx_entry_details.has_protein_modification   N 
# 
loop_
_pdbx_validate_close_contact.id 
_pdbx_validate_close_contact.PDB_model_num 
_pdbx_validate_close_contact.auth_atom_id_1 
_pdbx_validate_close_contact.auth_asym_id_1 
_pdbx_validate_close_contact.auth_comp_id_1 
_pdbx_validate_close_contact.auth_seq_id_1 
_pdbx_validate_close_contact.PDB_ins_code_1 
_pdbx_validate_close_contact.label_alt_id_1 
_pdbx_validate_close_contact.auth_atom_id_2 
_pdbx_validate_close_contact.auth_asym_id_2 
_pdbx_validate_close_contact.auth_comp_id_2 
_pdbx_validate_close_contact.auth_seq_id_2 
_pdbx_validate_close_contact.PDB_ins_code_2 
_pdbx_validate_close_contact.label_alt_id_2 
_pdbx_validate_close_contact.dist 
1 1 O A HOH 307 ? ? O A HOH 396 ? ? 1.70 
2 1 O A HOH 375 ? ? O A HOH 396 ? ? 1.85 
# 
loop_
_pdbx_validate_rmsd_angle.id 
_pdbx_validate_rmsd_angle.PDB_model_num 
_pdbx_validate_rmsd_angle.auth_atom_id_1 
_pdbx_validate_rmsd_angle.auth_asym_id_1 
_pdbx_validate_rmsd_angle.auth_comp_id_1 
_pdbx_validate_rmsd_angle.auth_seq_id_1 
_pdbx_validate_rmsd_angle.PDB_ins_code_1 
_pdbx_validate_rmsd_angle.label_alt_id_1 
_pdbx_validate_rmsd_angle.auth_atom_id_2 
_pdbx_validate_rmsd_angle.auth_asym_id_2 
_pdbx_validate_rmsd_angle.auth_comp_id_2 
_pdbx_validate_rmsd_angle.auth_seq_id_2 
_pdbx_validate_rmsd_angle.PDB_ins_code_2 
_pdbx_validate_rmsd_angle.label_alt_id_2 
_pdbx_validate_rmsd_angle.auth_atom_id_3 
_pdbx_validate_rmsd_angle.auth_asym_id_3 
_pdbx_validate_rmsd_angle.auth_comp_id_3 
_pdbx_validate_rmsd_angle.auth_seq_id_3 
_pdbx_validate_rmsd_angle.PDB_ins_code_3 
_pdbx_validate_rmsd_angle.label_alt_id_3 
_pdbx_validate_rmsd_angle.angle_value 
_pdbx_validate_rmsd_angle.angle_target_value 
_pdbx_validate_rmsd_angle.angle_deviation 
_pdbx_validate_rmsd_angle.angle_standard_deviation 
_pdbx_validate_rmsd_angle.linker_flag 
1 1 CA A LEU 86  ? ? CB A LEU 86  ? ? CG A LEU 86  ? ? 130.81 115.30 15.51 2.30 N 
2 1 CG A MET 119 ? ? SD A MET 119 ? ? CE A MET 119 ? ? 109.81 100.20 9.61  1.60 N 
# 
loop_
_pdbx_validate_torsion.id 
_pdbx_validate_torsion.PDB_model_num 
_pdbx_validate_torsion.auth_comp_id 
_pdbx_validate_torsion.auth_asym_id 
_pdbx_validate_torsion.auth_seq_id 
_pdbx_validate_torsion.PDB_ins_code 
_pdbx_validate_torsion.label_alt_id 
_pdbx_validate_torsion.phi 
_pdbx_validate_torsion.psi 
1 1 ASP A 110 ? ? 53.44 -132.56 
2 1 LYS A 120 ? A 56.79 -119.72 
3 1 LYS A 120 ? B 35.35 63.95   
# 
_pdbx_unobs_or_zero_occ_residues.id               1 
_pdbx_unobs_or_zero_occ_residues.PDB_model_num    1 
_pdbx_unobs_or_zero_occ_residues.polymer_flag     Y 
_pdbx_unobs_or_zero_occ_residues.occupancy_flag   1 
_pdbx_unobs_or_zero_occ_residues.auth_asym_id     A 
_pdbx_unobs_or_zero_occ_residues.auth_comp_id     GLY 
_pdbx_unobs_or_zero_occ_residues.auth_seq_id      -3 
_pdbx_unobs_or_zero_occ_residues.PDB_ins_code     ? 
_pdbx_unobs_or_zero_occ_residues.label_asym_id    A 
_pdbx_unobs_or_zero_occ_residues.label_comp_id    GLY 
_pdbx_unobs_or_zero_occ_residues.label_seq_id     1 
# 
loop_
_chem_comp_atom.comp_id 
_chem_comp_atom.atom_id 
_chem_comp_atom.type_symbol 
_chem_comp_atom.pdbx_aromatic_flag 
_chem_comp_atom.pdbx_stereo_config 
_chem_comp_atom.pdbx_ordinal 
ALA N    N N N 1   
ALA CA   C N S 2   
ALA C    C N N 3   
ALA O    O N N 4   
ALA CB   C N N 5   
ALA OXT  O N N 6   
ALA H    H N N 7   
ALA H2   H N N 8   
ALA HA   H N N 9   
ALA HB1  H N N 10  
ALA HB2  H N N 11  
ALA HB3  H N N 12  
ALA HXT  H N N 13  
ARG N    N N N 14  
ARG CA   C N S 15  
ARG C    C N N 16  
ARG O    O N N 17  
ARG CB   C N N 18  
ARG CG   C N N 19  
ARG CD   C N N 20  
ARG NE   N N N 21  
ARG CZ   C N N 22  
ARG NH1  N N N 23  
ARG NH2  N N N 24  
ARG OXT  O N N 25  
ARG H    H N N 26  
ARG H2   H N N 27  
ARG HA   H N N 28  
ARG HB2  H N N 29  
ARG HB3  H N N 30  
ARG HG2  H N N 31  
ARG HG3  H N N 32  
ARG HD2  H N N 33  
ARG HD3  H N N 34  
ARG HE   H N N 35  
ARG HH11 H N N 36  
ARG HH12 H N N 37  
ARG HH21 H N N 38  
ARG HH22 H N N 39  
ARG HXT  H N N 40  
ASN N    N N N 41  
ASN CA   C N S 42  
ASN C    C N N 43  
ASN O    O N N 44  
ASN CB   C N N 45  
ASN CG   C N N 46  
ASN OD1  O N N 47  
ASN ND2  N N N 48  
ASN OXT  O N N 49  
ASN H    H N N 50  
ASN H2   H N N 51  
ASN HA   H N N 52  
ASN HB2  H N N 53  
ASN HB3  H N N 54  
ASN HD21 H N N 55  
ASN HD22 H N N 56  
ASN HXT  H N N 57  
ASP N    N N N 58  
ASP CA   C N S 59  
ASP C    C N N 60  
ASP O    O N N 61  
ASP CB   C N N 62  
ASP CG   C N N 63  
ASP OD1  O N N 64  
ASP OD2  O N N 65  
ASP OXT  O N N 66  
ASP H    H N N 67  
ASP H2   H N N 68  
ASP HA   H N N 69  
ASP HB2  H N N 70  
ASP HB3  H N N 71  
ASP HD2  H N N 72  
ASP HXT  H N N 73  
CYS N    N N N 74  
CYS CA   C N R 75  
CYS C    C N N 76  
CYS O    O N N 77  
CYS CB   C N N 78  
CYS SG   S N N 79  
CYS OXT  O N N 80  
CYS H    H N N 81  
CYS H2   H N N 82  
CYS HA   H N N 83  
CYS HB2  H N N 84  
CYS HB3  H N N 85  
CYS HG   H N N 86  
CYS HXT  H N N 87  
DMS S    S N N 88  
DMS O    O N N 89  
DMS C1   C N N 90  
DMS C2   C N N 91  
DMS H11  H N N 92  
DMS H12  H N N 93  
DMS H13  H N N 94  
DMS H21  H N N 95  
DMS H22  H N N 96  
DMS H23  H N N 97  
FMT C    C N N 98  
FMT O1   O N N 99  
FMT O2   O N N 100 
FMT H    H N N 101 
FMT HO2  H N N 102 
GLN N    N N N 103 
GLN CA   C N S 104 
GLN C    C N N 105 
GLN O    O N N 106 
GLN CB   C N N 107 
GLN CG   C N N 108 
GLN CD   C N N 109 
GLN OE1  O N N 110 
GLN NE2  N N N 111 
GLN OXT  O N N 112 
GLN H    H N N 113 
GLN H2   H N N 114 
GLN HA   H N N 115 
GLN HB2  H N N 116 
GLN HB3  H N N 117 
GLN HG2  H N N 118 
GLN HG3  H N N 119 
GLN HE21 H N N 120 
GLN HE22 H N N 121 
GLN HXT  H N N 122 
GLU N    N N N 123 
GLU CA   C N S 124 
GLU C    C N N 125 
GLU O    O N N 126 
GLU CB   C N N 127 
GLU CG   C N N 128 
GLU CD   C N N 129 
GLU OE1  O N N 130 
GLU OE2  O N N 131 
GLU OXT  O N N 132 
GLU H    H N N 133 
GLU H2   H N N 134 
GLU HA   H N N 135 
GLU HB2  H N N 136 
GLU HB3  H N N 137 
GLU HG2  H N N 138 
GLU HG3  H N N 139 
GLU HE2  H N N 140 
GLU HXT  H N N 141 
GLY N    N N N 142 
GLY CA   C N N 143 
GLY C    C N N 144 
GLY O    O N N 145 
GLY OXT  O N N 146 
GLY H    H N N 147 
GLY H2   H N N 148 
GLY HA2  H N N 149 
GLY HA3  H N N 150 
GLY HXT  H N N 151 
HIS N    N N N 152 
HIS CA   C N S 153 
HIS C    C N N 154 
HIS O    O N N 155 
HIS CB   C N N 156 
HIS CG   C Y N 157 
HIS ND1  N Y N 158 
HIS CD2  C Y N 159 
HIS CE1  C Y N 160 
HIS NE2  N Y N 161 
HIS OXT  O N N 162 
HIS H    H N N 163 
HIS H2   H N N 164 
HIS HA   H N N 165 
HIS HB2  H N N 166 
HIS HB3  H N N 167 
HIS HD1  H N N 168 
HIS HD2  H N N 169 
HIS HE1  H N N 170 
HIS HE2  H N N 171 
HIS HXT  H N N 172 
HOH O    O N N 173 
HOH H1   H N N 174 
HOH H2   H N N 175 
ILE N    N N N 176 
ILE CA   C N S 177 
ILE C    C N N 178 
ILE O    O N N 179 
ILE CB   C N S 180 
ILE CG1  C N N 181 
ILE CG2  C N N 182 
ILE CD1  C N N 183 
ILE OXT  O N N 184 
ILE H    H N N 185 
ILE H2   H N N 186 
ILE HA   H N N 187 
ILE HB   H N N 188 
ILE HG12 H N N 189 
ILE HG13 H N N 190 
ILE HG21 H N N 191 
ILE HG22 H N N 192 
ILE HG23 H N N 193 
ILE HD11 H N N 194 
ILE HD12 H N N 195 
ILE HD13 H N N 196 
ILE HXT  H N N 197 
LEU N    N N N 198 
LEU CA   C N S 199 
LEU C    C N N 200 
LEU O    O N N 201 
LEU CB   C N N 202 
LEU CG   C N N 203 
LEU CD1  C N N 204 
LEU CD2  C N N 205 
LEU OXT  O N N 206 
LEU H    H N N 207 
LEU H2   H N N 208 
LEU HA   H N N 209 
LEU HB2  H N N 210 
LEU HB3  H N N 211 
LEU HG   H N N 212 
LEU HD11 H N N 213 
LEU HD12 H N N 214 
LEU HD13 H N N 215 
LEU HD21 H N N 216 
LEU HD22 H N N 217 
LEU HD23 H N N 218 
LEU HXT  H N N 219 
LYS N    N N N 220 
LYS CA   C N S 221 
LYS C    C N N 222 
LYS O    O N N 223 
LYS CB   C N N 224 
LYS CG   C N N 225 
LYS CD   C N N 226 
LYS CE   C N N 227 
LYS NZ   N N N 228 
LYS OXT  O N N 229 
LYS H    H N N 230 
LYS H2   H N N 231 
LYS HA   H N N 232 
LYS HB2  H N N 233 
LYS HB3  H N N 234 
LYS HG2  H N N 235 
LYS HG3  H N N 236 
LYS HD2  H N N 237 
LYS HD3  H N N 238 
LYS HE2  H N N 239 
LYS HE3  H N N 240 
LYS HZ1  H N N 241 
LYS HZ2  H N N 242 
LYS HZ3  H N N 243 
LYS HXT  H N N 244 
MET N    N N N 245 
MET CA   C N S 246 
MET C    C N N 247 
MET O    O N N 248 
MET CB   C N N 249 
MET CG   C N N 250 
MET SD   S N N 251 
MET CE   C N N 252 
MET OXT  O N N 253 
MET H    H N N 254 
MET H2   H N N 255 
MET HA   H N N 256 
MET HB2  H N N 257 
MET HB3  H N N 258 
MET HG2  H N N 259 
MET HG3  H N N 260 
MET HE1  H N N 261 
MET HE2  H N N 262 
MET HE3  H N N 263 
MET HXT  H N N 264 
PHE N    N N N 265 
PHE CA   C N S 266 
PHE C    C N N 267 
PHE O    O N N 268 
PHE CB   C N N 269 
PHE CG   C Y N 270 
PHE CD1  C Y N 271 
PHE CD2  C Y N 272 
PHE CE1  C Y N 273 
PHE CE2  C Y N 274 
PHE CZ   C Y N 275 
PHE OXT  O N N 276 
PHE H    H N N 277 
PHE H2   H N N 278 
PHE HA   H N N 279 
PHE HB2  H N N 280 
PHE HB3  H N N 281 
PHE HD1  H N N 282 
PHE HD2  H N N 283 
PHE HE1  H N N 284 
PHE HE2  H N N 285 
PHE HZ   H N N 286 
PHE HXT  H N N 287 
PRO N    N N N 288 
PRO CA   C N S 289 
PRO C    C N N 290 
PRO O    O N N 291 
PRO CB   C N N 292 
PRO CG   C N N 293 
PRO CD   C N N 294 
PRO OXT  O N N 295 
PRO H    H N N 296 
PRO HA   H N N 297 
PRO HB2  H N N 298 
PRO HB3  H N N 299 
PRO HG2  H N N 300 
PRO HG3  H N N 301 
PRO HD2  H N N 302 
PRO HD3  H N N 303 
PRO HXT  H N N 304 
SER N    N N N 305 
SER CA   C N S 306 
SER C    C N N 307 
SER O    O N N 308 
SER CB   C N N 309 
SER OG   O N N 310 
SER OXT  O N N 311 
SER H    H N N 312 
SER H2   H N N 313 
SER HA   H N N 314 
SER HB2  H N N 315 
SER HB3  H N N 316 
SER HG   H N N 317 
SER HXT  H N N 318 
SO4 S    S N N 319 
SO4 O1   O N N 320 
SO4 O2   O N N 321 
SO4 O3   O N N 322 
SO4 O4   O N N 323 
THR N    N N N 324 
THR CA   C N S 325 
THR C    C N N 326 
THR O    O N N 327 
THR CB   C N R 328 
THR OG1  O N N 329 
THR CG2  C N N 330 
THR OXT  O N N 331 
THR H    H N N 332 
THR H2   H N N 333 
THR HA   H N N 334 
THR HB   H N N 335 
THR HG1  H N N 336 
THR HG21 H N N 337 
THR HG22 H N N 338 
THR HG23 H N N 339 
THR HXT  H N N 340 
TRP N    N N N 341 
TRP CA   C N S 342 
TRP C    C N N 343 
TRP O    O N N 344 
TRP CB   C N N 345 
TRP CG   C Y N 346 
TRP CD1  C Y N 347 
TRP CD2  C Y N 348 
TRP NE1  N Y N 349 
TRP CE2  C Y N 350 
TRP CE3  C Y N 351 
TRP CZ2  C Y N 352 
TRP CZ3  C Y N 353 
TRP CH2  C Y N 354 
TRP OXT  O N N 355 
TRP H    H N N 356 
TRP H2   H N N 357 
TRP HA   H N N 358 
TRP HB2  H N N 359 
TRP HB3  H N N 360 
TRP HD1  H N N 361 
TRP HE1  H N N 362 
TRP HE3  H N N 363 
TRP HZ2  H N N 364 
TRP HZ3  H N N 365 
TRP HH2  H N N 366 
TRP HXT  H N N 367 
TYR N    N N N 368 
TYR CA   C N S 369 
TYR C    C N N 370 
TYR O    O N N 371 
TYR CB   C N N 372 
TYR CG   C Y N 373 
TYR CD1  C Y N 374 
TYR CD2  C Y N 375 
TYR CE1  C Y N 376 
TYR CE2  C Y N 377 
TYR CZ   C Y N 378 
TYR OH   O N N 379 
TYR OXT  O N N 380 
TYR H    H N N 381 
TYR H2   H N N 382 
TYR HA   H N N 383 
TYR HB2  H N N 384 
TYR HB3  H N N 385 
TYR HD1  H N N 386 
TYR HD2  H N N 387 
TYR HE1  H N N 388 
TYR HE2  H N N 389 
TYR HH   H N N 390 
TYR HXT  H N N 391 
VAL N    N N N 392 
VAL CA   C N S 393 
VAL C    C N N 394 
VAL O    O N N 395 
VAL CB   C N N 396 
VAL CG1  C N N 397 
VAL CG2  C N N 398 
VAL OXT  O N N 399 
VAL H    H N N 400 
VAL H2   H N N 401 
VAL HA   H N N 402 
VAL HB   H N N 403 
VAL HG11 H N N 404 
VAL HG12 H N N 405 
VAL HG13 H N N 406 
VAL HG21 H N N 407 
VAL HG22 H N N 408 
VAL HG23 H N N 409 
VAL HXT  H N N 410 
WJH C10  C N N 411 
WJH C11  C N N 412 
WJH C13  C Y N 413 
WJH C15  C N N 414 
WJH C16  C N N 415 
WJH C17  C N N 416 
WJH C18  C N N 417 
WJH C19  C N N 418 
WJH C20  C N N 419 
WJH C22  C N N 420 
WJH C23  C N N 421 
WJH C25  C N N 422 
WJH C26  C N N 423 
WJH C27  C N N 424 
WJH S1   S Y N 425 
WJH C2   C Y N 426 
WJH C3   C Y N 427 
WJH N4   N N N 428 
WJH C5   C Y N 429 
WJH N6   N Y N 430 
WJH O7   O Y N 431 
WJH N8   N Y N 432 
WJH C9   C Y N 433 
WJH C12  C N N 434 
WJH C14  C Y N 435 
WJH O21  O N N 436 
WJH O24  O N N 437 
WJH O28  O N N 438 
WJH O29  O N N 439 
WJH H31  H N N 440 
WJH H32  H N N 441 
WJH H33  H N N 442 
WJH H37  H N N 443 
WJH H36  H N N 444 
WJH H38  H N N 445 
WJH H39  H N N 446 
WJH H40  H N N 447 
WJH H41  H N N 448 
WJH H42  H N N 449 
WJH H43  H N N 450 
WJH H44  H N N 451 
WJH H45  H N N 452 
WJH H47  H N N 453 
WJH H46  H N N 454 
WJH H49  H N N 455 
WJH H48  H N N 456 
WJH H30  H N N 457 
WJH H35  H N N 458 
WJH H34  H N N 459 
WJH H50  H N N 460 
# 
loop_
_chem_comp_bond.comp_id 
_chem_comp_bond.atom_id_1 
_chem_comp_bond.atom_id_2 
_chem_comp_bond.value_order 
_chem_comp_bond.pdbx_aromatic_flag 
_chem_comp_bond.pdbx_stereo_config 
_chem_comp_bond.pdbx_ordinal 
ALA N   CA   sing N N 1   
ALA N   H    sing N N 2   
ALA N   H2   sing N N 3   
ALA CA  C    sing N N 4   
ALA CA  CB   sing N N 5   
ALA CA  HA   sing N N 6   
ALA C   O    doub N N 7   
ALA C   OXT  sing N N 8   
ALA CB  HB1  sing N N 9   
ALA CB  HB2  sing N N 10  
ALA CB  HB3  sing N N 11  
ALA OXT HXT  sing N N 12  
ARG N   CA   sing N N 13  
ARG N   H    sing N N 14  
ARG N   H2   sing N N 15  
ARG CA  C    sing N N 16  
ARG CA  CB   sing N N 17  
ARG CA  HA   sing N N 18  
ARG C   O    doub N N 19  
ARG C   OXT  sing N N 20  
ARG CB  CG   sing N N 21  
ARG CB  HB2  sing N N 22  
ARG CB  HB3  sing N N 23  
ARG CG  CD   sing N N 24  
ARG CG  HG2  sing N N 25  
ARG CG  HG3  sing N N 26  
ARG CD  NE   sing N N 27  
ARG CD  HD2  sing N N 28  
ARG CD  HD3  sing N N 29  
ARG NE  CZ   sing N N 30  
ARG NE  HE   sing N N 31  
ARG CZ  NH1  sing N N 32  
ARG CZ  NH2  doub N N 33  
ARG NH1 HH11 sing N N 34  
ARG NH1 HH12 sing N N 35  
ARG NH2 HH21 sing N N 36  
ARG NH2 HH22 sing N N 37  
ARG OXT HXT  sing N N 38  
ASN N   CA   sing N N 39  
ASN N   H    sing N N 40  
ASN N   H2   sing N N 41  
ASN CA  C    sing N N 42  
ASN CA  CB   sing N N 43  
ASN CA  HA   sing N N 44  
ASN C   O    doub N N 45  
ASN C   OXT  sing N N 46  
ASN CB  CG   sing N N 47  
ASN CB  HB2  sing N N 48  
ASN CB  HB3  sing N N 49  
ASN CG  OD1  doub N N 50  
ASN CG  ND2  sing N N 51  
ASN ND2 HD21 sing N N 52  
ASN ND2 HD22 sing N N 53  
ASN OXT HXT  sing N N 54  
ASP N   CA   sing N N 55  
ASP N   H    sing N N 56  
ASP N   H2   sing N N 57  
ASP CA  C    sing N N 58  
ASP CA  CB   sing N N 59  
ASP CA  HA   sing N N 60  
ASP C   O    doub N N 61  
ASP C   OXT  sing N N 62  
ASP CB  CG   sing N N 63  
ASP CB  HB2  sing N N 64  
ASP CB  HB3  sing N N 65  
ASP CG  OD1  doub N N 66  
ASP CG  OD2  sing N N 67  
ASP OD2 HD2  sing N N 68  
ASP OXT HXT  sing N N 69  
CYS N   CA   sing N N 70  
CYS N   H    sing N N 71  
CYS N   H2   sing N N 72  
CYS CA  C    sing N N 73  
CYS CA  CB   sing N N 74  
CYS CA  HA   sing N N 75  
CYS C   O    doub N N 76  
CYS C   OXT  sing N N 77  
CYS CB  SG   sing N N 78  
CYS CB  HB2  sing N N 79  
CYS CB  HB3  sing N N 80  
CYS SG  HG   sing N N 81  
CYS OXT HXT  sing N N 82  
DMS S   O    doub N N 83  
DMS S   C1   sing N N 84  
DMS S   C2   sing N N 85  
DMS C1  H11  sing N N 86  
DMS C1  H12  sing N N 87  
DMS C1  H13  sing N N 88  
DMS C2  H21  sing N N 89  
DMS C2  H22  sing N N 90  
DMS C2  H23  sing N N 91  
FMT C   O1   doub N N 92  
FMT C   O2   sing N N 93  
FMT C   H    sing N N 94  
FMT O2  HO2  sing N N 95  
GLN N   CA   sing N N 96  
GLN N   H    sing N N 97  
GLN N   H2   sing N N 98  
GLN CA  C    sing N N 99  
GLN CA  CB   sing N N 100 
GLN CA  HA   sing N N 101 
GLN C   O    doub N N 102 
GLN C   OXT  sing N N 103 
GLN CB  CG   sing N N 104 
GLN CB  HB2  sing N N 105 
GLN CB  HB3  sing N N 106 
GLN CG  CD   sing N N 107 
GLN CG  HG2  sing N N 108 
GLN CG  HG3  sing N N 109 
GLN CD  OE1  doub N N 110 
GLN CD  NE2  sing N N 111 
GLN NE2 HE21 sing N N 112 
GLN NE2 HE22 sing N N 113 
GLN OXT HXT  sing N N 114 
GLU N   CA   sing N N 115 
GLU N   H    sing N N 116 
GLU N   H2   sing N N 117 
GLU CA  C    sing N N 118 
GLU CA  CB   sing N N 119 
GLU CA  HA   sing N N 120 
GLU C   O    doub N N 121 
GLU C   OXT  sing N N 122 
GLU CB  CG   sing N N 123 
GLU CB  HB2  sing N N 124 
GLU CB  HB3  sing N N 125 
GLU CG  CD   sing N N 126 
GLU CG  HG2  sing N N 127 
GLU CG  HG3  sing N N 128 
GLU CD  OE1  doub N N 129 
GLU CD  OE2  sing N N 130 
GLU OE2 HE2  sing N N 131 
GLU OXT HXT  sing N N 132 
GLY N   CA   sing N N 133 
GLY N   H    sing N N 134 
GLY N   H2   sing N N 135 
GLY CA  C    sing N N 136 
GLY CA  HA2  sing N N 137 
GLY CA  HA3  sing N N 138 
GLY C   O    doub N N 139 
GLY C   OXT  sing N N 140 
GLY OXT HXT  sing N N 141 
HIS N   CA   sing N N 142 
HIS N   H    sing N N 143 
HIS N   H2   sing N N 144 
HIS CA  C    sing N N 145 
HIS CA  CB   sing N N 146 
HIS CA  HA   sing N N 147 
HIS C   O    doub N N 148 
HIS C   OXT  sing N N 149 
HIS CB  CG   sing N N 150 
HIS CB  HB2  sing N N 151 
HIS CB  HB3  sing N N 152 
HIS CG  ND1  sing Y N 153 
HIS CG  CD2  doub Y N 154 
HIS ND1 CE1  doub Y N 155 
HIS ND1 HD1  sing N N 156 
HIS CD2 NE2  sing Y N 157 
HIS CD2 HD2  sing N N 158 
HIS CE1 NE2  sing Y N 159 
HIS CE1 HE1  sing N N 160 
HIS NE2 HE2  sing N N 161 
HIS OXT HXT  sing N N 162 
HOH O   H1   sing N N 163 
HOH O   H2   sing N N 164 
ILE N   CA   sing N N 165 
ILE N   H    sing N N 166 
ILE N   H2   sing N N 167 
ILE CA  C    sing N N 168 
ILE CA  CB   sing N N 169 
ILE CA  HA   sing N N 170 
ILE C   O    doub N N 171 
ILE C   OXT  sing N N 172 
ILE CB  CG1  sing N N 173 
ILE CB  CG2  sing N N 174 
ILE CB  HB   sing N N 175 
ILE CG1 CD1  sing N N 176 
ILE CG1 HG12 sing N N 177 
ILE CG1 HG13 sing N N 178 
ILE CG2 HG21 sing N N 179 
ILE CG2 HG22 sing N N 180 
ILE CG2 HG23 sing N N 181 
ILE CD1 HD11 sing N N 182 
ILE CD1 HD12 sing N N 183 
ILE CD1 HD13 sing N N 184 
ILE OXT HXT  sing N N 185 
LEU N   CA   sing N N 186 
LEU N   H    sing N N 187 
LEU N   H2   sing N N 188 
LEU CA  C    sing N N 189 
LEU CA  CB   sing N N 190 
LEU CA  HA   sing N N 191 
LEU C   O    doub N N 192 
LEU C   OXT  sing N N 193 
LEU CB  CG   sing N N 194 
LEU CB  HB2  sing N N 195 
LEU CB  HB3  sing N N 196 
LEU CG  CD1  sing N N 197 
LEU CG  CD2  sing N N 198 
LEU CG  HG   sing N N 199 
LEU CD1 HD11 sing N N 200 
LEU CD1 HD12 sing N N 201 
LEU CD1 HD13 sing N N 202 
LEU CD2 HD21 sing N N 203 
LEU CD2 HD22 sing N N 204 
LEU CD2 HD23 sing N N 205 
LEU OXT HXT  sing N N 206 
LYS N   CA   sing N N 207 
LYS N   H    sing N N 208 
LYS N   H2   sing N N 209 
LYS CA  C    sing N N 210 
LYS CA  CB   sing N N 211 
LYS CA  HA   sing N N 212 
LYS C   O    doub N N 213 
LYS C   OXT  sing N N 214 
LYS CB  CG   sing N N 215 
LYS CB  HB2  sing N N 216 
LYS CB  HB3  sing N N 217 
LYS CG  CD   sing N N 218 
LYS CG  HG2  sing N N 219 
LYS CG  HG3  sing N N 220 
LYS CD  CE   sing N N 221 
LYS CD  HD2  sing N N 222 
LYS CD  HD3  sing N N 223 
LYS CE  NZ   sing N N 224 
LYS CE  HE2  sing N N 225 
LYS CE  HE3  sing N N 226 
LYS NZ  HZ1  sing N N 227 
LYS NZ  HZ2  sing N N 228 
LYS NZ  HZ3  sing N N 229 
LYS OXT HXT  sing N N 230 
MET N   CA   sing N N 231 
MET N   H    sing N N 232 
MET N   H2   sing N N 233 
MET CA  C    sing N N 234 
MET CA  CB   sing N N 235 
MET CA  HA   sing N N 236 
MET C   O    doub N N 237 
MET C   OXT  sing N N 238 
MET CB  CG   sing N N 239 
MET CB  HB2  sing N N 240 
MET CB  HB3  sing N N 241 
MET CG  SD   sing N N 242 
MET CG  HG2  sing N N 243 
MET CG  HG3  sing N N 244 
MET SD  CE   sing N N 245 
MET CE  HE1  sing N N 246 
MET CE  HE2  sing N N 247 
MET CE  HE3  sing N N 248 
MET OXT HXT  sing N N 249 
PHE N   CA   sing N N 250 
PHE N   H    sing N N 251 
PHE N   H2   sing N N 252 
PHE CA  C    sing N N 253 
PHE CA  CB   sing N N 254 
PHE CA  HA   sing N N 255 
PHE C   O    doub N N 256 
PHE C   OXT  sing N N 257 
PHE CB  CG   sing N N 258 
PHE CB  HB2  sing N N 259 
PHE CB  HB3  sing N N 260 
PHE CG  CD1  doub Y N 261 
PHE CG  CD2  sing Y N 262 
PHE CD1 CE1  sing Y N 263 
PHE CD1 HD1  sing N N 264 
PHE CD2 CE2  doub Y N 265 
PHE CD2 HD2  sing N N 266 
PHE CE1 CZ   doub Y N 267 
PHE CE1 HE1  sing N N 268 
PHE CE2 CZ   sing Y N 269 
PHE CE2 HE2  sing N N 270 
PHE CZ  HZ   sing N N 271 
PHE OXT HXT  sing N N 272 
PRO N   CA   sing N N 273 
PRO N   CD   sing N N 274 
PRO N   H    sing N N 275 
PRO CA  C    sing N N 276 
PRO CA  CB   sing N N 277 
PRO CA  HA   sing N N 278 
PRO C   O    doub N N 279 
PRO C   OXT  sing N N 280 
PRO CB  CG   sing N N 281 
PRO CB  HB2  sing N N 282 
PRO CB  HB3  sing N N 283 
PRO CG  CD   sing N N 284 
PRO CG  HG2  sing N N 285 
PRO CG  HG3  sing N N 286 
PRO CD  HD2  sing N N 287 
PRO CD  HD3  sing N N 288 
PRO OXT HXT  sing N N 289 
SER N   CA   sing N N 290 
SER N   H    sing N N 291 
SER N   H2   sing N N 292 
SER CA  C    sing N N 293 
SER CA  CB   sing N N 294 
SER CA  HA   sing N N 295 
SER C   O    doub N N 296 
SER C   OXT  sing N N 297 
SER CB  OG   sing N N 298 
SER CB  HB2  sing N N 299 
SER CB  HB3  sing N N 300 
SER OG  HG   sing N N 301 
SER OXT HXT  sing N N 302 
SO4 S   O1   doub N N 303 
SO4 S   O2   doub N N 304 
SO4 S   O3   sing N N 305 
SO4 S   O4   sing N N 306 
THR N   CA   sing N N 307 
THR N   H    sing N N 308 
THR N   H2   sing N N 309 
THR CA  C    sing N N 310 
THR CA  CB   sing N N 311 
THR CA  HA   sing N N 312 
THR C   O    doub N N 313 
THR C   OXT  sing N N 314 
THR CB  OG1  sing N N 315 
THR CB  CG2  sing N N 316 
THR CB  HB   sing N N 317 
THR OG1 HG1  sing N N 318 
THR CG2 HG21 sing N N 319 
THR CG2 HG22 sing N N 320 
THR CG2 HG23 sing N N 321 
THR OXT HXT  sing N N 322 
TRP N   CA   sing N N 323 
TRP N   H    sing N N 324 
TRP N   H2   sing N N 325 
TRP CA  C    sing N N 326 
TRP CA  CB   sing N N 327 
TRP CA  HA   sing N N 328 
TRP C   O    doub N N 329 
TRP C   OXT  sing N N 330 
TRP CB  CG   sing N N 331 
TRP CB  HB2  sing N N 332 
TRP CB  HB3  sing N N 333 
TRP CG  CD1  doub Y N 334 
TRP CG  CD2  sing Y N 335 
TRP CD1 NE1  sing Y N 336 
TRP CD1 HD1  sing N N 337 
TRP CD2 CE2  doub Y N 338 
TRP CD2 CE3  sing Y N 339 
TRP NE1 CE2  sing Y N 340 
TRP NE1 HE1  sing N N 341 
TRP CE2 CZ2  sing Y N 342 
TRP CE3 CZ3  doub Y N 343 
TRP CE3 HE3  sing N N 344 
TRP CZ2 CH2  doub Y N 345 
TRP CZ2 HZ2  sing N N 346 
TRP CZ3 CH2  sing Y N 347 
TRP CZ3 HZ3  sing N N 348 
TRP CH2 HH2  sing N N 349 
TRP OXT HXT  sing N N 350 
TYR N   CA   sing N N 351 
TYR N   H    sing N N 352 
TYR N   H2   sing N N 353 
TYR CA  C    sing N N 354 
TYR CA  CB   sing N N 355 
TYR CA  HA   sing N N 356 
TYR C   O    doub N N 357 
TYR C   OXT  sing N N 358 
TYR CB  CG   sing N N 359 
TYR CB  HB2  sing N N 360 
TYR CB  HB3  sing N N 361 
TYR CG  CD1  doub Y N 362 
TYR CG  CD2  sing Y N 363 
TYR CD1 CE1  sing Y N 364 
TYR CD1 HD1  sing N N 365 
TYR CD2 CE2  doub Y N 366 
TYR CD2 HD2  sing N N 367 
TYR CE1 CZ   doub Y N 368 
TYR CE1 HE1  sing N N 369 
TYR CE2 CZ   sing Y N 370 
TYR CE2 HE2  sing N N 371 
TYR CZ  OH   sing N N 372 
TYR OH  HH   sing N N 373 
TYR OXT HXT  sing N N 374 
VAL N   CA   sing N N 375 
VAL N   H    sing N N 376 
VAL N   H2   sing N N 377 
VAL CA  C    sing N N 378 
VAL CA  CB   sing N N 379 
VAL CA  HA   sing N N 380 
VAL C   O    doub N N 381 
VAL C   OXT  sing N N 382 
VAL CB  CG1  sing N N 383 
VAL CB  CG2  sing N N 384 
VAL CB  HB   sing N N 385 
VAL CG1 HG11 sing N N 386 
VAL CG1 HG12 sing N N 387 
VAL CG1 HG13 sing N N 388 
VAL CG2 HG21 sing N N 389 
VAL CG2 HG22 sing N N 390 
VAL CG2 HG23 sing N N 391 
VAL OXT HXT  sing N N 392 
WJH S1  C2   sing Y N 393 
WJH S1  C13  sing Y N 394 
WJH C2  C3   doub Y N 395 
WJH C2  N4   sing N N 396 
WJH C3  C9   sing N N 397 
WJH C3  C14  sing Y N 398 
WJH N4  C19  sing N N 399 
WJH C5  N6   doub Y N 400 
WJH C5  N8   sing Y N 401 
WJH C5  C10  sing N N 402 
WJH N6  O7   sing Y N 403 
WJH O7  C9   sing Y N 404 
WJH N8  C9   doub Y N 405 
WJH C10 C11  sing N N 406 
WJH C10 C12  sing N N 407 
WJH C11 C12  sing N N 408 
WJH C13 C14  doub Y N 409 
WJH C13 C18  sing N N 410 
WJH C14 C15  sing N N 411 
WJH C15 C16  sing N N 412 
WJH C16 C17  sing N N 413 
WJH C17 C18  sing N N 414 
WJH C19 C20  sing N N 415 
WJH C19 O21  doub N N 416 
WJH C20 C22  doub N N 417 
WJH C20 C26  sing N N 418 
WJH C22 C23  sing N N 419 
WJH C22 C27  sing N N 420 
WJH C23 O24  sing N N 421 
WJH O24 C25  sing N N 422 
WJH C25 C26  sing N N 423 
WJH C27 O28  sing N N 424 
WJH C27 O29  doub N N 425 
WJH C10 H31  sing N N 426 
WJH C11 H32  sing N N 427 
WJH C11 H33  sing N N 428 
WJH C15 H37  sing N N 429 
WJH C15 H36  sing N N 430 
WJH C16 H38  sing N N 431 
WJH C16 H39  sing N N 432 
WJH C17 H40  sing N N 433 
WJH C17 H41  sing N N 434 
WJH C18 H42  sing N N 435 
WJH C18 H43  sing N N 436 
WJH C23 H44  sing N N 437 
WJH C23 H45  sing N N 438 
WJH C25 H47  sing N N 439 
WJH C25 H46  sing N N 440 
WJH C26 H49  sing N N 441 
WJH C26 H48  sing N N 442 
WJH N4  H30  sing N N 443 
WJH C12 H35  sing N N 444 
WJH C12 H34  sing N N 445 
WJH O28 H50  sing N N 446 
# 
_pdbx_audit_support.ordinal                1 
_pdbx_audit_support.funding_organization   'F. Hoffmann-La Roche LTD' 
_pdbx_audit_support.grant_number           ? 
_pdbx_audit_support.country                Switzerland 
# 
_pdbx_deposit_group.group_id            G_1002264 
_pdbx_deposit_group.group_description   'A set of fabp crystal structures' 
_pdbx_deposit_group.group_title         'To be published' 
_pdbx_deposit_group.group_type          undefined 
# 
_pdbx_initial_refinement_model.accession_code   ? 
_pdbx_initial_refinement_model.id               1 
_pdbx_initial_refinement_model.entity_id_list   ? 
_pdbx_initial_refinement_model.type             other 
_pdbx_initial_refinement_model.source_name      ? 
_pdbx_initial_refinement_model.details          'inhouse model' 
# 
_atom_sites.entry_id                    7G07 
_atom_sites.fract_transf_matrix[1][1]   -0.00459736 
_atom_sites.fract_transf_matrix[1][2]   -0.02798185 
_atom_sites.fract_transf_matrix[1][3]   -0.01062164 
_atom_sites.fract_transf_matrix[2][1]   -0.00680771 
_atom_sites.fract_transf_matrix[2][2]   0.00704193 
_atom_sites.fract_transf_matrix[2][3]   -0.01560481 
_atom_sites.fract_transf_matrix[3][1]   0.01221377 
_atom_sites.fract_transf_matrix[3][2]   0.00001357 
_atom_sites.fract_transf_matrix[3][3]   -0.00532222 
_atom_sites.fract_transf_vector[1]      0.244240 
_atom_sites.fract_transf_vector[2]      0.180820 
_atom_sites.fract_transf_vector[3]      0.202144 
# 
loop_
_atom_type.symbol 
C 
N 
O 
S 
# 
loop_
_atom_site.group_PDB 
_atom_site.id 
_atom_site.type_symbol 
_atom_site.label_atom_id 
_atom_site.label_alt_id 
_atom_site.label_comp_id 
_atom_site.label_asym_id 
_atom_site.label_entity_id 
_atom_site.label_seq_id 
_atom_site.pdbx_PDB_ins_code 
_atom_site.Cartn_x 
_atom_site.Cartn_y 
_atom_site.Cartn_z 
_atom_site.occupancy 
_atom_site.B_iso_or_equiv 
_atom_site.pdbx_formal_charge 
_atom_site.auth_seq_id 
_atom_site.auth_comp_id 
_atom_site.auth_asym_id 
_atom_site.auth_atom_id 
_atom_site.pdbx_PDB_model_num 
ATOM   1    N N   . SER A 1 2   ? -23.063 1.557   2.113   1.00 40.03 ?  -2  SER A N   1 
ATOM   2    C CA  . SER A 1 2   ? -23.802 1.488   0.847   1.00 41.42 ?  -2  SER A CA  1 
ATOM   3    C C   . SER A 1 2   ? -22.905 0.882   -0.239  1.00 44.83 ?  -2  SER A C   1 
ATOM   4    O O   . SER A 1 2   ? -23.407 0.482   -1.288  1.00 46.51 ?  -2  SER A O   1 
ATOM   5    C CB  . SER A 1 2   ? -24.393 2.855   0.434   1.00 35.60 ?  -2  SER A CB  1 
ATOM   6    O OG  . SER A 1 2   ? -23.398 3.735   -0.072  1.00 43.14 ?  -2  SER A OG  1 
ATOM   7    N N   . HIS A 1 3   ? -21.592 0.789   0.018   1.00 41.44 ?  -1  HIS A N   1 
ATOM   8    C CA  . HIS A 1 3   ? -20.698 0.054   -0.890  1.00 39.92 ?  -1  HIS A CA  1 
ATOM   9    C C   . HIS A 1 3   ? -19.706 -0.880  -0.229  1.00 42.25 ?  -1  HIS A C   1 
ATOM   10   O O   . HIS A 1 3   ? -19.433 -0.806  0.967   1.00 36.73 ?  -1  HIS A O   1 
ATOM   11   C CB  . HIS A 1 3   ? -19.937 0.979   -1.852  1.00 43.71 ?  -1  HIS A CB  1 
ATOM   12   C CG  . HIS A 1 3   ? -20.804 1.610   -2.898  1.00 51.54 ?  -1  HIS A CG  1 
ATOM   13   N ND1 . HIS A 1 3   ? -21.050 1.018   -4.122  1.00 55.29 ?  -1  HIS A ND1 1 
ATOM   14   C CD2 . HIS A 1 3   ? -21.486 2.784   -2.905  1.00 55.79 ?  -1  HIS A CD2 1 
ATOM   15   C CE1 . HIS A 1 3   ? -21.839 1.803   -4.840  1.00 57.67 ?  -1  HIS A CE1 1 
ATOM   16   N NE2 . HIS A 1 3   ? -22.116 2.881   -4.124  1.00 54.68 ?  -1  HIS A NE2 1 
ATOM   17   N N   . MET A 1 4   ? -19.186 -1.765  -1.067  1.00 44.03 ?  0   MET A N   1 
ATOM   18   C CA  . MET A 1 4   ? -18.071 -2.666  -0.801  1.00 49.26 ?  0   MET A CA  1 
ATOM   19   C C   . MET A 1 4   ? -16.945 -2.083  0.051   1.00 42.50 ?  0   MET A C   1 
ATOM   20   O O   . MET A 1 4   ? -16.655 -2.582  1.164   1.00 43.88 ?  0   MET A O   1 
ATOM   21   C CB  . MET A 1 4   ? -17.467 -3.087  -2.163  1.00 60.12 ?  0   MET A CB  1 
ATOM   22   C CG  . MET A 1 4   ? -18.466 -3.346  -3.295  1.00 62.67 ?  0   MET A CG  1 
ATOM   23   S SD  . MET A 1 4   ? -18.551 -2.114  -4.617  1.00 61.47 ?  0   MET A SD  1 
ATOM   24   C CE  . MET A 1 4   ? -18.559 -3.232  -6.010  1.00 56.28 ?  0   MET A CE  1 
ATOM   25   N N   A CYS A 1 5   ? -16.345 -1.008  -0.479  0.50 40.79 ?  1   CYS A N   1 
ATOM   26   N N   B CYS A 1 5   ? -16.306 -1.032  -0.456  0.50 41.38 ?  1   CYS A N   1 
ATOM   27   C CA  A CYS A 1 5   ? -15.196 -0.322  0.116   0.50 35.12 ?  1   CYS A CA  1 
ATOM   28   C CA  B CYS A 1 5   ? -15.134 -0.449  0.186   0.50 35.87 ?  1   CYS A CA  1 
ATOM   29   C C   A CYS A 1 5   ? -15.441 0.293   1.473   0.50 31.16 ?  1   CYS A C   1 
ATOM   30   C C   B CYS A 1 5   ? -15.432 0.296   1.481   0.50 31.79 ?  1   CYS A C   1 
ATOM   31   O O   A CYS A 1 5   ? -14.493 0.731   2.126   0.50 29.14 ?  1   CYS A O   1 
ATOM   32   O O   B CYS A 1 5   ? -14.510 0.824   2.104   0.50 30.15 ?  1   CYS A O   1 
ATOM   33   C CB  A CYS A 1 5   ? -14.687 0.779   -0.815  0.50 37.37 ?  1   CYS A CB  1 
ATOM   34   C CB  B CYS A 1 5   ? -14.470 0.492   -0.798  0.50 38.87 ?  1   CYS A CB  1 
ATOM   35   S SG  A CYS A 1 5   ? -13.315 0.245   -1.843  0.50 35.88 ?  1   CYS A SG  1 
ATOM   36   S SG  B CYS A 1 5   ? -15.733 1.054   -1.939  0.50 39.17 ?  1   CYS A SG  1 
ATOM   37   N N   . ASP A 1 6   ? -16.699 0.326   1.910   1.00 29.02 ?  2   ASP A N   1 
ATOM   38   C CA  . ASP A 1 6   ? -17.051 0.876   3.236   1.00 28.14 ?  2   ASP A CA  1 
ATOM   39   C C   . ASP A 1 6   ? -16.261 0.192   4.363   1.00 27.72 ?  2   ASP A C   1 
ATOM   40   O O   . ASP A 1 6   ? -15.898 0.857   5.317   1.00 26.50 ?  2   ASP A O   1 
ATOM   41   C CB  . ASP A 1 6   ? -18.545 0.711   3.556   1.00 31.05 ?  2   ASP A CB  1 
ATOM   42   C CG  . ASP A 1 6   ? -19.451 1.720   2.826   1.00 33.69 ?  2   ASP A CG  1 
ATOM   43   O OD1 . ASP A 1 6   ? -18.997 2.557   2.006   1.00 33.54 ?  2   ASP A OD1 1 
ATOM   44   O OD2 . ASP A 1 6   ? -20.674 1.629   3.075   1.00 37.83 ?  2   ASP A OD2 1 
ATOM   45   N N   . ALA A 1 7   ? -15.961 -1.106  4.236   1.00 22.22 ?  3   ALA A N   1 
ATOM   46   C CA  . ALA A 1 7   ? -15.253 -1.817  5.302   1.00 23.80 ?  3   ALA A CA  1 
ATOM   47   C C   . ALA A 1 7   ? -13.793 -1.356  5.464   1.00 21.66 ?  3   ALA A C   1 
ATOM   48   O O   . ALA A 1 7   ? -13.151 -1.715  6.461   1.00 19.29 ?  3   ALA A O   1 
ATOM   49   C CB  . ALA A 1 7   ? -15.244 -3.299  5.012   1.00 22.46 ?  3   ALA A CB  1 
ATOM   50   N N   . PHE A 1 8   ? -13.292 -0.622  4.465   1.00 19.14 ?  4   PHE A N   1 
ATOM   51   C CA  . PHE A 1 8   ? -11.879 -0.175  4.450   1.00 17.25 ?  4   PHE A CA  1 
ATOM   52   C C   . PHE A 1 8   ? -11.780 1.263   4.981   1.00 16.40 ?  4   PHE A C   1 
ATOM   53   O O   . PHE A 1 8   ? -10.739 1.738   5.323   1.00 16.48 ?  4   PHE A O   1 
ATOM   54   C CB  . PHE A 1 8   ? -11.313 -0.188  2.997   1.00 16.32 ?  4   PHE A CB  1 
ATOM   55   C CG  . PHE A 1 8   ? -11.038 -1.556  2.465   1.00 17.77 ?  4   PHE A CG  1 
ATOM   56   C CD1 . PHE A 1 8   ? -9.937  -2.278  2.908   1.00 18.64 ?  4   PHE A CD1 1 
ATOM   57   C CD2 . PHE A 1 8   ? -11.925 -2.150  1.583   1.00 20.08 ?  4   PHE A CD2 1 
ATOM   58   C CE1 . PHE A 1 8   ? -9.673  -3.556  2.453   1.00 19.33 ?  4   PHE A CE1 1 
ATOM   59   C CE2 . PHE A 1 8   ? -11.661 -3.459  1.086   1.00 21.88 ?  4   PHE A CE2 1 
ATOM   60   C CZ  . PHE A 1 8   ? -10.536 -4.147  1.552   1.00 20.52 ?  4   PHE A CZ  1 
ATOM   61   N N   . VAL A 1 9   ? -12.877 1.996   4.948   1.00 15.37 ?  5   VAL A N   1 
ATOM   62   C CA  . VAL A 1 9   ? -12.790 3.422   5.196   1.00 16.82 ?  5   VAL A CA  1 
ATOM   63   C C   . VAL A 1 9   ? -12.468 3.733   6.629   1.00 18.62 ?  5   VAL A C   1 
ATOM   64   O O   . VAL A 1 9   ? -12.941 3.033   7.565   1.00 20.40 ?  5   VAL A O   1 
ATOM   65   C CB  . VAL A 1 9   ? -14.113 4.095   4.741   1.00 18.67 ?  5   VAL A CB  1 
ATOM   66   C CG1 . VAL A 1 9   ? -14.254 5.521   5.290   1.00 23.30 ?  5   VAL A CG1 1 
ATOM   67   C CG2 . VAL A 1 9   ? -14.152 4.129   3.199   1.00 20.36 ?  5   VAL A CG2 1 
ATOM   68   N N   . GLY A 1 10  ? -11.636 4.733   6.842   1.00 16.72 ?  6   GLY A N   1 
ATOM   69   C CA  . GLY A 1 10  ? -11.327 5.124   8.231   1.00 17.32 ?  6   GLY A CA  1 
ATOM   70   C C   . GLY A 1 10  ? -9.849  5.395   8.431   1.00 19.14 ?  6   GLY A C   1 
ATOM   71   O O   . GLY A 1 10  ? -9.095  5.504   7.460   1.00 16.74 ?  6   GLY A O   1 
ATOM   72   N N   . THR A 1 11  ? -9.421  5.523   9.676   1.00 17.60 ?  7   THR A N   1 
ATOM   73   C CA  . THR A 1 11  ? -8.023  5.858   9.989   1.00 18.99 ?  7   THR A CA  1 
ATOM   74   C C   . THR A 1 11  ? -7.445  4.622   10.665  1.00 17.62 ?  7   THR A C   1 
ATOM   75   O O   . THR A 1 11  ? -8.067  4.092   11.649  1.00 20.08 ?  7   THR A O   1 
ATOM   76   C CB  . THR A 1 11  ? -7.881  7.066   10.979  1.00 21.34 ?  7   THR A CB  1 
ATOM   77   O OG1 . THR A 1 11  ? -8.319  8.270   10.326  1.00 24.62 ?  7   THR A OG1 1 
ATOM   78   C CG2 . THR A 1 11  ? -6.413  7.321   11.399  1.00 23.11 ?  7   THR A CG2 1 
ATOM   79   N N   . TRP A 1 12  ? -6.272  4.166   10.185  1.00 16.12 ?  8   TRP A N   1 
ATOM   80   C CA  . TRP A 1 12  ? -5.676  2.877   10.613  1.00 15.86 ?  8   TRP A CA  1 
ATOM   81   C C   . TRP A 1 12  ? -4.236  3.118   11.069  1.00 17.44 ?  8   TRP A C   1 
ATOM   82   O O   . TRP A 1 12  ? -3.563  4.009   10.541  1.00 18.04 ?  8   TRP A O   1 
ATOM   83   C CB  . TRP A 1 12  ? -5.667  1.863   9.445   1.00 15.99 ?  8   TRP A CB  1 
ATOM   84   C CG  . TRP A 1 12  ? -7.075  1.529   8.886   1.00 14.68 ?  8   TRP A CG  1 
ATOM   85   C CD1 . TRP A 1 12  ? -7.753  2.213   7.921   1.00 15.59 ?  8   TRP A CD1 1 
ATOM   86   C CD2 . TRP A 1 12  ? -7.930  0.486   9.321   1.00 14.90 ?  8   TRP A CD2 1 
ATOM   87   N NE1 . TRP A 1 12  ? -9.027  1.680   7.724   1.00 16.20 ?  8   TRP A NE1 1 
ATOM   88   C CE2 . TRP A 1 12  ? -9.151  0.578   8.546   1.00 15.87 ?  8   TRP A CE2 1 
ATOM   89   C CE3 . TRP A 1 12  ? -7.799  -0.561  10.269  1.00 15.57 ?  8   TRP A CE3 1 
ATOM   90   C CZ2 . TRP A 1 12  ? -10.212 -0.317  8.702   1.00 15.49 ?  8   TRP A CZ2 1 
ATOM   91   C CZ3 . TRP A 1 12  ? -8.888  -1.497  10.399  1.00 16.25 ?  8   TRP A CZ3 1 
ATOM   92   C CH2 . TRP A 1 12  ? -10.082 -1.329  9.637   1.00 16.35 ?  8   TRP A CH2 1 
ATOM   93   N N   . LYS A 1 13  ? -3.788  2.352   12.066  1.00 16.65 ?  9   LYS A N   1 
ATOM   94   C CA  . LYS A 1 13  ? -2.393  2.527   12.535  1.00 19.30 ?  9   LYS A CA  1 
ATOM   95   C C   . LYS A 1 13  ? -1.637  1.186   12.438  1.00 17.52 ?  9   LYS A C   1 
ATOM   96   O O   . LYS A 1 13  ? -2.197  0.086   12.658  1.00 18.39 ?  9   LYS A O   1 
ATOM   97   C CB  . LYS A 1 13  ? -2.363  3.138   13.952  1.00 21.49 ?  9   LYS A CB  1 
ATOM   98   C CG  . LYS A 1 13  ? -2.877  2.194   15.010  1.00 27.25 ?  9   LYS A CG  1 
ATOM   99   C CD  . LYS A 1 13  ? -2.736  2.790   16.417  1.00 39.61 ?  9   LYS A CD  1 
ATOM   100  C CE  . LYS A 1 13  ? -2.863  1.694   17.461  1.00 42.17 ?  9   LYS A CE  1 
ATOM   101  N NZ  . LYS A 1 13  ? -4.292  1.414   17.725  1.00 43.58 ?  9   LYS A NZ  1 
ATOM   102  N N   . LEU A 1 14  ? -0.370  1.273   12.058  1.00 17.41 ?  10  LEU A N   1 
ATOM   103  C CA  . LEU A 1 14  ? 0.465   0.061   11.889  1.00 17.55 ?  10  LEU A CA  1 
ATOM   104  C C   . LEU A 1 14  ? 0.699   -0.656  13.206  1.00 19.24 ?  10  LEU A C   1 
ATOM   105  O O   . LEU A 1 14  ? 1.117   0.000   14.149  1.00 22.81 ?  10  LEU A O   1 
ATOM   106  C CB  . LEU A 1 14  ? 1.802   0.421   11.258  1.00 17.68 ?  10  LEU A CB  1 
ATOM   107  C CG  . LEU A 1 14  ? 2.697   -0.777  10.901  1.00 20.60 ?  10  LEU A CG  1 
ATOM   108  C CD1 . LEU A 1 14  ? 2.129   -1.568  9.723   1.00 19.16 ?  10  LEU A CD1 1 
ATOM   109  C CD2 . LEU A 1 14  ? 4.112   -0.311  10.546  1.00 20.18 ?  10  LEU A CD2 1 
ATOM   110  N N   . VAL A 1 15  ? 0.432   -1.957  13.299  1.00 19.15 ?  11  VAL A N   1 
ATOM   111  C CA  . VAL A 1 15  ? 0.697   -2.623  14.565  1.00 20.93 ?  11  VAL A CA  1 
ATOM   112  C C   . VAL A 1 15  ? 1.766   -3.717  14.463  1.00 22.56 ?  11  VAL A C   1 
ATOM   113  O O   . VAL A 1 15  ? 2.381   -4.078  15.491  1.00 24.27 ?  11  VAL A O   1 
ATOM   114  C CB  . VAL A 1 15  ? -0.586  -3.117  15.270  1.00 21.76 ?  11  VAL A CB  1 
ATOM   115  C CG1 . VAL A 1 15  ? -1.527  -1.965  15.637  1.00 22.98 ?  11  VAL A CG1 1 
ATOM   116  C CG2 . VAL A 1 15  ? -1.290  -4.189  14.463  1.00 24.75 ?  11  VAL A CG2 1 
ATOM   117  N N   . SER A 1 16  ? 2.000   -4.257  13.264  1.00 21.22 ?  12  SER A N   1 
ATOM   118  C CA  . SER A 1 16  ? 3.075   -5.244  13.072  1.00 20.13 ?  12  SER A CA  1 
ATOM   119  C C   . SER A 1 16  ? 3.544   -5.302  11.640  1.00 19.52 ?  12  SER A C   1 
ATOM   120  O O   . SER A 1 16  ? 2.780   -4.982  10.704  1.00 16.98 ?  12  SER A O   1 
ATOM   121  C CB  . SER A 1 16  ? 2.657   -6.645  13.544  1.00 21.94 ?  12  SER A CB  1 
ATOM   122  O OG  . SER A 1 16  ? 1.705   -7.322  12.711  1.00 24.25 ?  12  SER A OG  1 
ATOM   123  N N   . SER A 1 17  ? 4.784   -5.759  11.469  1.00 18.36 ?  13  SER A N   1 
ATOM   124  C CA  . SER A 1 17  ? 5.381   -5.779  10.112  1.00 17.50 ?  13  SER A CA  1 
ATOM   125  C C   . SER A 1 17  ? 6.318   -7.007  10.072  1.00 18.14 ?  13  SER A C   1 
ATOM   126  O O   . SER A 1 17  ? 7.009   -7.284  11.078  1.00 19.69 ?  13  SER A O   1 
ATOM   127  C CB  . SER A 1 17  ? 6.179   -4.507  9.862   1.00 17.82 ?  13  SER A CB  1 
ATOM   128  O OG  . SER A 1 17  ? 6.738   -4.569  8.591   1.00 19.49 ?  13  SER A OG  1 
ATOM   129  N N   . GLU A 1 18  ? 6.256   -7.799  8.991   1.00 17.15 ?  14  GLU A N   1 
ATOM   130  C CA  A GLU A 1 18  ? 7.080   -8.975  8.822   0.50 18.43 ?  14  GLU A CA  1 
ATOM   131  C CA  B GLU A 1 18  ? 7.141   -8.947  8.827   0.50 18.83 ?  14  GLU A CA  1 
ATOM   132  C C   . GLU A 1 18  ? 7.690   -8.980  7.425   1.00 17.65 ?  14  GLU A C   1 
ATOM   133  O O   . GLU A 1 18  ? 6.964   -8.759  6.442   1.00 17.16 ?  14  GLU A O   1 
ATOM   134  C CB  A GLU A 1 18  ? 6.218   -10.230 9.025   0.50 20.34 ?  14  GLU A CB  1 
ATOM   135  C CB  B GLU A 1 18  ? 6.482   -10.306 9.193   0.50 21.45 ?  14  GLU A CB  1 
ATOM   136  C CG  A GLU A 1 18  ? 7.002   -11.526 9.131   0.50 23.18 ?  14  GLU A CG  1 
ATOM   137  C CG  B GLU A 1 18  ? 6.967   -11.483 8.319   0.50 26.19 ?  14  GLU A CG  1 
ATOM   138  C CD  A GLU A 1 18  ? 6.205   -12.743 8.659   0.50 25.31 ?  14  GLU A CD  1 
ATOM   139  C CD  B GLU A 1 18  ? 7.375   -12.748 9.075   0.50 29.86 ?  14  GLU A CD  1 
ATOM   140  O OE1 A GLU A 1 18  ? 6.839   -13.810 8.499   0.50 30.69 ?  14  GLU A OE1 1 
ATOM   141  O OE1 B GLU A 1 18  ? 6.494   -13.484 9.573   0.50 32.84 ?  14  GLU A OE1 1 
ATOM   142  O OE2 A GLU A 1 18  ? 4.961   -12.641 8.477   0.50 25.05 ?  14  GLU A OE2 1 
ATOM   143  O OE2 B GLU A 1 18  ? 8.584   -13.046 9.130   0.50 29.09 ?  14  GLU A OE2 1 
ATOM   144  N N   . ASN A 1 19  ? 9.007   -9.217  7.375   1.00 16.83 ?  15  ASN A N   1 
ATOM   145  C CA  A ASN A 1 19  ? 9.734   -9.355  6.094   0.50 17.11 ?  15  ASN A CA  1 
ATOM   146  C CA  B ASN A 1 19  ? 9.769   -9.350  6.115   0.50 17.49 ?  15  ASN A CA  1 
ATOM   147  C C   . ASN A 1 19  ? 9.810   -8.068  5.259   1.00 16.73 ?  15  ASN A C   1 
ATOM   148  O O   . ASN A 1 19  ? 10.137  -8.109  4.064   1.00 18.46 ?  15  ASN A O   1 
ATOM   149  C CB  A ASN A 1 19  ? 9.118   -10.483 5.232   0.50 17.15 ?  15  ASN A CB  1 
ATOM   150  C CB  B ASN A 1 19  ? 9.248   -10.566 5.310   0.50 17.78 ?  15  ASN A CB  1 
ATOM   151  C CG  A ASN A 1 19  ? 9.229   -11.851 5.864   0.50 18.93 ?  15  ASN A CG  1 
ATOM   152  C CG  B ASN A 1 19  ? 10.344  -11.280 4.525   0.50 21.02 ?  15  ASN A CG  1 
ATOM   153  O OD1 A ASN A 1 19  ? 10.207  -12.146 6.549   0.50 18.65 ?  15  ASN A OD1 1 
ATOM   154  O OD1 B ASN A 1 19  ? 10.134  -11.711 3.368   0.50 20.60 ?  15  ASN A OD1 1 
ATOM   155  N ND2 A ASN A 1 19  ? 8.228   -12.693 5.622   0.50 19.64 ?  15  ASN A ND2 1 
ATOM   156  N ND2 B ASN A 1 19  ? 11.516  -11.436 5.143   0.50 20.63 ?  15  ASN A ND2 1 
ATOM   157  N N   . PHE A 1 20  ? 9.517   -6.897  5.857   1.00 15.33 ?  16  PHE A N   1 
ATOM   158  C CA  . PHE A 1 20  ? 9.425   -5.661  5.045   1.00 15.03 ?  16  PHE A CA  1 
ATOM   159  C C   . PHE A 1 20  ? 10.801  -5.218  4.509   1.00 15.80 ?  16  PHE A C   1 
ATOM   160  O O   . PHE A 1 20  ? 10.895  -4.777  3.366   1.00 15.07 ?  16  PHE A O   1 
ATOM   161  C CB  . PHE A 1 20  ? 8.720   -4.542  5.861   1.00 15.20 ?  16  PHE A CB  1 
ATOM   162  C CG  . PHE A 1 20  ? 8.454   -3.260  5.087   1.00 15.28 ?  16  PHE A CG  1 
ATOM   163  C CD1 . PHE A 1 20  ? 7.739   -3.256  3.880   1.00 16.24 ?  16  PHE A CD1 1 
ATOM   164  C CD2 . PHE A 1 20  ? 8.843   -2.038  5.622   1.00 15.50 ?  16  PHE A CD2 1 
ATOM   165  C CE1 . PHE A 1 20  ? 7.418   -2.036  3.202   1.00 18.16 ?  16  PHE A CE1 1 
ATOM   166  C CE2 . PHE A 1 20  ? 8.529   -0.831  4.972   1.00 17.04 ?  16  PHE A CE2 1 
ATOM   167  C CZ  . PHE A 1 20  ? 7.854   -0.831  3.756   1.00 16.60 ?  16  PHE A CZ  1 
ATOM   168  N N   . ASP A 1 21  ? 11.879  -5.442  5.277   1.00 15.97 ?  17  ASP A N   1 
ATOM   169  C CA  . ASP A 1 21  ? 13.227  -5.128  4.713   1.00 17.76 ?  17  ASP A CA  1 
ATOM   170  C C   . ASP A 1 21  ? 13.587  -5.923  3.483   1.00 18.03 ?  17  ASP A C   1 
ATOM   171  O O   . ASP A 1 21  ? 14.100  -5.342  2.484   1.00 16.73 ?  17  ASP A O   1 
ATOM   172  C CB  . ASP A 1 21  ? 14.334  -5.245  5.808   1.00 20.71 ?  17  ASP A CB  1 
ATOM   173  C CG  . ASP A 1 21  ? 15.667  -4.630  5.350   1.00 22.07 ?  17  ASP A CG  1 
ATOM   174  O OD1 . ASP A 1 21  ? 15.737  -3.402  5.196   1.00 24.69 ?  17  ASP A OD1 1 
ATOM   175  O OD2 . ASP A 1 21  ? 16.655  -5.358  5.122   1.00 25.63 ?  17  ASP A OD2 1 
ATOM   176  N N   . ASP A 1 22  ? 13.325  -7.242  3.507   1.00 17.16 ?  18  ASP A N   1 
ATOM   177  C CA  . ASP A 1 22  ? 13.543  -8.078  2.324   1.00 20.99 ?  18  ASP A CA  1 
ATOM   178  C C   . ASP A 1 22  ? 12.695  -7.663  1.118   1.00 17.61 ?  18  ASP A C   1 
ATOM   179  O O   . ASP A 1 22  ? 13.204  -7.630  -0.006  1.00 18.24 ?  18  ASP A O   1 
ATOM   180  C CB  . ASP A 1 22  ? 13.263  -9.522  2.658   1.00 24.50 ?  18  ASP A CB  1 
ATOM   181  C CG  . ASP A 1 22  ? 14.414  -10.198 3.374   1.00 32.20 ?  18  ASP A CG  1 
ATOM   182  O OD1 . ASP A 1 22  ? 15.473  -9.567  3.585   1.00 34.96 ?  18  ASP A OD1 1 
ATOM   183  O OD2 . ASP A 1 22  ? 14.261  -11.398 3.712   1.00 40.88 ?  18  ASP A OD2 1 
ATOM   184  N N   . TYR A 1 23  ? 11.403  -7.376  1.328   1.00 16.78 ?  19  TYR A N   1 
ATOM   185  C CA  . TYR A 1 23  ? 10.541  -6.914  0.244   1.00 15.56 ?  19  TYR A CA  1 
ATOM   186  C C   . TYR A 1 23  ? 11.138  -5.617  -0.353  1.00 15.28 ?  19  TYR A C   1 
ATOM   187  O O   . TYR A 1 23  ? 11.244  -5.459  -1.561  1.00 15.47 ?  19  TYR A O   1 
ATOM   188  C CB  . TYR A 1 23  ? 9.106   -6.674  0.781   1.00 14.88 ?  19  TYR A CB  1 
ATOM   189  C CG  . TYR A 1 23  ? 8.236   -5.955  -0.267  1.00 16.33 ?  19  TYR A CG  1 
ATOM   190  C CD1 . TYR A 1 23  ? 7.660   -6.652  -1.342  1.00 16.83 ?  19  TYR A CD1 1 
ATOM   191  C CD2 . TYR A 1 23  ? 8.016   -4.556  -0.163  1.00 16.58 ?  19  TYR A CD2 1 
ATOM   192  C CE1 . TYR A 1 23  ? 6.893   -5.955  -2.300  1.00 15.46 ?  19  TYR A CE1 1 
ATOM   193  C CE2 . TYR A 1 23  ? 7.248   -3.856  -1.134  1.00 15.61 ?  19  TYR A CE2 1 
ATOM   194  C CZ  . TYR A 1 23  ? 6.690   -4.566  -2.166  1.00 14.93 ?  19  TYR A CZ  1 
ATOM   195  O OH  . TYR A 1 23  ? 5.911   -3.832  -3.084  1.00 16.50 ?  19  TYR A OH  1 
ATOM   196  N N   . MET A 1 24  ? 11.535  -4.676  0.481   1.00 14.93 ?  20  MET A N   1 
ATOM   197  C CA  . MET A 1 24  ? 12.150  -3.451  -0.047  1.00 15.44 ?  20  MET A CA  1 
ATOM   198  C C   . MET A 1 24  ? 13.479  -3.727  -0.815  1.00 15.93 ?  20  MET A C   1 
ATOM   199  O O   . MET A 1 24  ? 13.747  -3.077  -1.842  1.00 15.96 ?  20  MET A O   1 
ATOM   200  C CB  . MET A 1 24  ? 12.396  -2.450  1.083   1.00 14.57 ?  20  MET A CB  1 
ATOM   201  C CG  . MET A 1 24  ? 11.090  -1.748  1.564   1.00 15.78 ?  20  MET A CG  1 
ATOM   202  S SD  . MET A 1 24  ? 11.459  -0.352  2.649   1.00 17.73 ?  20  MET A SD  1 
ATOM   203  C CE  . MET A 1 24  ? 12.090  -1.283  4.060   1.00 17.62 ?  20  MET A CE  1 
ATOM   204  N N   . LYS A 1 25  ? 14.310  -4.635  -0.328  1.00 16.10 ?  21  LYS A N   1 
ATOM   205  C CA  . LYS A 1 25  ? 15.528  -5.011  -1.122  1.00 18.04 ?  21  LYS A CA  1 
ATOM   206  C C   . LYS A 1 25  ? 15.124  -5.552  -2.483  1.00 19.81 ?  21  LYS A C   1 
ATOM   207  O O   . LYS A 1 25  ? 15.740  -5.206  -3.492  1.00 21.89 ?  21  LYS A O   1 
ATOM   208  C CB  . LYS A 1 25  ? 16.428  -6.045  -0.442  1.00 19.99 ?  21  LYS A CB  1 
ATOM   209  C CG  . LYS A 1 25  ? 17.151  -5.544  0.808   1.00 19.94 ?  21  LYS A CG  1 
ATOM   210  C CD  . LYS A 1 25  ? 18.077  -6.651  1.301   1.00 23.97 ?  21  LYS A CD  1 
ATOM   211  C CE  . LYS A 1 25  ? 18.797  -6.275  2.573   1.00 29.14 ?  21  LYS A CE  1 
ATOM   212  N NZ  . LYS A 1 25  ? 19.763  -7.347  2.916   1.00 34.76 ?  21  LYS A NZ  1 
ATOM   213  N N   . GLU A 1 26  ? 14.101  -6.404  -2.524  1.00 19.05 ?  22  GLU A N   1 
ATOM   214  C CA  . GLU A 1 26  ? 13.627  -6.948  -3.812  1.00 21.97 ?  22  GLU A CA  1 
ATOM   215  C C   . GLU A 1 26  ? 13.135  -5.860  -4.799  1.00 21.26 ?  22  GLU A C   1 
ATOM   216  O O   . GLU A 1 26  ? 13.407  -5.927  -6.023  1.00 21.07 ?  22  GLU A O   1 
ATOM   217  C CB  . GLU A 1 26  ? 12.580  -8.034  -3.557  1.00 23.45 ?  22  GLU A CB  1 
ATOM   218  C CG  . GLU A 1 26  ? 12.401  -9.088  -4.619  1.00 31.97 ?  22  GLU A CG  1 
ATOM   219  C CD  . GLU A 1 26  ? 13.622  -9.998  -4.750  1.00 36.73 ?  22  GLU A CD  1 
ATOM   220  O OE1 . GLU A 1 26  ? 14.404  -10.141 -3.782  1.00 41.85 ?  22  GLU A OE1 1 
ATOM   221  O OE2 . GLU A 1 26  ? 13.802  -10.554 -5.836  1.00 40.81 ?  22  GLU A OE2 1 
ATOM   222  N N   . VAL A 1 27  ? 12.447  -4.850  -4.274  1.00 20.02 ?  23  VAL A N   1 
ATOM   223  C CA  . VAL A 1 27  ? 11.943  -3.738  -5.053  1.00 20.71 ?  23  VAL A CA  1 
ATOM   224  C C   . VAL A 1 27  ? 13.113  -2.852  -5.558  1.00 21.75 ?  23  VAL A C   1 
ATOM   225  O O   . VAL A 1 27  ? 12.972  -2.197  -6.585  1.00 24.76 ?  23  VAL A O   1 
ATOM   226  C CB  . VAL A 1 27  ? 10.919  -2.927  -4.225  1.00 21.41 ?  23  VAL A CB  1 
ATOM   227  C CG1 . VAL A 1 27  ? 10.595  -1.603  -4.890  1.00 22.61 ?  23  VAL A CG1 1 
ATOM   228  C CG2 . VAL A 1 27  ? 9.646   -3.758  -4.104  1.00 18.30 ?  23  VAL A CG2 1 
ATOM   229  N N   . GLY A 1 28  ? 14.263  -2.888  -4.883  1.00 20.80 ?  24  GLY A N   1 
ATOM   230  C CA  . GLY A 1 28  ? 15.393  -2.046  -5.273  1.00 20.09 ?  24  GLY A CA  1 
ATOM   231  C C   . GLY A 1 28  ? 15.654  -0.830  -4.387  1.00 21.51 ?  24  GLY A C   1 
ATOM   232  O O   . GLY A 1 28  ? 16.413  0.080   -4.765  1.00 22.58 ?  24  GLY A O   1 
ATOM   233  N N   . VAL A 1 29  ? 15.011  -0.756  -3.213  1.00 19.57 ?  25  VAL A N   1 
ATOM   234  C CA  . VAL A 1 29  ? 15.149  0.403   -2.325  1.00 17.41 ?  25  VAL A CA  1 
ATOM   235  C C   . VAL A 1 29  ? 16.568  0.390   -1.698  1.00 18.89 ?  25  VAL A C   1 
ATOM   236  O O   . VAL A 1 29  ? 17.029  -0.681  -1.255  1.00 18.60 ?  25  VAL A O   1 
ATOM   237  C CB  . VAL A 1 29  ? 14.068  0.337   -1.215  1.00 16.49 ?  25  VAL A CB  1 
ATOM   238  C CG1 . VAL A 1 29  ? 14.096  1.572   -0.302  1.00 16.70 ?  25  VAL A CG1 1 
ATOM   239  C CG2 . VAL A 1 29  ? 12.657  0.260   -1.840  1.00 17.97 ?  25  VAL A CG2 1 
ATOM   240  N N   . GLY A 1 30  ? 17.246  1.534   -1.709  1.00 19.04 ?  26  GLY A N   1 
ATOM   241  C CA  . GLY A 1 30  ? 18.627  1.579   -1.131  1.00 22.25 ?  26  GLY A CA  1 
ATOM   242  C C   . GLY A 1 30  ? 18.664  1.661   0.381   1.00 20.81 ?  26  GLY A C   1 
ATOM   243  O O   . GLY A 1 30  ? 17.633  1.872   1.016   1.00 20.27 ?  26  GLY A O   1 
ATOM   244  N N   . PHE A 1 31  ? 19.852  1.448   0.944   1.00 19.05 ?  27  PHE A N   1 
ATOM   245  C CA  . PHE A 1 31  ? 20.027  1.261   2.405   1.00 19.38 ?  27  PHE A CA  1 
ATOM   246  C C   . PHE A 1 31  ? 19.382  2.346   3.292   1.00 16.60 ?  27  PHE A C   1 
ATOM   247  O O   . PHE A 1 31  ? 18.536  1.984   4.193   1.00 18.70 ?  27  PHE A O   1 
ATOM   248  C CB  . PHE A 1 31  ? 21.534  1.112   2.685   1.00 19.06 ?  27  PHE A CB  1 
ATOM   249  C CG  . PHE A 1 31  ? 21.830  0.807   4.101   1.00 20.51 ?  27  PHE A CG  1 
ATOM   250  C CD1 . PHE A 1 31  ? 21.881  -0.503  4.549   1.00 21.01 ?  27  PHE A CD1 1 
ATOM   251  C CD2 . PHE A 1 31  ? 22.065  1.866   4.998   1.00 21.35 ?  27  PHE A CD2 1 
ATOM   252  C CE1 . PHE A 1 31  ? 22.126  -0.759  5.899   1.00 22.08 ?  27  PHE A CE1 1 
ATOM   253  C CE2 . PHE A 1 31  ? 22.313  1.624   6.354   1.00 22.16 ?  27  PHE A CE2 1 
ATOM   254  C CZ  . PHE A 1 31  ? 22.348  0.307   6.800   1.00 21.16 ?  27  PHE A CZ  1 
ATOM   255  N N   . ALA A 1 32  ? 19.699  3.627   3.072   1.00 17.37 ?  28  ALA A N   1 
ATOM   256  C CA  . ALA A 1 32  ? 19.232  4.656   4.012   1.00 17.61 ?  28  ALA A CA  1 
ATOM   257  C C   . ALA A 1 32  ? 17.693  4.756   3.999   1.00 17.41 ?  28  ALA A C   1 
ATOM   258  O O   . ALA A 1 32  ? 17.056  4.833   5.069   1.00 17.57 ?  28  ALA A O   1 
ATOM   259  C CB  . ALA A 1 32  ? 19.895  6.011   3.793   1.00 19.27 ?  28  ALA A CB  1 
ATOM   260  N N   . THR A 1 33  ? 17.108  4.718   2.789   1.00 17.67 ?  29  THR A N   1 
ATOM   261  C CA  . THR A 1 33  ? 15.630  4.706   2.680   1.00 18.44 ?  29  THR A CA  1 
ATOM   262  C C   . THR A 1 33  ? 15.009  3.485   3.386   1.00 18.57 ?  29  THR A C   1 
ATOM   263  O O   . THR A 1 33  ? 14.021  3.637   4.114   1.00 18.14 ?  29  THR A O   1 
ATOM   264  C CB  . THR A 1 33  ? 15.204  4.823   1.191   1.00 18.28 ?  29  THR A CB  1 
ATOM   265  O OG1 . THR A 1 33  ? 15.670  6.091   0.728   1.00 22.22 ?  29  THR A OG1 1 
ATOM   266  C CG2 . THR A 1 33  ? 13.635  4.799   1.040   1.00 16.96 ?  29  THR A CG2 1 
ATOM   267  N N   . ARG A 1 34  ? 15.600  2.294   3.218   1.00 15.47 ?  30  ARG A N   1 
ATOM   268  C CA  . ARG A 1 34  ? 15.073  1.085   3.904   1.00 16.75 ?  30  ARG A CA  1 
ATOM   269  C C   . ARG A 1 34  ? 15.102  1.286   5.420   1.00 18.35 ?  30  ARG A C   1 
ATOM   270  O O   . ARG A 1 34  ? 14.175  0.875   6.131   1.00 17.25 ?  30  ARG A O   1 
ATOM   271  C CB  . ARG A 1 34  ? 15.903  -0.181  3.514   1.00 16.80 ?  30  ARG A CB  1 
ATOM   272  C CG  . ARG A 1 34  ? 15.583  -0.674  2.078   1.00 19.22 ?  30  ARG A CG  1 
ATOM   273  C CD  . ARG A 1 34  ? 15.923  -2.151  1.945   1.00 17.98 ?  30  ARG A CD  1 
ATOM   274  N NE  . ARG A 1 34  ? 17.170  -2.557  2.617   1.00 18.01 ?  30  ARG A NE  1 
ATOM   275  C CZ  . ARG A 1 34  ? 18.377  -2.390  2.099   1.00 20.87 ?  30  ARG A CZ  1 
ATOM   276  N NH1 . ARG A 1 34  ? 18.542  -1.812  0.881   1.00 20.26 ?  30  ARG A NH1 1 
ATOM   277  N NH2 . ARG A 1 34  ? 19.441  -2.802  2.812   1.00 18.50 ?  30  ARG A NH2 1 
ATOM   278  N N   . LYS A 1 35  ? 16.200  1.885   5.941   1.00 17.53 ?  31  LYS A N   1 
ATOM   279  C CA  . LYS A 1 35  ? 16.316  2.040   7.416   1.00 18.53 ?  31  LYS A CA  1 
ATOM   280  C C   . LYS A 1 35  ? 15.219  2.979   7.938   1.00 17.35 ?  31  LYS A C   1 
ATOM   281  O O   . LYS A 1 35  ? 14.584  2.681   8.955   1.00 19.92 ?  31  LYS A O   1 
ATOM   282  C CB  . LYS A 1 35  ? 17.722  2.577   7.828   1.00 21.13 ?  31  LYS A CB  1 
ATOM   283  C CG  . LYS A 1 35  ? 18.873  1.605   7.622   1.00 23.53 ?  31  LYS A CG  1 
ATOM   284  C CD  . LYS A 1 35  ? 18.606  0.232   8.208   1.00 26.77 ?  31  LYS A CD  1 
ATOM   285  C CE  . LYS A 1 35  ? 18.364  -0.791  7.119   1.00 30.57 ?  31  LYS A CE  1 
ATOM   286  N NZ  . LYS A 1 35  ? 18.498  -2.180  7.641   1.00 33.61 ?  31  LYS A NZ  1 
ATOM   287  N N   . VAL A 1 36  ? 14.994  4.109   7.257   1.00 17.78 ?  32  VAL A N   1 
ATOM   288  C CA  . VAL A 1 36  ? 14.014  5.133   7.683   1.00 19.54 ?  32  VAL A CA  1 
ATOM   289  C C   . VAL A 1 36  ? 12.587  4.585   7.470   1.00 20.09 ?  32  VAL A C   1 
ATOM   290  O O   . VAL A 1 36  ? 11.725  4.720   8.385   1.00 18.31 ?  32  VAL A O   1 
ATOM   291  C CB  . VAL A 1 36  ? 14.261  6.468   6.931   1.00 20.48 ?  32  VAL A CB  1 
ATOM   292  C CG1 . VAL A 1 36  ? 13.101  7.448   7.147   1.00 23.19 ?  32  VAL A CG1 1 
ATOM   293  C CG2 . VAL A 1 36  ? 15.594  7.085   7.385   1.00 22.11 ?  32  VAL A CG2 1 
ATOM   294  N N   . ALA A 1 37  ? 12.346  3.914   6.343   1.00 18.89 ?  33  ALA A N   1 
ATOM   295  C CA  . ALA A 1 37  ? 11.031  3.275   6.078   1.00 19.64 ?  33  ALA A CA  1 
ATOM   296  C C   . ALA A 1 37  ? 10.664  2.204   7.093   1.00 19.77 ?  33  ALA A C   1 
ATOM   297  O O   . ALA A 1 37  ? 9.513   2.140   7.581   1.00 20.72 ?  33  ALA A O   1 
ATOM   298  C CB  . ALA A 1 37  ? 10.976  2.674   4.667   1.00 21.00 ?  33  ALA A CB  1 
ATOM   299  N N   . GLY A 1 38  ? 11.633  1.346   7.428   1.00 18.78 ?  34  GLY A N   1 
ATOM   300  C CA  . GLY A 1 38  ? 11.466  0.267   8.409   1.00 18.04 ?  34  GLY A CA  1 
ATOM   301  C C   . GLY A 1 38  ? 11.151  0.777   9.814   1.00 20.21 ?  34  GLY A C   1 
ATOM   302  O O   . GLY A 1 38  ? 10.463  0.126   10.580  1.00 22.13 ?  34  GLY A O   1 
ATOM   303  N N   . MET A 1 39  ? 11.626  1.979   10.149  1.00 17.17 ?  35  MET A N   1 
ATOM   304  C CA  . MET A 1 39  ? 11.347  2.599   11.467  1.00 18.33 ?  35  MET A CA  1 
ATOM   305  C C   . MET A 1 39  ? 9.985   3.319   11.522  1.00 18.37 ?  35  MET A C   1 
ATOM   306  O O   . MET A 1 39  ? 9.483   3.600   12.613  1.00 20.50 ?  35  MET A O   1 
ATOM   307  C CB  . MET A 1 39  ? 12.444  3.640   11.733  1.00 19.37 ?  35  MET A CB  1 
ATOM   308  C CG  . MET A 1 39  ? 13.719  3.056   12.331  1.00 18.95 ?  35  MET A CG  1 
ATOM   309  S SD  . MET A 1 39  ? 13.464  2.354   13.970  1.00 22.86 ?  35  MET A SD  1 
ATOM   310  C CE  . MET A 1 39  ? 13.251  3.811   14.948  1.00 21.95 ?  35  MET A CE  1 
ATOM   311  N N   . ALA A 1 40  ? 9.397   3.593   10.362  1.00 18.23 ?  36  ALA A N   1 
ATOM   312  C CA  . ALA A 1 40  ? 8.149   4.373   10.313  1.00 18.27 ?  36  ALA A CA  1 
ATOM   313  C C   . ALA A 1 40  ? 6.995   3.579   10.951  1.00 18.39 ?  36  ALA A C   1 
ATOM   314  O O   . ALA A 1 40  ? 6.932   2.341   10.849  1.00 19.59 ?  36  ALA A O   1 
ATOM   315  C CB  . ALA A 1 40  ? 7.805   4.687   8.874   1.00 17.40 ?  36  ALA A CB  1 
ATOM   316  N N   . LYS A 1 41  ? 6.055   4.301   11.544  1.00 21.04 ?  37  LYS A N   1 
ATOM   317  C CA  . LYS A 1 41  ? 4.857   3.661   12.073  1.00 22.09 ?  37  LYS A CA  1 
ATOM   318  C C   . LYS A 1 41  ? 3.680   4.426   11.468  1.00 21.66 ?  37  LYS A C   1 
ATOM   319  O O   . LYS A 1 41  ? 3.053   5.250   12.128  1.00 21.06 ?  37  LYS A O   1 
ATOM   320  C CB  . LYS A 1 41  ? 4.847   3.723   13.625  1.00 25.67 ?  37  LYS A CB  1 
ATOM   321  C CG  . LYS A 1 41  ? 6.007   2.968   14.291  1.00 31.38 ?  37  LYS A CG  1 
ATOM   322  C CD  . LYS A 1 41  ? 5.786   1.479   14.064  1.00 39.79 ?  37  LYS A CD  1 
ATOM   323  C CE  . LYS A 1 41  ? 6.754   0.573   14.829  1.00 45.15 ?  37  LYS A CE  1 
ATOM   324  N NZ  . LYS A 1 41  ? 6.517   -0.867  14.501  1.00 47.88 ?  37  LYS A NZ  1 
ATOM   325  N N   . PRO A 1 42  ? 3.407   4.197   10.164  1.00 20.71 ?  38  PRO A N   1 
ATOM   326  C CA  . PRO A 1 42  ? 2.456   5.100   9.503   1.00 19.95 ?  38  PRO A CA  1 
ATOM   327  C C   . PRO A 1 42  ? 1.022   4.950   9.944   1.00 20.64 ?  38  PRO A C   1 
ATOM   328  O O   . PRO A 1 42  ? 0.622   3.862   10.421  1.00 19.11 ?  38  PRO A O   1 
ATOM   329  C CB  . PRO A 1 42  ? 2.608   4.803   8.019   1.00 21.23 ?  38  PRO A CB  1 
ATOM   330  C CG  . PRO A 1 42  ? 3.525   3.641   7.900   1.00 21.54 ?  38  PRO A CG  1 
ATOM   331  C CD  . PRO A 1 42  ? 4.027   3.239   9.256   1.00 22.62 ?  38  PRO A CD  1 
ATOM   332  N N   . ASN A 1 43  ? 0.289   6.054   9.862   1.00 19.70 ?  39  ASN A N   1 
ATOM   333  C CA  . ASN A 1 43  ? -1.188  5.955   9.766   1.00 21.05 ?  39  ASN A CA  1 
ATOM   334  C C   . ASN A 1 43  ? -1.633  5.814   8.313   1.00 20.73 ?  39  ASN A C   1 
ATOM   335  O O   . ASN A 1 43  ? -1.012  6.420   7.446   1.00 20.90 ?  39  ASN A O   1 
ATOM   336  C CB  . ASN A 1 43  ? -1.879  7.158   10.395  1.00 23.03 ?  39  ASN A CB  1 
ATOM   337  C CG  . ASN A 1 43  ? -1.964  7.055   11.912  1.00 29.60 ?  39  ASN A CG  1 
ATOM   338  O OD1 . ASN A 1 43  ? -2.586  7.896   12.538  1.00 33.06 ?  39  ASN A OD1 1 
ATOM   339  N ND2 . ASN A 1 43  ? -1.384  6.011   12.502  1.00 26.53 ?  39  ASN A ND2 1 
ATOM   340  N N   . MET A 1 44  ? -2.695  5.031   8.065   1.00 18.48 ?  40  MET A N   1 
ATOM   341  C CA  . MET A 1 44  ? -3.248  4.875   6.695   1.00 17.51 ?  40  MET A CA  1 
ATOM   342  C C   . MET A 1 44  ? -4.681  5.409   6.791   1.00 16.86 ?  40  MET A C   1 
ATOM   343  O O   . MET A 1 44  ? -5.433  4.973   7.644   1.00 18.25 ?  40  MET A O   1 
ATOM   344  C CB  . MET A 1 44  ? -3.160  3.417   6.263   1.00 18.54 ?  40  MET A CB  1 
ATOM   345  C CG  . MET A 1 44  ? -3.708  3.156   4.845   1.00 18.98 ?  40  MET A CG  1 
ATOM   346  S SD  . MET A 1 44  ? -3.856  1.423   4.424   1.00 26.57 ?  40  MET A SD  1 
ATOM   347  C CE  . MET A 1 44  ? -3.806  0.496   5.958   1.00 29.97 ?  40  MET A CE  1 
ATOM   348  N N   . ILE A 1 45  ? -5.019  6.382   5.954   1.00 16.63 ?  41  ILE A N   1 
ATOM   349  C CA  . ILE A 1 45  ? -6.343  7.026   5.984   1.00 16.23 ?  41  ILE A CA  1 
ATOM   350  C C   . ILE A 1 45  ? -7.033  6.772   4.668   1.00 15.26 ?  41  ILE A C   1 
ATOM   351  O O   . ILE A 1 45  ? -6.508  7.154   3.606   1.00 16.97 ?  41  ILE A O   1 
ATOM   352  C CB  . ILE A 1 45  ? -6.226  8.531   6.217   1.00 17.35 ?  41  ILE A CB  1 
ATOM   353  C CG1 . ILE A 1 45  ? -5.483  8.765   7.554   1.00 19.22 ?  41  ILE A CG1 1 
ATOM   354  C CG2 . ILE A 1 45  ? -7.619  9.112   6.358   1.00 21.16 ?  41  ILE A CG2 1 
ATOM   355  C CD1 . ILE A 1 45  ? -4.019  9.053   7.369   1.00 23.16 ?  41  ILE A CD1 1 
ATOM   356  N N   . ILE A 1 46  ? -8.186  6.110   4.729   1.00 14.18 ?  42  ILE A N   1 
ATOM   357  C CA  . ILE A 1 46  ? -8.871  5.673   3.484   1.00 13.59 ?  42  ILE A CA  1 
ATOM   358  C C   . ILE A 1 46  ? -10.233 6.343   3.446   1.00 15.29 ?  42  ILE A C   1 
ATOM   359  O O   . ILE A 1 46  ? -11.006 6.260   4.412   1.00 17.15 ?  42  ILE A O   1 
ATOM   360  C CB  . ILE A 1 46  ? -9.001  4.150   3.390   1.00 15.20 ?  42  ILE A CB  1 
ATOM   361  C CG1 . ILE A 1 46  ? -7.572  3.480   3.411   1.00 14.88 ?  42  ILE A CG1 1 
ATOM   362  C CG2 . ILE A 1 46  ? -9.823  3.725   2.154   1.00 16.54 ?  42  ILE A CG2 1 
ATOM   363  C CD1 . ILE A 1 46  ? -7.649  1.970   3.443   1.00 17.56 ?  42  ILE A CD1 1 
ATOM   364  N N   . SER A 1 47  ? -10.567 6.989   2.344   1.00 16.59 ?  43  SER A N   1 
ATOM   365  C CA  . SER A 1 47  ? -11.875 7.705   2.273   1.00 17.01 ?  43  SER A CA  1 
ATOM   366  C C   . SER A 1 47  ? -12.468 7.534   0.870   1.00 16.35 ?  43  SER A C   1 
ATOM   367  O O   . SER A 1 47  ? -11.740 7.246   -0.065  1.00 17.07 ?  43  SER A O   1 
ATOM   368  C CB  . SER A 1 47  ? -11.728 9.181   2.630   1.00 18.52 ?  43  SER A CB  1 
ATOM   369  O OG  . SER A 1 47  ? -10.882 9.843   1.719   1.00 22.05 ?  43  SER A OG  1 
ATOM   370  N N   . VAL A 1 48  ? -13.788 7.653   0.713   1.00 16.17 ?  44  VAL A N   1 
ATOM   371  C CA  . VAL A 1 48  ? -14.414 7.472   -0.610  1.00 15.92 ?  44  VAL A CA  1 
ATOM   372  C C   . VAL A 1 48  ? -15.326 8.693   -0.851  1.00 15.77 ?  44  VAL A C   1 
ATOM   373  O O   . VAL A 1 48  ? -16.008 9.164   0.072   1.00 17.60 ?  44  VAL A O   1 
ATOM   374  C CB  . VAL A 1 48  ? -15.247 6.150   -0.725  1.00 16.14 ?  44  VAL A CB  1 
ATOM   375  C CG1 . VAL A 1 48  ? -15.955 6.092   -2.054  1.00 18.05 ?  44  VAL A CG1 1 
ATOM   376  C CG2 . VAL A 1 48  ? -14.380 4.879   -0.596  1.00 18.67 ?  44  VAL A CG2 1 
ATOM   377  N N   . ASN A 1 49  ? -15.299 9.227   -2.052  1.00 15.09 ?  45  ASN A N   1 
ATOM   378  C CA  . ASN A 1 49  ? -16.234 10.323  -2.416  1.00 15.62 ?  45  ASN A CA  1 
ATOM   379  C C   . ASN A 1 49  ? -16.702 9.990   -3.824  1.00 16.31 ?  45  ASN A C   1 
ATOM   380  O O   . ASN A 1 49  ? -15.954 10.127  -4.783  1.00 17.16 ?  45  ASN A O   1 
ATOM   381  C CB  . ASN A 1 49  ? -15.571 11.699  -2.255  1.00 15.49 ?  45  ASN A CB  1 
ATOM   382  C CG  . ASN A 1 49  ? -16.475 12.879  -2.683  1.00 16.88 ?  45  ASN A CG  1 
ATOM   383  O OD1 . ASN A 1 49  ? -17.327 12.720  -3.566  1.00 20.75 ?  45  ASN A OD1 1 
ATOM   384  N ND2 . ASN A 1 49  ? -16.210 14.076  -2.159  1.00 17.54 ?  45  ASN A ND2 1 
ATOM   385  N N   . GLY A 1 50  ? -17.958 9.565   -3.966  1.00 17.44 ?  46  GLY A N   1 
ATOM   386  C CA  . GLY A 1 50  ? -18.430 9.142   -5.259  1.00 19.16 ?  46  GLY A CA  1 
ATOM   387  C C   . GLY A 1 50  ? -17.682 7.918   -5.735  1.00 20.78 ?  46  GLY A C   1 
ATOM   388  O O   . GLY A 1 50  ? -17.560 6.915   -5.017  1.00 22.69 ?  46  GLY A O   1 
ATOM   389  N N   . ASP A 1 51  ? -17.098 7.999   -6.931  1.00 20.97 ?  47  ASP A N   1 
ATOM   390  C CA  . ASP A 1 51  ? -16.350 6.897   -7.463  1.00 20.10 ?  47  ASP A CA  1 
ATOM   391  C C   . ASP A 1 51  ? -14.859 7.018   -7.115  1.00 20.04 ?  47  ASP A C   1 
ATOM   392  O O   . ASP A 1 51  ? -14.067 6.177   -7.507  1.00 20.12 ?  47  ASP A O   1 
ATOM   393  C CB  . ASP A 1 51  ? -16.493 6.895   -9.003  1.00 25.77 ?  47  ASP A CB  1 
ATOM   394  C CG  . ASP A 1 51  ? -17.853 6.336   -9.483  1.00 32.35 ?  47  ASP A CG  1 
ATOM   395  O OD1 . ASP A 1 51  ? -18.550 5.656   -8.709  1.00 34.86 ?  47  ASP A OD1 1 
ATOM   396  O OD2 . ASP A 1 51  ? -18.223 6.563   -10.658 1.00 36.05 ?  47  ASP A OD2 1 
ATOM   397  N N   . VAL A 1 52  ? -14.471 8.109   -6.461  1.00 16.71 ?  48  VAL A N   1 
ATOM   398  C CA  . VAL A 1 52  ? -13.033 8.359   -6.204  1.00 15.00 ?  48  VAL A CA  1 
ATOM   399  C C   . VAL A 1 52  ? -12.643 7.831   -4.808  1.00 15.58 ?  48  VAL A C   1 
ATOM   400  O O   . VAL A 1 52  ? -13.204 8.232   -3.795  1.00 16.41 ?  48  VAL A O   1 
ATOM   401  C CB  . VAL A 1 52  ? -12.686 9.864   -6.336  1.00 15.03 ?  48  VAL A CB  1 
ATOM   402  C CG1 . VAL A 1 52  ? -11.208 10.094  -6.111  1.00 15.93 ?  48  VAL A CG1 1 
ATOM   403  C CG2 . VAL A 1 52  ? -13.073 10.432  -7.706  1.00 14.00 ?  48  VAL A CG2 1 
ATOM   404  N N   . ILE A 1 53  ? -11.594 7.014   -4.736  1.00 14.68 ?  49  ILE A N   1 
ATOM   405  C CA  . ILE A 1 53  ? -11.089 6.474   -3.467  1.00 14.79 ?  49  ILE A CA  1 
ATOM   406  C C   . ILE A 1 53  ? -9.760  7.198   -3.196  1.00 16.05 ?  49  ILE A C   1 
ATOM   407  O O   . ILE A 1 53  ? -8.947  7.378   -4.128  1.00 15.12 ?  49  ILE A O   1 
ATOM   408  C CB  . ILE A 1 53  ? -10.814 4.952   -3.583  1.00 14.81 ?  49  ILE A CB  1 
ATOM   409  C CG1 . ILE A 1 53  ? -12.131 4.223   -3.842  1.00 16.66 ?  49  ILE A CG1 1 
ATOM   410  C CG2 . ILE A 1 53  ? -10.243 4.400   -2.273  1.00 14.64 ?  49  ILE A CG2 1 
ATOM   411  C CD1 . ILE A 1 53  ? -11.942 2.737   -4.152  1.00 19.90 ?  49  ILE A CD1 1 
ATOM   412  N N   . THR A 1 54  ? -9.525  7.616   -1.947  1.00 16.28 ?  50  THR A N   1 
ATOM   413  C CA  . THR A 1 54  ? -8.258  8.263   -1.636  1.00 14.56 ?  50  THR A CA  1 
ATOM   414  C C   . THR A 1 54  ? -7.571  7.464   -0.514  1.00 14.80 ?  50  THR A C   1 
ATOM   415  O O   . THR A 1 54  ? -8.251  7.092   0.427   1.00 15.26 ?  50  THR A O   1 
ATOM   416  C CB  . THR A 1 54  ? -8.505  9.740   -1.135  1.00 17.24 ?  50  THR A CB  1 
ATOM   417  O OG1 . THR A 1 54  ? -9.047  10.568  -2.200  1.00 18.78 ?  50  THR A OG1 1 
ATOM   418  C CG2 . THR A 1 54  ? -7.204  10.383  -0.699  1.00 19.03 ?  50  THR A CG2 1 
ATOM   419  N N   . ILE A 1 55  ? -6.256  7.179   -0.650  1.00 14.26 ?  51  ILE A N   1 
ATOM   420  C CA  . ILE A 1 55  ? -5.466  6.469   0.392   1.00 14.48 ?  51  ILE A CA  1 
ATOM   421  C C   . ILE A 1 55  ? -4.288  7.370   0.736   1.00 16.21 ?  51  ILE A C   1 
ATOM   422  O O   . ILE A 1 55  ? -3.512  7.689   -0.157  1.00 16.44 ?  51  ILE A O   1 
ATOM   423  C CB  . ILE A 1 55  ? -4.980  5.086   -0.016  1.00 13.11 ?  51  ILE A CB  1 
ATOM   424  C CG1 . ILE A 1 55  ? -6.170  4.198   -0.425  1.00 14.68 ?  51  ILE A CG1 1 
ATOM   425  C CG2 . ILE A 1 55  ? -4.175  4.470   1.127   1.00 12.65 ?  51  ILE A CG2 1 
ATOM   426  C CD1 . ILE A 1 55  ? -5.663  2.852   -0.967  1.00 15.30 ?  51  ILE A CD1 1 
ATOM   427  N N   . LYS A 1 56  ? -4.203  7.793   2.013   1.00 16.78 ?  52  LYS A N   1 
ATOM   428  C CA  A LYS A 1 56  ? -3.123  8.651   2.531   0.50 19.64 ?  52  LYS A CA  1 
ATOM   429  C CA  B LYS A 1 56  ? -3.085  8.619   2.482   0.50 19.15 ?  52  LYS A CA  1 
ATOM   430  C C   . LYS A 1 56  ? -2.286  7.836   3.510   1.00 19.99 ?  52  LYS A C   1 
ATOM   431  O O   . LYS A 1 56  ? -2.854  7.122   4.341   1.00 20.86 ?  52  LYS A O   1 
ATOM   432  C CB  A LYS A 1 56  ? -3.701  9.863   3.269   0.50 22.03 ?  52  LYS A CB  1 
ATOM   433  C CB  B LYS A 1 56  ? -3.565  9.958   3.050   0.50 20.23 ?  52  LYS A CB  1 
ATOM   434  C CG  A LYS A 1 56  ? -4.637  10.757  2.469   0.50 22.63 ?  52  LYS A CG  1 
ATOM   435  C CG  B LYS A 1 56  ? -2.447  10.801  3.665   0.50 20.04 ?  52  LYS A CG  1 
ATOM   436  C CD  A LYS A 1 56  ? -4.946  12.065  3.231   0.50 26.21 ?  52  LYS A CD  1 
ATOM   437  C CD  B LYS A 1 56  ? -3.003  11.991  4.411   0.50 23.53 ?  52  LYS A CD  1 
ATOM   438  C CE  A LYS A 1 56  ? -3.661  12.658  3.796   0.50 26.92 ?  52  LYS A CE  1 
ATOM   439  C CE  B LYS A 1 56  ? -1.874  12.801  5.011   0.50 25.27 ?  52  LYS A CE  1 
ATOM   440  N NZ  A LYS A 1 56  ? -3.534  14.153  3.727   0.50 29.31 ?  52  LYS A NZ  1 
ATOM   441  N NZ  B LYS A 1 56  ? -2.331  14.209  5.115   0.50 26.35 ?  52  LYS A NZ  1 
ATOM   442  N N   . SER A 1 57  ? -0.960  7.931   3.396   1.00 19.36 ?  53  SER A N   1 
ATOM   443  C CA  . SER A 1 57  ? 0.000   7.284   4.315   1.00 20.92 ?  53  SER A CA  1 
ATOM   444  C C   . SER A 1 57  ? 0.741   8.448   4.956   1.00 21.11 ?  53  SER A C   1 
ATOM   445  O O   . SER A 1 57  ? 1.431   9.149   4.236   1.00 23.43 ?  53  SER A O   1 
ATOM   446  C CB  . SER A 1 57  ? 0.981   6.376   3.522   1.00 23.52 ?  53  SER A CB  1 
ATOM   447  O OG  . SER A 1 57  ? 1.912   5.691   4.401   1.00 26.71 ?  53  SER A OG  1 
ATOM   448  N N   A GLU A 1 58  ? 0.627   8.624   6.277   0.50 20.68 ?  54  GLU A N   1 
ATOM   449  N N   B GLU A 1 58  ? 0.605   8.654   6.267   0.50 20.49 ?  54  GLU A N   1 
ATOM   450  C CA  A GLU A 1 58  ? 1.286   9.732   6.998   0.50 22.38 ?  54  GLU A CA  1 
ATOM   451  C CA  B GLU A 1 58  ? 1.338   9.729   6.956   0.50 22.04 ?  54  GLU A CA  1 
ATOM   452  C C   A GLU A 1 58  ? 2.315   9.222   8.027   0.50 22.05 ?  54  GLU A C   1 
ATOM   453  C C   B GLU A 1 58  ? 2.344   9.166   7.965   0.50 21.85 ?  54  GLU A C   1 
ATOM   454  O O   A GLU A 1 58  ? 1.987   8.363   8.831   0.50 21.62 ?  54  GLU A O   1 
ATOM   455  O O   B GLU A 1 58  ? 2.041   8.213   8.674   0.50 21.01 ?  54  GLU A O   1 
ATOM   456  C CB  A GLU A 1 58  ? 0.223   10.569  7.691   0.50 26.93 ?  54  GLU A CB  1 
ATOM   457  C CB  B GLU A 1 58  ? 0.366   10.678  7.636   0.50 26.19 ?  54  GLU A CB  1 
ATOM   458  C CG  A GLU A 1 58  ? -0.806  11.146  6.732   0.50 28.45 ?  54  GLU A CG  1 
ATOM   459  C CG  B GLU A 1 58  ? -0.641  10.002  8.537   0.50 27.13 ?  54  GLU A CG  1 
ATOM   460  C CD  A GLU A 1 58  ? -1.525  12.345  7.309   0.50 31.35 ?  54  GLU A CD  1 
ATOM   461  C CD  B GLU A 1 58  ? -1.647  10.994  9.094   0.50 27.21 ?  54  GLU A CD  1 
ATOM   462  O OE1 A GLU A 1 58  ? -1.332  12.619  8.507   0.50 36.45 ?  54  GLU A OE1 1 
ATOM   463  O OE1 B GLU A 1 58  ? -2.078  11.889  8.327   0.50 28.18 ?  54  GLU A OE1 1 
ATOM   464  O OE2 A GLU A 1 58  ? -2.271  13.021  6.563   0.50 33.22 ?  54  GLU A OE2 1 
ATOM   465  O OE2 B GLU A 1 58  ? -2.035  10.858  10.270  0.50 25.91 ?  54  GLU A OE2 1 
ATOM   466  N N   . SER A 1 59  ? 3.562   9.711   7.981   1.00 21.84 ?  55  SER A N   1 
ATOM   467  C CA  . SER A 1 59  ? 4.572   9.213   8.925   1.00 24.52 ?  55  SER A CA  1 
ATOM   468  C C   . SER A 1 59  ? 5.443   10.381  9.300   1.00 29.18 ?  55  SER A C   1 
ATOM   469  O O   . SER A 1 59  ? 5.249   11.456  8.760   1.00 27.21 ?  55  SER A O   1 
ATOM   470  C CB  . SER A 1 59  ? 5.372   8.032   8.345   1.00 26.39 ?  55  SER A CB  1 
ATOM   471  O OG  . SER A 1 59  ? 6.339   8.467   7.422   1.00 30.55 ?  55  SER A OG  1 
ATOM   472  N N   . THR A 1 60  ? 6.388   10.185  10.218  1.00 32.16 ?  56  THR A N   1 
ATOM   473  C CA  . THR A 1 60  ? 7.205   11.309  10.708  1.00 37.68 ?  56  THR A CA  1 
ATOM   474  C C   . THR A 1 60  ? 8.031   11.935  9.623   1.00 39.17 ?  56  THR A C   1 
ATOM   475  O O   . THR A 1 60  ? 8.185   13.160  9.598   1.00 43.43 ?  56  THR A O   1 
ATOM   476  C CB  . THR A 1 60  ? 8.169   10.907  11.839  1.00 37.54 ?  56  THR A CB  1 
ATOM   477  O OG1 . THR A 1 60  ? 8.650   9.557   11.611  1.00 38.50 ?  56  THR A OG1 1 
ATOM   478  C CG2 . THR A 1 60  ? 7.457   11.016  13.146  1.00 34.25 ?  56  THR A CG2 1 
ATOM   479  N N   . PHE A 1 61  ? 8.556   11.094  8.733   1.00 36.33 ?  57  PHE A N   1 
ATOM   480  C CA  . PHE A 1 61  ? 9.440   11.540  7.680   1.00 44.21 ?  57  PHE A CA  1 
ATOM   481  C C   . PHE A 1 61  ? 8.662   12.109  6.476   1.00 44.46 ?  57  PHE A C   1 
ATOM   482  O O   . PHE A 1 61  ? 8.987   13.204  5.990   1.00 44.14 ?  57  PHE A O   1 
ATOM   483  C CB  . PHE A 1 61  ? 10.359  10.381  7.238   1.00 48.08 ?  57  PHE A CB  1 
ATOM   484  C CG  . PHE A 1 61  ? 11.376  10.786  6.217   1.00 51.05 ?  57  PHE A CG  1 
ATOM   485  C CD1 . PHE A 1 61  ? 12.438  11.617  6.569   1.00 55.92 ?  57  PHE A CD1 1 
ATOM   486  C CD2 . PHE A 1 61  ? 11.251  10.378  4.894   1.00 54.54 ?  57  PHE A CD2 1 
ATOM   487  C CE1 . PHE A 1 61  ? 13.372  12.019  5.623   1.00 58.69 ?  57  PHE A CE1 1 
ATOM   488  C CE2 . PHE A 1 61  ? 12.182  10.773  3.944   1.00 58.89 ?  57  PHE A CE2 1 
ATOM   489  C CZ  . PHE A 1 61  ? 13.248  11.591  4.311   1.00 58.55 ?  57  PHE A CZ  1 
ATOM   490  N N   . LYS A 1 62  ? 7.632   11.377  6.026   1.00 42.41 ?  58  LYS A N   1 
ATOM   491  C CA  . LYS A 1 62  ? 6.990   11.637  4.731   1.00 37.13 ?  58  LYS A CA  1 
ATOM   492  C C   . LYS A 1 62  ? 5.495   11.275  4.676   1.00 34.96 ?  58  LYS A C   1 
ATOM   493  O O   . LYS A 1 62  ? 5.080   10.202  5.127   1.00 30.40 ?  58  LYS A O   1 
ATOM   494  C CB  . LYS A 1 62  ? 7.782   10.898  3.632   1.00 42.48 ?  58  LYS A CB  1 
ATOM   495  C CG  . LYS A 1 62  ? 7.037   10.663  2.330   1.00 47.31 ?  58  LYS A CG  1 
ATOM   496  C CD  . LYS A 1 62  ? 7.877   11.021  1.117   1.00 50.11 ?  58  LYS A CD  1 
ATOM   497  C CE  . LYS A 1 62  ? 9.050   10.076  0.969   1.00 53.42 ?  58  LYS A CE  1 
ATOM   498  N NZ  . LYS A 1 62  ? 9.931   10.527  -0.146  1.00 59.60 ?  58  LYS A NZ  1 
ATOM   499  N N   . ASN A 1 63  ? 4.693   12.190  4.116   1.00 31.38 ?  59  ASN A N   1 
ATOM   500  C CA  . ASN A 1 63  ? 3.270   11.953  3.818   1.00 27.38 ?  59  ASN A CA  1 
ATOM   501  C C   . ASN A 1 63  ? 3.082   11.680  2.326   1.00 26.73 ?  59  ASN A C   1 
ATOM   502  O O   . ASN A 1 63  ? 3.639   12.403  1.489   1.00 25.88 ?  59  ASN A O   1 
ATOM   503  C CB  . ASN A 1 63  ? 2.449   13.159  4.210   1.00 30.53 ?  59  ASN A CB  1 
ATOM   504  C CG  . ASN A 1 63  ? 2.219   13.232  5.705   1.00 35.27 ?  59  ASN A CG  1 
ATOM   505  O OD1 . ASN A 1 63  ? 2.821   12.474  6.473   1.00 31.85 ?  59  ASN A OD1 1 
ATOM   506  N ND2 . ASN A 1 63  ? 1.352   14.131  6.122   1.00 37.78 ?  59  ASN A ND2 1 
ATOM   507  N N   . THR A 1 64  ? 2.345   10.623  1.972   1.00 22.64 ?  60  THR A N   1 
ATOM   508  C CA  . THR A 1 64  ? 2.049   10.361  0.526   1.00 23.95 ?  60  THR A CA  1 
ATOM   509  C C   . THR A 1 64  ? 0.512   10.202  0.394   1.00 25.68 ?  60  THR A C   1 
ATOM   510  O O   . THR A 1 64  ? -0.169  9.878   1.373   1.00 25.18 ?  60  THR A O   1 
ATOM   511  C CB  . THR A 1 64  ? 2.792   9.133   -0.011  1.00 26.56 ?  60  THR A CB  1 
ATOM   512  O OG1 . THR A 1 64  ? 2.394   7.995   0.740   1.00 36.31 ?  60  THR A OG1 1 
ATOM   513  C CG2 . THR A 1 64  ? 4.328   9.284   0.148   1.00 30.16 ?  60  THR A CG2 1 
ATOM   514  N N   . GLU A 1 65  ? -0.033  10.439  -0.797  1.00 21.72 ?  61  GLU A N   1 
ATOM   515  C CA  . GLU A 1 65  ? -1.469  10.296  -0.944  1.00 21.57 ?  61  GLU A CA  1 
ATOM   516  C C   . GLU A 1 65  ? -1.726  9.965   -2.397  1.00 18.74 ?  61  GLU A C   1 
ATOM   517  O O   . GLU A 1 65  ? -1.078  10.564  -3.305  1.00 20.94 ?  61  GLU A O   1 
ATOM   518  C CB  . GLU A 1 65  ? -2.172  11.603  -0.568  1.00 25.37 ?  61  GLU A CB  1 
ATOM   519  C CG  . GLU A 1 65  ? -3.520  11.855  -1.213  1.00 31.27 ?  61  GLU A CG  1 
ATOM   520  C CD  . GLU A 1 65  ? -4.268  13.042  -0.617  1.00 40.91 ?  61  GLU A CD  1 
ATOM   521  O OE1 . GLU A 1 65  ? -4.204  13.237  0.607   1.00 49.21 ?  61  GLU A OE1 1 
ATOM   522  O OE2 . GLU A 1 65  ? -4.945  13.776  -1.376  1.00 45.84 ?  61  GLU A OE2 1 
ATOM   523  N N   . ILE A 1 66  ? -2.645  9.029   -2.620  1.00 17.76 ?  62  ILE A N   1 
ATOM   524  C CA  . ILE A 1 66  ? -3.118  8.716   -3.988  1.00 16.15 ?  62  ILE A CA  1 
ATOM   525  C C   . ILE A 1 66  ? -4.636  8.821   -4.031  1.00 17.33 ?  62  ILE A C   1 
ATOM   526  O O   . ILE A 1 66  ? -5.329  8.440   -3.057  1.00 17.92 ?  62  ILE A O   1 
ATOM   527  C CB  . ILE A 1 66  ? -2.707  7.305   -4.507  1.00 16.05 ?  62  ILE A CB  1 
ATOM   528  C CG1 . ILE A 1 66  ? -3.123  6.186   -3.507  1.00 14.92 ?  62  ILE A CG1 1 
ATOM   529  C CG2 . ILE A 1 66  ? -1.199  7.265   -4.804  1.00 17.09 ?  62  ILE A CG2 1 
ATOM   530  C CD1 . ILE A 1 66  ? -2.951  4.766   -4.009  1.00 19.21 ?  62  ILE A CD1 1 
ATOM   531  N N   . SER A 1 67  ? -5.152  9.311   -5.148  1.00 16.54 ?  63  SER A N   1 
ATOM   532  C CA  . SER A 1 67  ? -6.587  9.245   -5.424  1.00 16.74 ?  63  SER A CA  1 
ATOM   533  C C   . SER A 1 67  ? -6.848  8.532   -6.773  1.00 15.21 ?  63  SER A C   1 
ATOM   534  O O   . SER A 1 67  ? -6.055  8.698   -7.722  1.00 15.86 ?  63  SER A O   1 
ATOM   535  C CB  . SER A 1 67  ? -7.215  10.650  -5.468  1.00 18.54 ?  63  SER A CB  1 
ATOM   536  O OG  . SER A 1 67  ? -7.214  11.308  -4.191  1.00 19.27 ?  63  SER A OG  1 
ATOM   537  N N   . PHE A 1 68  ? -7.902  7.704   -6.880  1.00 14.79 ?  64  PHE A N   1 
ATOM   538  C CA  . PHE A 1 68  ? -8.010  6.835   -8.092  1.00 14.60 ?  64  PHE A CA  1 
ATOM   539  C C   . PHE A 1 68  ? -9.437  6.342   -8.223  1.00 15.90 ?  64  PHE A C   1 
ATOM   540  O O   . PHE A 1 68  ? -10.236 6.426   -7.263  1.00 13.92 ?  64  PHE A O   1 
ATOM   541  C CB  . PHE A 1 68  ? -7.045  5.613   -8.019  1.00 14.80 ?  64  PHE A CB  1 
ATOM   542  C CG  . PHE A 1 68  ? -7.272  4.763   -6.808  1.00 14.61 ?  64  PHE A CG  1 
ATOM   543  C CD1 . PHE A 1 68  ? -6.635  5.046   -5.587  1.00 15.17 ?  64  PHE A CD1 1 
ATOM   544  C CD2 . PHE A 1 68  ? -8.138  3.673   -6.881  1.00 14.05 ?  64  PHE A CD2 1 
ATOM   545  C CE1 . PHE A 1 68  ? -6.871  4.255   -4.433  1.00 15.07 ?  64  PHE A CE1 1 
ATOM   546  C CE2 . PHE A 1 68  ? -8.361  2.856   -5.761  1.00 15.37 ?  64  PHE A CE2 1 
ATOM   547  C CZ  . PHE A 1 68  ? -7.760  3.154   -4.529  1.00 16.16 ?  64  PHE A CZ  1 
ATOM   548  N N   . ILE A 1 69  ? -9.770  5.862   -9.430  1.00 14.87 ?  65  ILE A N   1 
ATOM   549  C CA  . ILE A 1 69  ? -11.060 5.244   -9.715  1.00 14.90 ?  65  ILE A CA  1 
ATOM   550  C C   . ILE A 1 69  ? -10.734 3.753   -9.989  1.00 14.80 ?  65  ILE A C   1 
ATOM   551  O O   . ILE A 1 69  ? -9.763  3.444   -10.661 1.00 14.29 ?  65  ILE A O   1 
ATOM   552  C CB  . ILE A 1 69  ? -11.774 6.003   -10.892 1.00 15.60 ?  65  ILE A CB  1 
ATOM   553  C CG1 . ILE A 1 69  ? -12.168 7.440   -10.432 1.00 16.17 ?  65  ILE A CG1 1 
ATOM   554  C CG2 . ILE A 1 69  ? -12.945 5.138   -11.447 1.00 16.81 ?  65  ILE A CG2 1 
ATOM   555  C CD1 . ILE A 1 69  ? -12.730 8.290   -11.579 1.00 18.87 ?  65  ILE A CD1 1 
ATOM   556  N N   . LEU A 1 70  ? -11.502 2.826   -9.419  1.00 14.93 ?  66  LEU A N   1 
ATOM   557  C CA  . LEU A 1 70  ? -11.256 1.381   -9.585  1.00 15.44 ?  66  LEU A CA  1 
ATOM   558  C C   . LEU A 1 70  ? -11.183 0.976   -11.062 1.00 16.24 ?  66  LEU A C   1 
ATOM   559  O O   . LEU A 1 70  ? -12.025 1.389   -11.864 1.00 16.21 ?  66  LEU A O   1 
ATOM   560  C CB  . LEU A 1 70  ? -12.274 0.537   -8.828  1.00 16.49 ?  66  LEU A CB  1 
ATOM   561  C CG  . LEU A 1 70  ? -12.227 0.657   -7.322  1.00 17.37 ?  66  LEU A CG  1 
ATOM   562  C CD1 . LEU A 1 70  ? -13.531 -0.024  -6.890  1.00 17.83 ?  66  LEU A CD1 1 
ATOM   563  C CD2 . LEU A 1 70  ? -11.006 0.000   -6.661  1.00 17.53 ?  66  LEU A CD2 1 
ATOM   564  N N   . GLY A 1 71  ? -10.075 0.333   -11.429 1.00 15.66 ?  67  GLY A N   1 
ATOM   565  C CA  . GLY A 1 71  ? -9.846  -0.197  -12.790 1.00 16.86 ?  67  GLY A CA  1 
ATOM   566  C C   . GLY A 1 71  ? -9.278  0.822   -13.789 1.00 17.27 ?  67  GLY A C   1 
ATOM   567  O O   . GLY A 1 71  ? -9.034  0.459   -14.949 1.00 19.93 ?  67  GLY A O   1 
ATOM   568  N N   . GLN A 1 72  ? -9.038  2.064   -13.365 1.00 17.11 ?  68  GLN A N   1 
ATOM   569  C CA  . GLN A 1 72  ? -8.498  3.139   -14.245 1.00 17.99 ?  68  GLN A CA  1 
ATOM   570  C C   . GLN A 1 72  ? -7.021  3.398   -13.887 1.00 18.12 ?  68  GLN A C   1 
ATOM   571  O O   . GLN A 1 72  ? -6.691  3.847   -12.783 1.00 15.67 ?  68  GLN A O   1 
ATOM   572  C CB  . GLN A 1 72  ? -9.329  4.412   -14.120 1.00 18.99 ?  68  GLN A CB  1 
ATOM   573  C CG  . GLN A 1 72  ? -10.765 4.125   -14.581 1.00 23.10 ?  68  GLN A CG  1 
ATOM   574  C CD  . GLN A 1 72  ? -11.608 5.393   -14.811 1.00 23.33 ?  68  GLN A CD  1 
ATOM   575  O OE1 . GLN A 1 72  ? -11.141 6.551   -14.655 1.00 24.72 ?  68  GLN A OE1 1 
ATOM   576  N NE2 . GLN A 1 72  ? -12.898 5.167   -15.124 1.00 25.51 ?  68  GLN A NE2 1 
ATOM   577  N N   . GLU A 1 73  ? -6.144  3.081   -14.839 1.00 17.24 ?  69  GLU A N   1 
ATOM   578  C CA  . GLU A 1 73  ? -4.699  3.258   -14.624 1.00 20.08 ?  69  GLU A CA  1 
ATOM   579  C C   . GLU A 1 73  ? -4.325  4.711   -14.303 1.00 20.42 ?  69  GLU A C   1 
ATOM   580  O O   . GLU A 1 73  ? -4.933  5.688   -14.825 1.00 19.96 ?  69  GLU A O   1 
ATOM   581  C CB  . GLU A 1 73  ? -3.939  2.740   -15.871 1.00 22.65 ?  69  GLU A CB  1 
ATOM   582  C CG  . GLU A 1 73  ? -2.415  2.788   -15.802 1.00 30.68 ?  69  GLU A CG  1 
ATOM   583  C CD  . GLU A 1 73  ? -1.832  1.971   -16.958 1.00 35.51 ?  69  GLU A CD  1 
ATOM   584  O OE1 . GLU A 1 73  ? -2.377  2.111   -18.052 1.00 39.85 ?  69  GLU A OE1 1 
ATOM   585  O OE2 . GLU A 1 73  ? -0.913  1.142   -16.771 1.00 39.28 ?  69  GLU A OE2 1 
ATOM   586  N N   . PHE A 1 74  ? -3.347  4.897   -13.433 1.00 16.79 ?  70  PHE A N   1 
ATOM   587  C CA  . PHE A 1 74  ? -2.861  6.253   -13.125 1.00 16.57 ?  70  PHE A CA  1 
ATOM   588  C C   . PHE A 1 74  ? -1.316  6.234   -12.930 1.00 17.73 ?  70  PHE A C   1 
ATOM   589  O O   . PHE A 1 74  ? -0.729  5.170   -12.677 1.00 17.57 ?  70  PHE A O   1 
ATOM   590  C CB  . PHE A 1 74  ? -3.519  6.841   -11.816 1.00 15.52 ?  70  PHE A CB  1 
ATOM   591  C CG  . PHE A 1 74  ? -3.364  5.944   -10.578 1.00 17.30 ?  70  PHE A CG  1 
ATOM   592  C CD1 . PHE A 1 74  ? -4.228  4.861   -10.357 1.00 16.81 ?  70  PHE A CD1 1 
ATOM   593  C CD2 . PHE A 1 74  ? -2.408  6.232   -9.594  1.00 18.69 ?  70  PHE A CD2 1 
ATOM   594  C CE1 . PHE A 1 74  ? -4.119  4.057   -9.201  1.00 18.41 ?  70  PHE A CE1 1 
ATOM   595  C CE2 . PHE A 1 74  ? -2.298  5.443   -8.427  1.00 18.49 ?  70  PHE A CE2 1 
ATOM   596  C CZ  . PHE A 1 74  ? -3.149  4.330   -8.220  1.00 16.73 ?  70  PHE A CZ  1 
ATOM   597  N N   . ASP A 1 75  ? -0.691  7.411   -13.051 1.00 19.15 ?  71  ASP A N   1 
ATOM   598  C CA  A ASP A 1 75  ? 0.731   7.518   -12.737 0.50 20.50 ?  71  ASP A CA  1 
ATOM   599  C CA  B ASP A 1 75  ? 0.736   7.664   -12.698 0.50 20.76 ?  71  ASP A CA  1 
ATOM   600  C C   . ASP A 1 75  ? 0.893   7.825   -11.212 1.00 18.05 ?  71  ASP A C   1 
ATOM   601  O O   . ASP A 1 75  ? 0.129   8.564   -10.623 1.00 20.91 ?  71  ASP A O   1 
ATOM   602  C CB  A ASP A 1 75  ? 1.423   8.560   -13.682 0.50 19.98 ?  71  ASP A CB  1 
ATOM   603  C CB  B ASP A 1 75  ? 1.210   9.039   -13.219 0.50 20.16 ?  71  ASP A CB  1 
ATOM   604  C CG  A ASP A 1 75  ? 1.444   8.113   -15.171 0.50 23.68 ?  71  ASP A CG  1 
ATOM   605  C CG  B ASP A 1 75  ? 1.230   9.140   -14.700 0.50 21.98 ?  71  ASP A CG  1 
ATOM   606  O OD1 A ASP A 1 75  ? 1.920   6.997   -15.483 0.50 23.66 ?  71  ASP A OD1 1 
ATOM   607  O OD1 B ASP A 1 75  ? 2.022   8.382   -15.323 0.50 24.62 ?  71  ASP A OD1 1 
ATOM   608  O OD2 A ASP A 1 75  ? 1.028   8.910   -16.063 0.50 24.24 ?  71  ASP A OD2 1 
ATOM   609  O OD2 B ASP A 1 75  ? 0.478   10.029  -15.240 0.50 19.68 ?  71  ASP A OD2 1 
ATOM   610  N N   . GLU A 1 76  ? 1.891   7.188   -10.574 1.00 18.40 ?  72  GLU A N   1 
ATOM   611  C CA  . GLU A 1 76  ? 2.130   7.322   -9.116  1.00 20.65 ?  72  GLU A CA  1 
ATOM   612  C C   . GLU A 1 76  ? 3.659   7.480   -8.877  1.00 19.38 ?  72  GLU A C   1 
ATOM   613  O O   . GLU A 1 76  ? 4.470   6.846   -9.613  1.00 21.24 ?  72  GLU A O   1 
ATOM   614  C CB  . GLU A 1 76  ? 1.618   6.047   -8.379  1.00 20.29 ?  72  GLU A CB  1 
ATOM   615  C CG  . GLU A 1 76  ? 1.850   5.991   -6.878  1.00 24.52 ?  72  GLU A CG  1 
ATOM   616  C CD  . GLU A 1 76  ? 1.522   4.629   -6.229  1.00 26.38 ?  72  GLU A CD  1 
ATOM   617  O OE1 . GLU A 1 76  ? 1.268   3.627   -6.952  1.00 26.45 ?  72  GLU A OE1 1 
ATOM   618  O OE2 . GLU A 1 76  ? 1.589   4.568   -4.969  1.00 29.96 ?  72  GLU A OE2 1 
ATOM   619  N N   . VAL A 1 77  ? 4.019   8.400   -7.969  1.00 18.73 ?  73  VAL A N   1 
ATOM   620  C CA  . VAL A 1 77  ? 5.388   8.434   -7.433  1.00 21.59 ?  73  VAL A CA  1 
ATOM   621  C C   . VAL A 1 77  ? 5.317   7.835   -6.033  1.00 19.92 ?  73  VAL A C   1 
ATOM   622  O O   . VAL A 1 77  ? 4.614   8.327   -5.163  1.00 21.14 ?  73  VAL A O   1 
ATOM   623  C CB  . VAL A 1 77  ? 6.014   9.865   -7.417  1.00 24.82 ?  73  VAL A CB  1 
ATOM   624  C CG1 . VAL A 1 77  ? 7.477   9.834   -6.962  1.00 27.90 ?  73  VAL A CG1 1 
ATOM   625  C CG2 . VAL A 1 77  ? 5.957   10.485  -8.800  1.00 27.95 ?  73  VAL A CG2 1 
ATOM   626  N N   . THR A 1 78  ? 6.093   6.784   -5.844  1.00 19.86 ?  74  THR A N   1 
ATOM   627  C CA  . THR A 1 78  ? 6.042   5.966   -4.639  1.00 21.06 ?  74  THR A CA  1 
ATOM   628  C C   . THR A 1 78  ? 6.949   6.612   -3.590  1.00 22.62 ?  74  THR A C   1 
ATOM   629  O O   . THR A 1 78  ? 7.754   7.529   -3.913  1.00 23.06 ?  74  THR A O   1 
ATOM   630  C CB  . THR A 1 78  ? 6.529   4.526   -4.945  1.00 21.30 ?  74  THR A CB  1 
ATOM   631  O OG1 . THR A 1 78  ? 7.930   4.547   -5.317  1.00 26.08 ?  74  THR A OG1 1 
ATOM   632  C CG2 . THR A 1 78  ? 5.720   3.872   -6.064  1.00 22.08 ?  74  THR A CG2 1 
ATOM   633  N N   . ALA A 1 79  ? 6.853   6.135   -2.333  1.00 20.03 ?  75  ALA A N   1 
ATOM   634  C CA  . ALA A 1 79  ? 7.579   6.758   -1.199  1.00 24.13 ?  75  ALA A CA  1 
ATOM   635  C C   . ALA A 1 79  ? 9.112   6.662   -1.380  1.00 23.87 ?  75  ALA A C   1 
ATOM   636  O O   . ALA A 1 79  ? 9.854   7.499   -0.861  1.00 25.24 ?  75  ALA A O   1 
ATOM   637  C CB  . ALA A 1 79  ? 7.158   6.133   0.130   1.00 23.73 ?  75  ALA A CB  1 
ATOM   638  N N   . ASP A 1 80  ? 9.575   5.663   -2.117  1.00 23.52 ?  76  ASP A N   1 
ATOM   639  C CA  . ASP A 1 80  ? 11.012  5.512   -2.457  1.00 23.76 ?  76  ASP A CA  1 
ATOM   640  C C   . ASP A 1 80  ? 11.385  6.193   -3.781  1.00 25.64 ?  76  ASP A C   1 
ATOM   641  O O   . ASP A 1 80  ? 12.459  5.950   -4.340  1.00 25.99 ?  76  ASP A O   1 
ATOM   642  C CB  . ASP A 1 80  ? 11.448  4.028   -2.484  1.00 22.09 ?  76  ASP A CB  1 
ATOM   643  C CG  . ASP A 1 80  ? 10.600  3.122   -3.469  1.00 23.27 ?  76  ASP A CG  1 
ATOM   644  O OD1 . ASP A 1 80  ? 9.357   3.149   -3.410  1.00 23.38 ?  76  ASP A OD1 1 
ATOM   645  O OD2 . ASP A 1 80  ? 11.177  2.310   -4.220  1.00 22.54 ?  76  ASP A OD2 1 
ATOM   646  N N   . ASP A 1 81  ? 10.436  6.957   -4.323  1.00 28.56 ?  77  ASP A N   1 
ATOM   647  C CA  . ASP A 1 81  ? 10.635  7.789   -5.513  1.00 29.33 ?  77  ASP A CA  1 
ATOM   648  C C   . ASP A 1 81  ? 10.733  7.041   -6.832  1.00 28.47 ?  77  ASP A C   1 
ATOM   649  O O   . ASP A 1 81  ? 11.350  7.557   -7.759  1.00 32.25 ?  77  ASP A O   1 
ATOM   650  C CB  . ASP A 1 81  ? 11.880  8.680   -5.349  1.00 33.29 ?  77  ASP A CB  1 
ATOM   651  C CG  . ASP A 1 81  ? 11.668  9.856   -4.405  1.00 38.11 ?  77  ASP A CG  1 
ATOM   652  O OD1 . ASP A 1 81  ? 10.519  10.330  -4.196  1.00 41.18 ?  77  ASP A OD1 1 
ATOM   653  O OD2 . ASP A 1 81  ? 12.686  10.330  -3.860  1.00 48.74 ?  77  ASP A OD2 1 
ATOM   654  N N   . ARG A 1 82  ? 10.141  5.845   -6.961  1.00 23.61 ?  78  ARG A N   1 
ATOM   655  C CA  . ARG A 1 82  ? 9.979   5.248   -8.270  1.00 23.83 ?  78  ARG A CA  1 
ATOM   656  C C   . ARG A 1 82  ? 8.806   5.915   -8.956  1.00 23.77 ?  78  ARG A C   1 
ATOM   657  O O   . ARG A 1 82  ? 7.848   6.314   -8.298  1.00 22.03 ?  78  ARG A O   1 
ATOM   658  C CB  . ARG A 1 82  ? 9.662   3.753   -8.160  1.00 22.04 ?  78  ARG A CB  1 
ATOM   659  C CG  . ARG A 1 82  ? 10.808  2.796   -7.808  1.00 23.96 ?  78  ARG A CG  1 
ATOM   660  C CD  . ARG A 1 82  ? 10.241  1.397   -7.571  1.00 24.96 ?  78  ARG A CD  1 
ATOM   661  N NE  . ARG A 1 82  ? 9.542   1.407   -6.283  1.00 24.47 ?  78  ARG A NE  1 
ATOM   662  C CZ  . ARG A 1 82  ? 8.362   0.822   -6.042  1.00 24.13 ?  78  ARG A CZ  1 
ATOM   663  N NH1 . ARG A 1 82  ? 7.715   0.124   -6.987  1.00 21.28 ?  78  ARG A NH1 1 
ATOM   664  N NH2 . ARG A 1 82  ? 7.854   0.947   -4.830  1.00 22.52 ?  78  ARG A NH2 1 
ATOM   665  N N   . LYS A 1 83  ? 8.883   6.021   -10.279 1.00 23.72 ?  79  LYS A N   1 
ATOM   666  C CA  A LYS A 1 83  ? 7.781   6.533   -11.080 0.50 24.81 ?  79  LYS A CA  1 
ATOM   667  C CA  B LYS A 1 83  ? 7.784   6.543   -11.079 0.50 25.23 ?  79  LYS A CA  1 
ATOM   668  C C   . LYS A 1 83  ? 7.125   5.312   -11.708 1.00 24.10 ?  79  LYS A C   1 
ATOM   669  O O   . LYS A 1 83  ? 7.745   4.637   -12.543 1.00 23.40 ?  79  LYS A O   1 
ATOM   670  C CB  A LYS A 1 83  ? 8.324   7.451   -12.191 0.50 25.77 ?  79  LYS A CB  1 
ATOM   671  C CB  B LYS A 1 83  ? 8.324   7.476   -12.188 0.50 26.76 ?  79  LYS A CB  1 
ATOM   672  C CG  A LYS A 1 83  ? 8.378   8.920   -11.818 0.50 29.85 ?  79  LYS A CG  1 
ATOM   673  C CG  B LYS A 1 83  ? 8.421   8.959   -11.832 0.50 32.25 ?  79  LYS A CG  1 
ATOM   674  C CD  A LYS A 1 83  ? 9.071   9.167   -10.485 0.50 32.54 ?  79  LYS A CD  1 
ATOM   675  C CD  B LYS A 1 83  ? 9.594   9.301   -10.918 0.50 36.77 ?  79  LYS A CD  1 
ATOM   676  C CE  A LYS A 1 83  ? 10.590  9.084   -10.610 0.50 33.17 ?  79  LYS A CE  1 
ATOM   677  C CE  B LYS A 1 83  ? 9.807   10.815  -10.778 0.50 37.93 ?  79  LYS A CE  1 
ATOM   678  N NZ  A LYS A 1 83  ? 11.252  9.899   -9.556  0.50 30.84 ?  79  LYS A NZ  1 
ATOM   679  N NZ  B LYS A 1 83  ? 10.490  11.171  -9.496  0.50 38.47 ?  79  LYS A NZ  1 
ATOM   680  N N   . VAL A 1 84  ? 5.870   4.992   -11.316 1.00 19.69 ?  80  VAL A N   1 
ATOM   681  C CA  . VAL A 1 84  ? 5.288   3.745   -11.729 1.00 17.57 ?  80  VAL A CA  1 
ATOM   682  C C   . VAL A 1 84  ? 3.886   3.972   -12.384 1.00 18.08 ?  80  VAL A C   1 
ATOM   683  O O   . VAL A 1 84  ? 3.317   5.011   -12.234 1.00 21.94 ?  80  VAL A O   1 
ATOM   684  C CB  . VAL A 1 84  ? 5.109   2.753   -10.537 1.00 17.52 ?  80  VAL A CB  1 
ATOM   685  C CG1 . VAL A 1 84  ? 6.447   2.500   -9.833  1.00 17.85 ?  80  VAL A CG1 1 
ATOM   686  C CG2 . VAL A 1 84  ? 4.064   3.262   -9.570  1.00 18.39 ?  80  VAL A CG2 1 
ATOM   687  N N   . LYS A 1 85  ? 3.428   2.990   -13.133 1.00 18.36 ?  81  LYS A N   1 
ATOM   688  C CA  A LYS A 1 85  ? 2.034   2.986   -13.633 0.50 19.41 ?  81  LYS A CA  1 
ATOM   689  C CA  B LYS A 1 85  ? 2.060   2.941   -13.676 0.50 19.87 ?  81  LYS A CA  1 
ATOM   690  C C   . LYS A 1 85  ? 1.234   2.022   -12.767 1.00 17.89 ?  81  LYS A C   1 
ATOM   691  O O   . LYS A 1 85  ? 1.579   0.839   -12.639 1.00 18.50 ?  81  LYS A O   1 
ATOM   692  C CB  A LYS A 1 85  ? 1.954   2.565   -15.103 0.50 22.20 ?  81  LYS A CB  1 
ATOM   693  C CB  B LYS A 1 85  ? 2.110   2.339   -15.084 0.50 22.78 ?  81  LYS A CB  1 
ATOM   694  C CG  A LYS A 1 85  ? 1.831   3.733   -16.087 0.50 22.70 ?  81  LYS A CG  1 
ATOM   695  C CG  B LYS A 1 85  ? 2.936   3.146   -16.098 0.50 24.81 ?  81  LYS A CG  1 
ATOM   696  C CD  A LYS A 1 85  ? 2.370   3.393   -17.468 0.50 23.54 ?  81  LYS A CD  1 
ATOM   697  C CD  B LYS A 1 85  ? 2.564   4.622   -16.075 0.50 27.59 ?  81  LYS A CD  1 
ATOM   698  C CE  A LYS A 1 85  ? 2.729   4.634   -18.273 0.50 27.31 ?  81  LYS A CE  1 
ATOM   699  C CE  B LYS A 1 85  ? 3.284   5.384   -17.185 0.50 27.80 ?  81  LYS A CE  1 
ATOM   700  N NZ  A LYS A 1 85  ? 1.961   5.827   -17.820 0.50 27.53 ?  81  LYS A NZ  1 
ATOM   701  N NZ  B LYS A 1 85  ? 2.638   6.703   -17.424 0.50 28.71 ?  81  LYS A NZ  1 
ATOM   702  N N   . SER A 1 86  ? 0.142   2.538   -12.172 1.00 16.27 ?  82  SER A N   1 
ATOM   703  C CA  . SER A 1 86  ? -0.606  1.770   -11.155 1.00 15.90 ?  82  SER A CA  1 
ATOM   704  C C   . SER A 1 86  ? -2.054  1.519   -11.603 1.00 14.73 ?  82  SER A C   1 
ATOM   705  O O   . SER A 1 86  ? -2.666  2.377   -12.233 1.00 16.85 ?  82  SER A O   1 
ATOM   706  C CB  . SER A 1 86  ? -0.607  2.508   -9.814  1.00 16.26 ?  82  SER A CB  1 
ATOM   707  O OG  . SER A 1 86  ? 0.719   2.513   -9.304  1.00 17.99 ?  82  SER A OG  1 
ATOM   708  N N   . THR A 1 87  ? -2.591  0.374   -11.210 1.00 15.00 ?  83  THR A N   1 
ATOM   709  C CA  . THR A 1 87  ? -4.011  0.130   -11.403 1.00 15.16 ?  83  THR A CA  1 
ATOM   710  C C   . THR A 1 87  ? -4.519  -0.557  -10.148 1.00 14.25 ?  83  THR A C   1 
ATOM   711  O O   . THR A 1 87  ? -3.853  -1.484  -9.619  1.00 14.68 ?  83  THR A O   1 
ATOM   712  C CB  . THR A 1 87  ? -4.303  -0.833  -12.576 1.00 16.07 ?  83  THR A CB  1 
ATOM   713  O OG1 . THR A 1 87  ? -3.686  -0.326  -13.790 1.00 17.57 ?  83  THR A OG1 1 
ATOM   714  C CG2 . THR A 1 87  ? -5.838  -0.893  -12.857 1.00 18.41 ?  83  THR A CG2 1 
ATOM   715  N N   . ILE A 1 88  ? -5.636  -0.050  -9.599  1.00 13.75 ?  84  ILE A N   1 
ATOM   716  C CA  . ILE A 1 88  ? -6.224  -0.669  -8.367  1.00 13.37 ?  84  ILE A CA  1 
ATOM   717  C C   . ILE A 1 88  ? -7.632  -1.171  -8.676  1.00 14.88 ?  84  ILE A C   1 
ATOM   718  O O   . ILE A 1 88  ? -8.441  -0.450  -9.305  1.00 14.92 ?  84  ILE A O   1 
ATOM   719  C CB  . ILE A 1 88  ? -6.246  0.339   -7.205  1.00 14.10 ?  84  ILE A CB  1 
ATOM   720  C CG1 . ILE A 1 88  ? -4.780  0.728   -6.880  1.00 13.84 ?  84  ILE A CG1 1 
ATOM   721  C CG2 . ILE A 1 88  ? -6.885  -0.276  -5.958  1.00 14.47 ?  84  ILE A CG2 1 
ATOM   722  C CD1 . ILE A 1 88  ? -4.578  1.807   -5.779  1.00 13.22 ?  84  ILE A CD1 1 
ATOM   723  N N   . THR A 1 89  ? -7.911  -2.408  -8.289  1.00 15.12 ?  85  THR A N   1 
ATOM   724  C CA  . THR A 1 89  ? -9.234  -3.019  -8.548  1.00 15.16 ?  85  THR A CA  1 
ATOM   725  C C   . THR A 1 89  ? -9.745  -3.699  -7.255  1.00 16.03 ?  85  THR A C   1 
ATOM   726  O O   . THR A 1 89  ? -8.978  -3.906  -6.319  1.00 14.72 ?  85  THR A O   1 
ATOM   727  C CB  . THR A 1 89  ? -9.127  -4.074  -9.692  1.00 17.25 ?  85  THR A CB  1 
ATOM   728  O OG1 . THR A 1 89  ? -8.112  -5.089  -9.387  1.00 20.46 ?  85  THR A OG1 1 
ATOM   729  C CG2 . THR A 1 89  ? -8.819  -3.406  -11.056 1.00 18.18 ?  85  THR A CG2 1 
ATOM   730  N N   . LEU A 1 90  ? -11.027 -4.071  -7.229  1.00 18.00 ?  86  LEU A N   1 
ATOM   731  C CA  . LEU A 1 90  ? -11.549 -4.880  -6.146  1.00 20.33 ?  86  LEU A CA  1 
ATOM   732  C C   . LEU A 1 90  ? -11.816 -6.266  -6.717  1.00 24.40 ?  86  LEU A C   1 
ATOM   733  O O   . LEU A 1 90  ? -12.486 -6.393  -7.736  1.00 29.52 ?  86  LEU A O   1 
ATOM   734  C CB  . LEU A 1 90  ? -12.838 -4.215  -5.692  1.00 25.55 ?  86  LEU A CB  1 
ATOM   735  C CG  . LEU A 1 90  ? -13.403 -3.991  -4.298  1.00 29.78 ?  86  LEU A CG  1 
ATOM   736  C CD1 . LEU A 1 90  ? -12.401 -4.064  -3.156  1.00 23.76 ?  86  LEU A CD1 1 
ATOM   737  C CD2 . LEU A 1 90  ? -14.180 -2.668  -4.312  1.00 25.18 ?  86  LEU A CD2 1 
ATOM   738  N N   . ASP A 1 91  ? -11.248 -7.291  -6.090  1.00 23.39 ?  87  ASP A N   1 
ATOM   739  C CA  . ASP A 1 91  ? -11.340 -8.681  -6.546  1.00 28.12 ?  87  ASP A CA  1 
ATOM   740  C C   . ASP A 1 91  ? -11.859 -9.490  -5.379  1.00 25.99 ?  87  ASP A C   1 
ATOM   741  O O   . ASP A 1 91  ? -11.105 -9.754  -4.442  1.00 24.91 ?  87  ASP A O   1 
ATOM   742  C CB  . ASP A 1 91  ? -9.931  -9.202  -6.947  1.00 36.10 ?  87  ASP A CB  1 
ATOM   743  C CG  . ASP A 1 91  ? -9.800  -10.769 -6.907  1.00 48.54 ?  87  ASP A CG  1 
ATOM   744  O OD1 . ASP A 1 91  ? -10.729 -11.507 -7.359  1.00 47.89 ?  87  ASP A OD1 1 
ATOM   745  O OD2 . ASP A 1 91  ? -8.743  -11.263 -6.413  1.00 54.69 ?  87  ASP A OD2 1 
ATOM   746  N N   . GLY A 1 92  ? -13.134 -9.884  -5.388  1.00 24.28 ?  88  GLY A N   1 
ATOM   747  C CA  . GLY A 1 92  ? -13.622 -10.729 -4.311  1.00 25.88 ?  88  GLY A CA  1 
ATOM   748  C C   . GLY A 1 92  ? -13.393 -10.142 -2.916  1.00 26.68 ?  88  GLY A C   1 
ATOM   749  O O   . GLY A 1 92  ? -12.981 -10.849 -1.982  1.00 27.57 ?  88  GLY A O   1 
ATOM   750  N N   . GLY A 1 93  ? -13.606 -8.835  -2.816  1.00 20.34 ?  89  GLY A N   1 
ATOM   751  C CA  . GLY A 1 93  ? -13.538 -8.093  -1.543  1.00 18.97 ?  89  GLY A CA  1 
ATOM   752  C C   . GLY A 1 93  ? -12.125 -7.648  -1.109  1.00 18.22 ?  89  GLY A C   1 
ATOM   753  O O   . GLY A 1 93  ? -11.950 -7.061  -0.037  1.00 21.25 ?  89  GLY A O   1 
ATOM   754  N N   . VAL A 1 94  ? -11.142 -7.917  -1.970  1.00 17.48 ?  90  VAL A N   1 
ATOM   755  C CA  . VAL A 1 94  ? -9.752  -7.521  -1.702  1.00 16.72 ?  90  VAL A CA  1 
ATOM   756  C C   . VAL A 1 94  ? -9.352  -6.341  -2.621  1.00 15.14 ?  90  VAL A C   1 
ATOM   757  O O   . VAL A 1 94  ? -9.634  -6.373  -3.820  1.00 16.59 ?  90  VAL A O   1 
ATOM   758  C CB  . VAL A 1 94  ? -8.807  -8.697  -1.925  1.00 18.70 ?  90  VAL A CB  1 
ATOM   759  C CG1 . VAL A 1 94  ? -7.353  -8.270  -1.742  1.00 16.96 ?  90  VAL A CG1 1 
ATOM   760  C CG2 . VAL A 1 94  ? -9.129  -9.881  -0.977  1.00 19.77 ?  90  VAL A CG2 1 
ATOM   761  N N   . LEU A 1 95  ? -8.693  -5.335  -2.083  1.00 13.84 ?  91  LEU A N   1 
ATOM   762  C CA  . LEU A 1 95  ? -8.228  -4.186  -2.913  1.00 16.05 ?  91  LEU A CA  1 
ATOM   763  C C   . LEU A 1 95  ? -6.846  -4.594  -3.426  1.00 16.07 ?  91  LEU A C   1 
ATOM   764  O O   . LEU A 1 95  ? -5.957  -4.808  -2.622  1.00 17.15 ?  91  LEU A O   1 
ATOM   765  C CB  . LEU A 1 95  ? -8.114  -2.875  -2.092  1.00 17.27 ?  91  LEU A CB  1 
ATOM   766  C CG  . LEU A 1 95  ? -9.278  -1.887  -1.882  1.00 19.06 ?  91  LEU A CG  1 
ATOM   767  C CD1 . LEU A 1 95  ? -8.968  -0.756  -0.865  1.00 21.98 ?  91  LEU A CD1 1 
ATOM   768  C CD2 . LEU A 1 95  ? -9.685  -1.340  -3.292  1.00 18.17 ?  91  LEU A CD2 1 
ATOM   769  N N   . VAL A 1 96  ? -6.688  -4.720  -4.755  1.00 15.22 ?  92  VAL A N   1 
ATOM   770  C CA  . VAL A 1 96  ? -5.468  -5.220  -5.408  1.00 14.83 ?  92  VAL A CA  1 
ATOM   771  C C   . VAL A 1 96  ? -4.807  -4.063  -6.189  1.00 15.27 ?  92  VAL A C   1 
ATOM   772  O O   . VAL A 1 96  ? -5.416  -3.508  -7.135  1.00 15.40 ?  92  VAL A O   1 
ATOM   773  C CB  . VAL A 1 96  ? -5.815  -6.372  -6.377  1.00 15.37 ?  92  VAL A CB  1 
ATOM   774  C CG1 . VAL A 1 96  ? -4.539  -6.917  -6.972  1.00 16.89 ?  92  VAL A CG1 1 
ATOM   775  C CG2 . VAL A 1 96  ? -6.519  -7.450  -5.565  1.00 16.95 ?  92  VAL A CG2 1 
ATOM   776  N N   . HIS A 1 97  ? -3.575  -3.726  -5.784  1.00 13.41 ?  93  HIS A N   1 
ATOM   777  C CA  . HIS A 1 97  ? -2.859  -2.549  -6.367  1.00 14.70 ?  93  HIS A CA  1 
ATOM   778  C C   . HIS A 1 97  ? -1.643  -3.165  -7.079  1.00 15.12 ?  93  HIS A C   1 
ATOM   779  O O   . HIS A 1 97  ? -0.756  -3.701  -6.421  1.00 15.20 ?  93  HIS A O   1 
ATOM   780  C CB  . HIS A 1 97  ? -2.400  -1.674  -5.204  1.00 14.82 ?  93  HIS A CB  1 
ATOM   781  C CG  . HIS A 1 97  ? -1.615  -0.430  -5.564  1.00 15.89 ?  93  HIS A CG  1 
ATOM   782  N ND1 . HIS A 1 97  ? -1.243  0.505   -4.605  1.00 17.60 ?  93  HIS A ND1 1 
ATOM   783  C CD2 . HIS A 1 97  ? -1.180  0.055   -6.748  1.00 15.38 ?  93  HIS A CD2 1 
ATOM   784  C CE1 . HIS A 1 97  ? -0.595  1.496   -5.190  1.00 17.58 ?  93  HIS A CE1 1 
ATOM   785  N NE2 . HIS A 1 97  ? -0.548  1.264   -6.489  1.00 17.61 ?  93  HIS A NE2 1 
ATOM   786  N N   . VAL A 1 98  ? -1.613  -3.061  -8.420  1.00 13.29 ?  94  VAL A N   1 
ATOM   787  C CA  . VAL A 1 98  ? -0.479  -3.486  -9.206  1.00 15.32 ?  94  VAL A CA  1 
ATOM   788  C C   . VAL A 1 98  ? 0.337   -2.252  -9.651  1.00 14.87 ?  94  VAL A C   1 
ATOM   789  O O   . VAL A 1 98  ? -0.255  -1.237  -10.093 1.00 17.47 ?  94  VAL A O   1 
ATOM   790  C CB  . VAL A 1 98  ? -0.972  -4.338  -10.396 1.00 16.18 ?  94  VAL A CB  1 
ATOM   791  C CG1 . VAL A 1 98  ? 0.229   -4.883  -11.194 1.00 16.14 ?  94  VAL A CG1 1 
ATOM   792  C CG2 . VAL A 1 98  ? -1.779  -5.525  -9.847  1.00 18.61 ?  94  VAL A CG2 1 
ATOM   793  N N   . GLN A 1 99  ? 1.678   -2.290  -9.510  1.00 14.96 ?  95  GLN A N   1 
ATOM   794  C CA  . GLN A 1 99  ? 2.540   -1.194  -9.953  1.00 16.13 ?  95  GLN A CA  1 
ATOM   795  C C   . GLN A 1 99  ? 3.528   -1.749  -10.960 1.00 18.52 ?  95  GLN A C   1 
ATOM   796  O O   . GLN A 1 99  ? 4.177   -2.782  -10.651 1.00 16.23 ?  95  GLN A O   1 
ATOM   797  C CB  . GLN A 1 99  ? 3.411   -0.624  -8.800  1.00 15.59 ?  95  GLN A CB  1 
ATOM   798  C CG  . GLN A 1 99  ? 2.655   0.147   -7.722  1.00 18.12 ?  95  GLN A CG  1 
ATOM   799  C CD  . GLN A 1 99  ? 3.501   0.456   -6.484  1.00 17.47 ?  95  GLN A CD  1 
ATOM   800  O OE1 . GLN A 1 99  ? 4.574   -0.122  -6.283  1.00 19.49 ?  95  GLN A OE1 1 
ATOM   801  N NE2 . GLN A 1 99  ? 3.065   1.420   -5.696  1.00 18.39 ?  95  GLN A NE2 1 
ATOM   802  N N   . LYS A 1 100 ? 3.650   -1.077  -12.117 1.00 18.16 ?  96  LYS A N   1 
ATOM   803  C CA  . LYS A 1 100 ? 4.593   -1.493  -13.197 1.00 20.22 ?  96  LYS A CA  1 
ATOM   804  C C   . LYS A 1 100 ? 5.633   -0.396  -13.446 1.00 20.06 ?  96  LYS A C   1 
ATOM   805  O O   . LYS A 1 100 ? 5.285   0.761   -13.539 1.00 21.27 ?  96  LYS A O   1 
ATOM   806  C CB  . LYS A 1 100 ? 3.851   -1.745  -14.521 1.00 23.88 ?  96  LYS A CB  1 
ATOM   807  C CG  . LYS A 1 100 ? 2.670   -2.727  -14.503 1.00 27.50 ?  96  LYS A CG  1 
ATOM   808  C CD  . LYS A 1 100 ? 3.127   -4.146  -14.311 1.00 31.25 ?  96  LYS A CD  1 
ATOM   809  C CE  . LYS A 1 100 ? 1.973   -5.109  -14.579 1.00 31.60 ?  96  LYS A CE  1 
ATOM   810  N NZ  . LYS A 1 100 ? 2.250   -6.479  -14.090 1.00 31.84 ?  96  LYS A NZ  1 
ATOM   811  N N   . TRP A 1 101 ? 6.925   -0.764  -13.495 1.00 19.53 ?  97  TRP A N   1 
ATOM   812  C CA  . TRP A 1 101 ? 7.979   0.161   -13.897 1.00 23.44 ?  97  TRP A CA  1 
ATOM   813  C C   . TRP A 1 101 ? 9.183   -0.660  -14.416 1.00 25.37 ?  97  TRP A C   1 
ATOM   814  O O   . TRP A 1 101 ? 9.416   -1.772  -13.939 1.00 26.17 ?  97  TRP A O   1 
ATOM   815  C CB  . TRP A 1 101 ? 8.362   1.065   -12.734 1.00 22.73 ?  97  TRP A CB  1 
ATOM   816  C CG  . TRP A 1 101 ? 9.227   0.353   -11.694 1.00 22.68 ?  97  TRP A CG  1 
ATOM   817  C CD1 . TRP A 1 101 ? 10.576  0.554   -11.494 1.00 25.08 ?  97  TRP A CD1 1 
ATOM   818  C CD2 . TRP A 1 101 ? 8.839   -0.698  -10.766 1.00 21.86 ?  97  TRP A CD2 1 
ATOM   819  N NE1 . TRP A 1 101 ? 11.041  -0.290  -10.497 1.00 22.67 ?  97  TRP A NE1 1 
ATOM   820  C CE2 . TRP A 1 101 ? 9.996   -1.059  -10.037 1.00 22.80 ?  97  TRP A CE2 1 
ATOM   821  C CE3 . TRP A 1 101 ? 7.627   -1.354  -10.466 1.00 21.44 ?  97  TRP A CE3 1 
ATOM   822  C CZ2 . TRP A 1 101 ? 9.978   -2.028  -9.038  1.00 22.48 ?  97  TRP A CZ2 1 
ATOM   823  C CZ3 . TRP A 1 101 ? 7.627   -2.350  -9.439  1.00 19.07 ?  97  TRP A CZ3 1 
ATOM   824  C CH2 . TRP A 1 101 ? 8.789   -2.649  -8.747  1.00 20.70 ?  97  TRP A CH2 1 
ATOM   825  N N   . ASP A 1 102 ? 9.863   -0.154  -15.461 1.00 30.62 ?  98  ASP A N   1 
ATOM   826  C CA  . ASP A 1 102 ? 11.073  -0.808  -16.019 1.00 30.88 ?  98  ASP A CA  1 
ATOM   827  C C   . ASP A 1 102 ? 11.005  -2.308  -16.183 1.00 30.84 ?  98  ASP A C   1 
ATOM   828  O O   . ASP A 1 102 ? 11.949  -3.000  -15.798 1.00 35.38 ?  98  ASP A O   1 
ATOM   829  C CB  . ASP A 1 102 ? 12.287  -0.501  -15.124 1.00 37.18 ?  98  ASP A CB  1 
ATOM   830  C CG  . ASP A 1 102 ? 12.517  0.979   -14.959 1.00 45.73 ?  98  ASP A CG  1 
ATOM   831  O OD1 . ASP A 1 102 ? 12.113  1.745   -15.866 1.00 57.20 ?  98  ASP A OD1 1 
ATOM   832  O OD2 . ASP A 1 102 ? 13.091  1.387   -13.929 1.00 48.78 ?  98  ASP A OD2 1 
ATOM   833  N N   . GLY A 1 103 ? 9.926   -2.839  -16.737 1.00 27.74 ?  99  GLY A N   1 
ATOM   834  C CA  . GLY A 1 103 ? 9.831   -4.286  -16.958 1.00 31.87 ?  99  GLY A CA  1 
ATOM   835  C C   . GLY A 1 103 ? 9.502   -5.113  -15.724 1.00 32.71 ?  99  GLY A C   1 
ATOM   836  O O   . GLY A 1 103 ? 9.326   -6.357  -15.825 1.00 32.49 ?  99  GLY A O   1 
ATOM   837  N N   . LYS A 1 104 ? 9.372   -4.427  -14.572 1.00 26.54 ?  100 LYS A N   1 
ATOM   838  C CA  . LYS A 1 104 ? 9.080   -5.115  -13.286 1.00 24.74 ?  100 LYS A CA  1 
ATOM   839  C C   . LYS A 1 104 ? 7.624   -4.911  -12.837 1.00 22.18 ?  100 LYS A C   1 
ATOM   840  O O   . LYS A 1 104 ? 6.899   -4.077  -13.417 1.00 20.33 ?  100 LYS A O   1 
ATOM   841  C CB  . LYS A 1 104 ? 10.009  -4.572  -12.230 1.00 27.66 ?  100 LYS A CB  1 
ATOM   842  C CG  . LYS A 1 104 ? 11.455  -4.940  -12.529 1.00 34.95 ?  100 LYS A CG  1 
ATOM   843  C CD  . LYS A 1 104 ? 12.356  -4.099  -11.656 1.00 35.76 ?  100 LYS A CD  1 
ATOM   844  C CE  . LYS A 1 104 ? 13.458  -3.457  -12.460 1.00 43.40 ?  100 LYS A CE  1 
ATOM   845  N NZ  . LYS A 1 104 ? 14.236  -2.619  -11.514 1.00 47.62 ?  100 LYS A NZ  1 
ATOM   846  N N   . SER A 1 105 ? 7.225   -5.654  -11.805 1.00 22.05 ?  101 SER A N   1 
ATOM   847  C CA  . SER A 1 105 ? 5.872   -5.554  -11.255 1.00 19.23 ?  101 SER A CA  1 
ATOM   848  C C   . SER A 1 105 ? 5.865   -5.943  -9.794  1.00 19.42 ?  101 SER A C   1 
ATOM   849  O O   . SER A 1 105 ? 6.549   -6.886  -9.380  1.00 20.15 ?  101 SER A O   1 
ATOM   850  C CB  . SER A 1 105 ? 4.952   -6.516  -11.997 1.00 21.80 ?  101 SER A CB  1 
ATOM   851  O OG  . SER A 1 105 ? 3.572   -6.329  -11.680 1.00 25.12 ?  101 SER A OG  1 
ATOM   852  N N   . THR A 1 106 ? 5.021   -5.266  -9.033  1.00 16.43 ?  102 THR A N   1 
ATOM   853  C CA  . THR A 1 106 ? 4.826   -5.637  -7.638  1.00 15.88 ?  102 THR A CA  1 
ATOM   854  C C   . THR A 1 106 ? 3.328   -5.470  -7.351  1.00 16.08 ?  102 THR A C   1 
ATOM   855  O O   . THR A 1 106 ? 2.660   -4.670  -8.022  1.00 15.84 ?  102 THR A O   1 
ATOM   856  C CB  . THR A 1 106 ? 5.706   -4.824  -6.641  1.00 17.91 ?  102 THR A CB  1 
ATOM   857  O OG1 . THR A 1 106 ? 5.540   -5.418  -5.324  1.00 19.03 ?  102 THR A OG1 1 
ATOM   858  C CG2 . THR A 1 106 ? 5.386   -3.359  -6.574  1.00 20.64 ?  102 THR A CG2 1 
ATOM   859  N N   . THR A 1 107 ? 2.818   -6.229  -6.379  1.00 15.40 ?  103 THR A N   1 
ATOM   860  C CA  . THR A 1 107 ? 1.378   -6.184  -6.070  1.00 16.66 ?  103 THR A CA  1 
ATOM   861  C C   . THR A 1 107 ? 1.216   -5.981  -4.569  1.00 15.62 ?  103 THR A C   1 
ATOM   862  O O   . THR A 1 107 ? 1.891   -6.617  -3.761  1.00 17.10 ?  103 THR A O   1 
ATOM   863  C CB  . THR A 1 107 ? 0.655   -7.470  -6.580  1.00 17.09 ?  103 THR A CB  1 
ATOM   864  O OG1 . THR A 1 107 ? 0.772   -7.536  -8.010  1.00 20.79 ?  103 THR A OG1 1 
ATOM   865  C CG2 . THR A 1 107 ? -0.864  -7.431  -6.290  1.00 19.97 ?  103 THR A CG2 1 
ATOM   866  N N   . ILE A 1 108 ? 0.292   -5.092  -4.197  1.00 15.99 ?  104 ILE A N   1 
ATOM   867  C CA  . ILE A 1 108 ? 0.025   -4.799  -2.787  1.00 14.47 ?  104 ILE A CA  1 
ATOM   868  C C   . ILE A 1 108 ? -1.455  -5.125  -2.628  1.00 14.58 ?  104 ILE A C   1 
ATOM   869  O O   . ILE A 1 108 ? -2.274  -4.549  -3.324  1.00 15.09 ?  104 ILE A O   1 
ATOM   870  C CB  . ILE A 1 108 ? 0.327   -3.311  -2.450  1.00 15.45 ?  104 ILE A CB  1 
ATOM   871  C CG1 . ILE A 1 108 ? 1.820   -3.022  -2.751  1.00 16.80 ?  104 ILE A CG1 1 
ATOM   872  C CG2 . ILE A 1 108 ? -0.008  -3.015  -0.993  1.00 14.24 ?  104 ILE A CG2 1 
ATOM   873  C CD1 . ILE A 1 108 ? 1.942   -1.857  -3.726  1.00 21.70 ?  104 ILE A CD1 1 
ATOM   874  N N   . LYS A 1 109 ? -1.786  -6.024  -1.710  1.00 15.18 ?  105 LYS A N   1 
ATOM   875  C CA  . LYS A 1 109 ? -3.208  -6.354  -1.505  1.00 14.87 ?  105 LYS A CA  1 
ATOM   876  C C   . LYS A 1 109 ? -3.616  -5.899  -0.144  1.00 14.66 ?  105 LYS A C   1 
ATOM   877  O O   . LYS A 1 109 ? -2.826  -6.016  0.791   1.00 16.70 ?  105 LYS A O   1 
ATOM   878  C CB  . LYS A 1 109 ? -3.409  -7.857  -1.573  1.00 15.09 ?  105 LYS A CB  1 
ATOM   879  C CG  . LYS A 1 109 ? -3.137  -8.431  -2.973  1.00 19.19 ?  105 LYS A CG  1 
ATOM   880  C CD  . LYS A 1 109 ? -3.701  -9.842  -3.092  1.00 24.07 ?  105 LYS A CD  1 
ATOM   881  C CE  . LYS A 1 109 ? -3.267  -10.447 -4.420  1.00 27.96 ?  105 LYS A CE  1 
ATOM   882  N NZ  . LYS A 1 109 ? -3.821  -11.815 -4.648  1.00 31.79 ?  105 LYS A NZ  1 
ATOM   883  N N   . ARG A 1 110 ? -4.822  -5.331  -0.022  1.00 14.27 ?  106 ARG A N   1 
ATOM   884  C CA  . ARG A 1 110 ? -5.359  -4.913  1.318   1.00 15.12 ?  106 ARG A CA  1 
ATOM   885  C C   . ARG A 1 110 ? -6.661  -5.696  1.559   1.00 15.83 ?  106 ARG A C   1 
ATOM   886  O O   . ARG A 1 110 ? -7.552  -5.710  0.702   1.00 14.98 ?  106 ARG A O   1 
ATOM   887  C CB  . ARG A 1 110 ? -5.669  -3.419  1.314   1.00 16.52 ?  106 ARG A CB  1 
ATOM   888  C CG  . ARG A 1 110 ? -4.409  -2.533  1.221   1.00 18.59 ?  106 ARG A CG  1 
ATOM   889  C CD  . ARG A 1 110 ? -4.883  -1.106  1.018   1.00 23.38 ?  106 ARG A CD  1 
ATOM   890  N NE  . ARG A 1 110 ? -3.782  -0.177  1.225   1.00 25.51 ?  106 ARG A NE  1 
ATOM   891  C CZ  . ARG A 1 110 ? -2.851  0.173   0.335   1.00 24.83 ?  106 ARG A CZ  1 
ATOM   892  N NH1 . ARG A 1 110 ? -2.852  -0.263  -0.914  1.00 24.41 ?  106 ARG A NH1 1 
ATOM   893  N NH2 . ARG A 1 110 ? -1.923  1.067   0.714   1.00 27.24 ?  106 ARG A NH2 1 
ATOM   894  N N   . LYS A 1 111 ? -6.748  -6.355  2.720   1.00 16.63 ?  107 LYS A N   1 
ATOM   895  C CA  . LYS A 1 111 ? -7.951  -7.127  3.025   1.00 18.12 ?  107 LYS A CA  1 
ATOM   896  C C   . LYS A 1 111 ? -8.394  -6.915  4.447   1.00 18.07 ?  107 LYS A C   1 
ATOM   897  O O   . LYS A 1 111 ? -7.554  -6.700  5.347   1.00 18.58 ?  107 LYS A O   1 
ATOM   898  C CB  . LYS A 1 111 ? -7.816  -8.614  2.687   1.00 23.30 ?  107 LYS A CB  1 
ATOM   899  C CG  . LYS A 1 111 ? -6.532  -9.280  3.089   1.00 28.38 ?  107 LYS A CG  1 
ATOM   900  C CD  . LYS A 1 111 ? -6.350  -10.668 2.414   1.00 33.36 ?  107 LYS A CD  1 
ATOM   901  C CE  . LYS A 1 111 ? -5.588  -10.657 1.096   1.00 35.21 ?  107 LYS A CE  1 
ATOM   902  N NZ  . LYS A 1 111 ? -5.132  -12.058 0.792   1.00 38.00 ?  107 LYS A NZ  1 
ATOM   903  N N   . ARG A 1 112 ? -9.725  -6.891  4.652   1.00 17.26 ?  108 ARG A N   1 
ATOM   904  C CA  . ARG A 1 112 ? -10.243 -6.831  6.027   1.00 17.86 ?  108 ARG A CA  1 
ATOM   905  C C   . ARG A 1 112 ? -10.332 -8.238  6.564   1.00 17.62 ?  108 ARG A C   1 
ATOM   906  O O   . ARG A 1 112 ? -10.872 -9.133  5.924   1.00 19.45 ?  108 ARG A O   1 
ATOM   907  C CB  . ARG A 1 112 ? -11.650 -6.199  6.065   1.00 19.07 ?  108 ARG A CB  1 
ATOM   908  C CG  . ARG A 1 112 ? -11.710 -4.688  6.238   1.00 22.44 ?  108 ARG A CG  1 
ATOM   909  C CD  . ARG A 1 112 ? -11.140 -4.228  7.600   1.00 20.21 ?  108 ARG A CD  1 
ATOM   910  N NE  . ARG A 1 112 ? -11.707 -4.778  8.828   1.00 21.10 ?  108 ARG A NE  1 
ATOM   911  C CZ  . ARG A 1 112 ? -12.819 -4.330  9.418   1.00 20.71 ?  108 ARG A CZ  1 
ATOM   912  N NH1 . ARG A 1 112 ? -13.556 -3.373  8.839   1.00 19.54 ?  108 ARG A NH1 1 
ATOM   913  N NH2 . ARG A 1 112 ? -13.239 -4.877  10.549  1.00 22.75 ?  108 ARG A NH2 1 
ATOM   914  N N   . GLU A 1 113 ? -9.742  -8.451  7.741   1.00 17.51 ?  109 GLU A N   1 
ATOM   915  C CA  . GLU A 1 113 ? -9.752  -9.743  8.442   1.00 20.00 ?  109 GLU A CA  1 
ATOM   916  C C   . GLU A 1 113 ? -10.012 -9.471  9.910   1.00 21.15 ?  109 GLU A C   1 
ATOM   917  O O   . GLU A 1 113 ? -9.174  -8.859  10.592  1.00 18.28 ?  109 GLU A O   1 
ATOM   918  C CB  . GLU A 1 113 ? -8.412  -10.472 8.291   1.00 23.71 ?  109 GLU A CB  1 
ATOM   919  C CG  . GLU A 1 113 ? -8.103  -10.860 6.859   1.00 29.45 ?  109 GLU A CG  1 
ATOM   920  C CD  . GLU A 1 113 ? -6.737  -11.528 6.682   1.00 38.17 ?  109 GLU A CD  1 
ATOM   921  O OE1 . GLU A 1 113 ? -6.130  -11.970 7.695   1.00 36.38 ?  109 GLU A OE1 1 
ATOM   922  O OE2 . GLU A 1 113 ? -6.269  -11.618 5.503   1.00 38.74 ?  109 GLU A OE2 1 
ATOM   923  N N   . ASP A 1 114 ? -11.174 -9.927  10.422  1.00 20.64 ?  110 ASP A N   1 
ATOM   924  C CA  . ASP A 1 114 ? -11.543 -9.554  11.806  1.00 18.84 ?  110 ASP A CA  1 
ATOM   925  C C   . ASP A 1 114 ? -11.484 -8.027  11.950  1.00 19.38 ?  110 ASP A C   1 
ATOM   926  O O   . ASP A 1 114 ? -12.065 -7.349  11.079  1.00 16.41 ?  110 ASP A O   1 
ATOM   927  C CB  . ASP A 1 114 ? -10.701 -10.340 12.847  1.00 21.84 ?  110 ASP A CB  1 
ATOM   928  C CG  . ASP A 1 114 ? -10.814 -11.860 12.657  1.00 28.52 ?  110 ASP A CG  1 
ATOM   929  O OD1 . ASP A 1 114 ? -11.934 -12.310 12.421  1.00 30.98 ?  110 ASP A OD1 1 
ATOM   930  O OD2 . ASP A 1 114 ? -9.813  -12.618 12.756  1.00 32.80 ?  110 ASP A OD2 1 
ATOM   931  N N   . ASP A 1 115 ? -10.854 -7.465  12.998  1.00 19.02 ?  111 ASP A N   1 
ATOM   932  C CA  . ASP A 1 115 ? -10.796 -5.988  13.198  1.00 19.45 ?  111 ASP A CA  1 
ATOM   933  C C   . ASP A 1 115 ? -9.554  -5.343  12.585  1.00 19.30 ?  111 ASP A C   1 
ATOM   934  O O   . ASP A 1 115 ? -9.204  -4.193  12.890  1.00 23.90 ?  111 ASP A O   1 
ATOM   935  C CB  . ASP A 1 115 ? -10.939 -5.616  14.686  1.00 20.44 ?  111 ASP A CB  1 
ATOM   936  C CG  . ASP A 1 115 ? -12.354 -5.824  15.172  1.00 22.09 ?  111 ASP A CG  1 
ATOM   937  O OD1 . ASP A 1 115 ? -13.280 -5.552  14.387  1.00 24.90 ?  111 ASP A OD1 1 
ATOM   938  O OD2 . ASP A 1 115 ? -12.524 -6.315  16.291  1.00 28.86 ?  111 ASP A OD2 1 
ATOM   939  N N   . LYS A 1 116 ? -8.897  -6.103  11.740  1.00 19.13 ?  112 LYS A N   1 
ATOM   940  C CA  . LYS A 1 116 ? -7.605  -5.676  11.138  1.00 17.34 ?  112 LYS A CA  1 
ATOM   941  C C   . LYS A 1 116 ? -7.722  -5.394  9.650   1.00 18.76 ?  112 LYS A C   1 
ATOM   942  O O   . LYS A 1 116 ? -8.582  -5.993  8.966   1.00 17.97 ?  112 LYS A O   1 
ATOM   943  C CB  . LYS A 1 116 ? -6.591  -6.792  11.335  1.00 21.49 ?  112 LYS A CB  1 
ATOM   944  C CG  . LYS A 1 116 ? -6.289  -7.018  12.822  1.00 28.28 ?  112 LYS A CG  1 
ATOM   945  C CD  . LYS A 1 116 ? -5.590  -8.341  13.039  1.00 33.48 ?  112 LYS A CD  1 
ATOM   946  C CE  . LYS A 1 116 ? -5.216  -8.538  14.513  1.00 38.78 ?  112 LYS A CE  1 
ATOM   947  N NZ  . LYS A 1 116 ? -6.414  -8.586  15.400  1.00 46.47 ?  112 LYS A NZ  1 
ATOM   948  N N   . LEU A 1 117 ? -6.831  -4.545  9.158   1.00 17.54 ?  113 LEU A N   1 
ATOM   949  C CA  . LEU A 1 117 ? -6.632  -4.346  7.727   1.00 16.96 ?  113 LEU A CA  1 
ATOM   950  C C   . LEU A 1 117 ? -5.235  -4.900  7.493   1.00 16.64 ?  113 LEU A C   1 
ATOM   951  O O   . LEU A 1 117 ? -4.261  -4.429  8.110   1.00 17.97 ?  113 LEU A O   1 
ATOM   952  C CB  . LEU A 1 117 ? -6.729  -2.878  7.366   1.00 20.80 ?  113 LEU A CB  1 
ATOM   953  C CG  . LEU A 1 117 ? -6.782  -2.535  5.874   1.00 23.37 ?  113 LEU A CG  1 
ATOM   954  C CD1 . LEU A 1 117 ? -7.372  -1.138  5.735   1.00 21.97 ?  113 LEU A CD1 1 
ATOM   955  C CD2 . LEU A 1 117 ? -5.350  -2.542  5.434   1.00 24.55 ?  113 LEU A CD2 1 
ATOM   956  N N   . VAL A 1 118 ? -5.178  -5.964  6.684   1.00 15.01 ?  114 VAL A N   1 
ATOM   957  C CA  . VAL A 1 118 ? -3.958  -6.760  6.487   1.00 15.91 ?  114 VAL A CA  1 
ATOM   958  C C   . VAL A 1 118 ? -3.433  -6.388  5.110   1.00 16.63 ?  114 VAL A C   1 
ATOM   959  O O   . VAL A 1 118 ? -4.175  -6.514  4.134   1.00 17.24 ?  114 VAL A O   1 
ATOM   960  C CB  . VAL A 1 118 ? -4.226  -8.281  6.551   1.00 16.39 ?  114 VAL A CB  1 
ATOM   961  C CG1 . VAL A 1 118 ? -2.930  -9.040  6.279   1.00 19.16 ?  114 VAL A CG1 1 
ATOM   962  C CG2 . VAL A 1 118 ? -4.719  -8.644  7.945   1.00 18.10 ?  114 VAL A CG2 1 
ATOM   963  N N   . VAL A 1 119 ? -2.181  -5.899  5.068   1.00 16.36 ?  115 VAL A N   1 
ATOM   964  C CA  . VAL A 1 119 ? -1.543  -5.406  3.794   1.00 16.88 ?  115 VAL A CA  1 
ATOM   965  C C   . VAL A 1 119 ? -0.472  -6.456  3.395   1.00 16.87 ?  115 VAL A C   1 
ATOM   966  O O   . VAL A 1 119 ? 0.476   -6.696  4.181   1.00 18.57 ?  115 VAL A O   1 
ATOM   967  C CB  . VAL A 1 119 ? -0.937  -4.010  3.976   1.00 17.02 ?  115 VAL A CB  1 
ATOM   968  C CG1 . VAL A 1 119 ? -0.354  -3.476  2.674   1.00 16.63 ?  115 VAL A CG1 1 
ATOM   969  C CG2 . VAL A 1 119 ? -1.970  -3.019  4.522   1.00 19.32 ?  115 VAL A CG2 1 
ATOM   970  N N   . GLU A 1 120 ? -0.608  -7.067  2.212   1.00 15.87 ?  116 GLU A N   1 
ATOM   971  C CA  . GLU A 1 120 ? 0.365   -8.090  1.745   1.00 16.48 ?  116 GLU A CA  1 
ATOM   972  C C   . GLU A 1 120 ? 1.078   -7.568  0.513   1.00 15.95 ?  116 GLU A C   1 
ATOM   973  O O   . GLU A 1 120 ? 0.436   -7.272  -0.516  1.00 15.89 ?  116 GLU A O   1 
ATOM   974  C CB  . GLU A 1 120 ? -0.329  -9.418  1.455   1.00 21.08 ?  116 GLU A CB  1 
ATOM   975  C CG  . GLU A 1 120 ? -0.796  -10.123 2.717   1.00 29.27 ?  116 GLU A CG  1 
ATOM   976  C CD  . GLU A 1 120 ? -1.813  -11.250 2.478   1.00 36.38 ?  116 GLU A CD  1 
ATOM   977  O OE1 . GLU A 1 120 ? -2.382  -11.370 1.347   1.00 41.87 ?  116 GLU A OE1 1 
ATOM   978  O OE2 . GLU A 1 120 ? -2.074  -12.013 3.456   1.00 40.55 ?  116 GLU A OE2 1 
ATOM   979  N N   . CYS A 1 121 ? 2.409   -7.494  0.582   1.00 15.66 ?  117 CYS A N   1 
ATOM   980  C CA  . CYS A 1 121 ? 3.184   -6.865  -0.523  1.00 16.36 ?  117 CYS A CA  1 
ATOM   981  C C   . CYS A 1 121 ? 4.067   -7.948  -1.124  1.00 17.77 ?  117 CYS A C   1 
ATOM   982  O O   . CYS A 1 121 ? 4.798   -8.646  -0.363  1.00 17.92 ?  117 CYS A O   1 
ATOM   983  C CB  . CYS A 1 121 ? 4.076   -5.764  0.020   1.00 17.38 ?  117 CYS A CB  1 
ATOM   984  S SG  . CYS A 1 121 ? 3.282   -4.603  1.150   1.00 24.19 ?  117 CYS A SG  1 
ATOM   985  N N   . VAL A 1 122 ? 4.022   -8.105  -2.470  1.00 18.31 ?  118 VAL A N   1 
ATOM   986  C CA  . VAL A 1 122 ? 4.692   -9.277  -3.084  1.00 19.57 ?  118 VAL A CA  1 
ATOM   987  C C   . VAL A 1 122 ? 5.519   -8.841  -4.279  1.00 20.35 ?  118 VAL A C   1 
ATOM   988  O O   . VAL A 1 122 ? 5.021   -8.141  -5.116  1.00 20.48 ?  118 VAL A O   1 
ATOM   989  C CB  . VAL A 1 122 ? 3.686   -10.339 -3.566  1.00 22.33 ?  118 VAL A CB  1 
ATOM   990  C CG1 . VAL A 1 122 ? 4.441   -11.445 -4.303  1.00 25.60 ?  118 VAL A CG1 1 
ATOM   991  C CG2 . VAL A 1 122 ? 2.927   -10.932 -2.395  1.00 23.23 ?  118 VAL A CG2 1 
ATOM   992  N N   . MET A 1 123 ? 6.792   -9.219  -4.326  1.00 19.64 ?  119 MET A N   1 
ATOM   993  C CA  . MET A 1 123 ? 7.619   -8.953  -5.497  1.00 22.79 ?  119 MET A CA  1 
ATOM   994  C C   . MET A 1 123 ? 8.451   -10.213 -5.689  1.00 25.13 ?  119 MET A C   1 
ATOM   995  O O   . MET A 1 123 ? 9.207   -10.593 -4.776  1.00 23.11 ?  119 MET A O   1 
ATOM   996  C CB  . MET A 1 123 ? 8.530   -7.783  -5.138  1.00 23.18 ?  119 MET A CB  1 
ATOM   997  C CG  . MET A 1 123 ? 9.766   -7.633  -6.043  1.00 32.62 ?  119 MET A CG  1 
ATOM   998  S SD  . MET A 1 123 ? 9.419   -6.356  -7.230  1.00 29.09 ?  119 MET A SD  1 
ATOM   999  C CE  . MET A 1 123 ? 10.644  -6.398  -8.547  1.00 31.69 ?  119 MET A CE  1 
ATOM   1000 N N   A LYS A 1 124 ? 8.243   -10.853 -6.848  0.50 27.16 ?  120 LYS A N   1 
ATOM   1001 N N   B LYS A 1 124 ? 8.361   -10.855 -6.858  0.50 27.38 ?  120 LYS A N   1 
ATOM   1002 C CA  A LYS A 1 124 ? 8.828   -12.146 -7.177  0.50 28.21 ?  120 LYS A CA  1 
ATOM   1003 C CA  B LYS A 1 124 ? 9.198   -12.037 -7.188  0.50 28.46 ?  120 LYS A CA  1 
ATOM   1004 C C   A LYS A 1 124 ? 8.432   -13.154 -6.117  0.50 26.73 ?  120 LYS A C   1 
ATOM   1005 C C   B LYS A 1 124 ? 9.505   -12.972 -6.020  0.50 27.64 ?  120 LYS A C   1 
ATOM   1006 O O   A LYS A 1 124 ? 7.245   -13.392 -5.866  0.50 30.25 ?  120 LYS A O   1 
ATOM   1007 O O   B LYS A 1 124 ? 10.669  -13.134 -5.615  0.50 26.72 ?  120 LYS A O   1 
ATOM   1008 C CB  A LYS A 1 124 ? 10.361  -12.023 -7.261  0.50 27.39 ?  120 LYS A CB  1 
ATOM   1009 C CB  B LYS A 1 124 ? 10.505  -11.609 -7.852  0.50 29.01 ?  120 LYS A CB  1 
ATOM   1010 C CG  A LYS A 1 124 ? 10.860  -11.174 -8.426  0.50 31.72 ?  120 LYS A CG  1 
ATOM   1011 C CG  B LYS A 1 124 ? 10.315  -11.128 -9.290  0.50 27.59 ?  120 LYS A CG  1 
ATOM   1012 C CD  A LYS A 1 124 ? 12.373  -11.058 -8.429  0.50 33.09 ?  120 LYS A CD  1 
ATOM   1013 C CD  B LYS A 1 124 ? 11.557  -10.408 -9.794  0.50 31.07 ?  120 LYS A CD  1 
ATOM   1014 C CE  A LYS A 1 124 ? 13.020  -11.986 -9.447  0.50 31.91 ?  120 LYS A CE  1 
ATOM   1015 C CE  B LYS A 1 124 ? 11.527  -10.231 -11.305 0.50 32.72 ?  120 LYS A CE  1 
ATOM   1016 N NZ  A LYS A 1 124 ? 14.431  -12.325 -9.115  0.50 32.26 ?  120 LYS A NZ  1 
ATOM   1017 N NZ  B LYS A 1 124 ? 12.903  -10.153 -11.875 0.50 34.59 ?  120 LYS A NZ  1 
ATOM   1018 N N   A GLY A 1 125 ? 9.445   -13.706 -5.459  0.50 26.63 ?  121 GLY A N   1 
ATOM   1019 N N   B GLY A 1 125 ? 8.453   -13.575 -5.486  0.50 25.29 ?  121 GLY A N   1 
ATOM   1020 C CA  A GLY A 1 125 ? 9.245   -14.700 -4.427  0.50 25.70 ?  121 GLY A CA  1 
ATOM   1021 C CA  B GLY A 1 125 ? 8.591   -14.593 -4.466  0.50 25.51 ?  121 GLY A CA  1 
ATOM   1022 C C   A GLY A 1 125 ? 8.991   -14.159 -3.030  0.50 23.41 ?  121 GLY A C   1 
ATOM   1023 C C   B GLY A 1 125 ? 8.718   -14.099 -3.036  0.50 23.45 ?  121 GLY A C   1 
ATOM   1024 O O   A GLY A 1 125 ? 8.614   -14.933 -2.140  0.50 24.12 ?  121 GLY A O   1 
ATOM   1025 O O   B GLY A 1 125 ? 8.429   -14.876 -2.113  0.50 24.14 ?  121 GLY A O   1 
ATOM   1026 N N   . VAL A 1 126 ? 9.151   -12.846 -2.843  1.00 22.17 ?  122 VAL A N   1 
ATOM   1027 C CA  . VAL A 1 126 ? 9.217   -12.254 -1.489  1.00 20.75 ?  122 VAL A CA  1 
ATOM   1028 C C   . VAL A 1 126 ? 7.884   -11.589 -1.097  1.00 21.62 ?  122 VAL A C   1 
ATOM   1029 O O   . VAL A 1 126 ? 7.374   -10.730 -1.843  1.00 21.09 ?  122 VAL A O   1 
ATOM   1030 C CB  . VAL A 1 126 ? 10.397  -11.248 -1.393  1.00 21.20 ?  122 VAL A CB  1 
ATOM   1031 C CG1 . VAL A 1 126 ? 10.488  -10.598 -0.021  1.00 21.18 ?  122 VAL A CG1 1 
ATOM   1032 C CG2 . VAL A 1 126 ? 11.705  -11.947 -1.761  1.00 23.39 ?  122 VAL A CG2 1 
ATOM   1033 N N   . THR A 1 127 ? 7.327   -11.972 0.064   1.00 20.94 ?  123 THR A N   1 
ATOM   1034 C CA  . THR A 1 127 ? 6.089   -11.377 0.585   1.00 21.05 ?  123 THR A CA  1 
ATOM   1035 C C   . THR A 1 127 ? 6.332   -10.754 1.945   1.00 19.94 ?  123 THR A C   1 
ATOM   1036 O O   . THR A 1 127 ? 6.993   -11.373 2.807   1.00 22.60 ?  123 THR A O   1 
ATOM   1037 C CB  . THR A 1 127 ? 4.992   -12.446 0.787   1.00 25.96 ?  123 THR A CB  1 
ATOM   1038 O OG1 . THR A 1 127 ? 4.845   -13.218 -0.409  1.00 30.97 ?  123 THR A OG1 1 
ATOM   1039 C CG2 . THR A 1 127 ? 3.603   -11.801 1.258   1.00 25.73 ?  123 THR A CG2 1 
ATOM   1040 N N   . SER A 1 128 ? 5.825   -9.530  2.118   1.00 18.02 ?  124 SER A N   1 
ATOM   1041 C CA  . SER A 1 128 ? 5.842   -8.845  3.403   1.00 16.69 ?  124 SER A CA  1 
ATOM   1042 C C   . SER A 1 128 ? 4.388   -8.675  3.820   1.00 17.54 ?  124 SER A C   1 
ATOM   1043 O O   . SER A 1 128 ? 3.558   -8.385  2.982   1.00 18.35 ?  124 SER A O   1 
ATOM   1044 C CB  . SER A 1 128 ? 6.561   -7.502  3.261   1.00 16.01 ?  124 SER A CB  1 
ATOM   1045 O OG  . SER A 1 128 ? 6.408   -6.767  4.444   1.00 16.44 ?  124 SER A OG  1 
ATOM   1046 N N   . THR A 1 129 ? 4.095   -8.956  5.097   1.00 16.05 ?  125 THR A N   1 
ATOM   1047 C CA  . THR A 1 129 ? 2.770   -8.718  5.693   1.00 17.20 ?  125 THR A CA  1 
ATOM   1048 C C   . THR A 1 129 ? 2.843   -7.591  6.729   1.00 16.79 ?  125 THR A C   1 
ATOM   1049 O O   . THR A 1 129 ? 3.663   -7.621  7.694   1.00 17.56 ?  125 THR A O   1 
ATOM   1050 C CB  . THR A 1 129 ? 2.281   -10.011 6.342   1.00 19.89 ?  125 THR A CB  1 
ATOM   1051 O OG1 . THR A 1 129 ? 2.207   -11.054 5.335   1.00 22.65 ?  125 THR A OG1 1 
ATOM   1052 C CG2 . THR A 1 129 ? 0.888   -9.822  7.000   1.00 20.24 ?  125 THR A CG2 1 
ATOM   1053 N N   . ARG A 1 130 ? 1.951   -6.611  6.563   1.00 15.69 ?  126 ARG A N   1 
ATOM   1054 C CA  . ARG A 1 130 ? 1.830   -5.448  7.465   1.00 16.44 ?  126 ARG A CA  1 
ATOM   1055 C C   . ARG A 1 130 ? 0.414   -5.324  7.987   1.00 17.07 ?  126 ARG A C   1 
ATOM   1056 O O   . ARG A 1 130 ? -0.522  -5.275  7.191   1.00 18.13 ?  126 ARG A O   1 
ATOM   1057 C CB  . ARG A 1 130 ? 2.320   -4.165  6.781   1.00 17.80 ?  126 ARG A CB  1 
ATOM   1058 C CG  . ARG A 1 130 ? 3.839   -4.256  6.586   1.00 17.25 ?  126 ARG A CG  1 
ATOM   1059 C CD  . ARG A 1 130 ? 4.402   -3.251  5.600   1.00 19.46 ?  126 ARG A CD  1 
ATOM   1060 N NE  . ARG A 1 130 ? 4.293   -1.831  5.909   1.00 18.52 ?  126 ARG A NE  1 
ATOM   1061 C CZ  . ARG A 1 130 ? 5.104   -1.174  6.759   1.00 19.65 ?  126 ARG A CZ  1 
ATOM   1062 N NH1 . ARG A 1 130 ? 5.988   -1.840  7.518   1.00 16.57 ?  126 ARG A NH1 1 
ATOM   1063 N NH2 . ARG A 1 130 ? 4.995   0.130   6.920   1.00 21.16 ?  126 ARG A NH2 1 
ATOM   1064 N N   . VAL A 1 131 ? 0.252   -5.330  9.302   1.00 14.20 ?  127 VAL A N   1 
ATOM   1065 C CA  . VAL A 1 131 ? -1.089  -5.404  9.935   1.00 15.29 ?  127 VAL A CA  1 
ATOM   1066 C C   . VAL A 1 131 ? -1.417  -4.060  10.560  1.00 15.27 ?  127 VAL A C   1 
ATOM   1067 O O   . VAL A 1 131 ? -0.569  -3.470  11.246  1.00 15.35 ?  127 VAL A O   1 
ATOM   1068 C CB  . VAL A 1 131 ? -1.161  -6.564  10.998  1.00 16.74 ?  127 VAL A CB  1 
ATOM   1069 C CG1 . VAL A 1 131 ? -2.527  -6.584  11.728  1.00 18.08 ?  127 VAL A CG1 1 
ATOM   1070 C CG2 . VAL A 1 131 ? -0.869  -7.903  10.338  1.00 19.41 ?  127 VAL A CG2 1 
ATOM   1071 N N   . TYR A 1 132 ? -2.625  -3.540  10.282  1.00 14.30 ?  128 TYR A N   1 
ATOM   1072 C CA  . TYR A 1 132 ? -3.073  -2.248  10.813  1.00 15.27 ?  128 TYR A CA  1 
ATOM   1073 C C   . TYR A 1 132 ? -4.372  -2.475  11.647  1.00 16.96 ?  128 TYR A C   1 
ATOM   1074 O O   . TYR A 1 132 ? -5.140  -3.448  11.392  1.00 17.20 ?  128 TYR A O   1 
ATOM   1075 C CB  . TYR A 1 132 ? -3.425  -1.299  9.644   1.00 14.15 ?  128 TYR A CB  1 
ATOM   1076 C CG  . TYR A 1 132 ? -2.242  -0.740  8.856   1.00 13.95 ?  128 TYR A CG  1 
ATOM   1077 C CD1 . TYR A 1 132 ? -1.512  -1.506  7.946   1.00 15.13 ?  128 TYR A CD1 1 
ATOM   1078 C CD2 . TYR A 1 132 ? -1.836  0.548   9.096   1.00 15.21 ?  128 TYR A CD2 1 
ATOM   1079 C CE1 . TYR A 1 132 ? -0.423  -0.962  7.271   1.00 14.53 ?  128 TYR A CE1 1 
ATOM   1080 C CE2 . TYR A 1 132 ? -0.774  1.138   8.430   1.00 15.78 ?  128 TYR A CE2 1 
ATOM   1081 C CZ  . TYR A 1 132 ? -0.059  0.397   7.522   1.00 16.01 ?  128 TYR A CZ  1 
ATOM   1082 O OH  . TYR A 1 132 ? 0.993   1.063   6.927   1.00 17.97 ?  128 TYR A OH  1 
ATOM   1083 N N   . GLU A 1 133 ? -4.577  -1.646  12.672  1.00 15.38 ?  129 GLU A N   1 
ATOM   1084 C CA  A GLU A 1 133 ? -5.817  -1.689  13.440  0.50 17.39 ?  129 GLU A CA  1 
ATOM   1085 C CA  B GLU A 1 133 ? -5.806  -1.678  13.467  0.50 17.45 ?  129 GLU A CA  1 
ATOM   1086 C C   . GLU A 1 133 ? -6.411  -0.270  13.467  1.00 16.90 ?  129 GLU A C   1 
ATOM   1087 O O   . GLU A 1 133 ? -5.737  0.670   13.156  1.00 18.16 ?  129 GLU A O   1 
ATOM   1088 C CB  A GLU A 1 133 ? -5.589  -2.336  14.821  0.50 19.86 ?  129 GLU A CB  1 
ATOM   1089 C CB  B GLU A 1 133 ? -5.532  -2.174  14.894  0.50 19.97 ?  129 GLU A CB  1 
ATOM   1090 C CG  A GLU A 1 133 ? -5.750  -3.850  14.692  0.50 22.50 ?  129 GLU A CG  1 
ATOM   1091 C CG  B GLU A 1 133 ? -4.850  -1.207  15.846  0.50 23.08 ?  129 GLU A CG  1 
ATOM   1092 C CD  A GLU A 1 133 ? -5.046  -4.705  15.736  0.50 23.80 ?  129 GLU A CD  1 
ATOM   1093 C CD  B GLU A 1 133 ? -4.636  -1.866  17.210  0.50 26.26 ?  129 GLU A CD  1 
ATOM   1094 O OE1 A GLU A 1 133 ? -4.665  -4.191  16.795  0.50 22.75 ?  129 GLU A OE1 1 
ATOM   1095 O OE1 B GLU A 1 133 ? -4.880  -3.081  17.292  0.50 30.19 ?  129 GLU A OE1 1 
ATOM   1096 O OE2 A GLU A 1 133 ? -4.886  -5.923  15.475  0.50 25.34 ?  129 GLU A OE2 1 
ATOM   1097 O OE2 B GLU A 1 133 ? -4.220  -1.202  18.178  0.50 31.91 ?  129 GLU A OE2 1 
ATOM   1098 N N   . ARG A 1 134 ? -7.680  -0.138  13.818  1.00 17.74 ?  130 ARG A N   1 
ATOM   1099 C CA  . ARG A 1 134 ? -8.300  1.188   13.821  1.00 21.25 ?  130 ARG A CA  1 
ATOM   1100 C C   . ARG A 1 134 ? -7.644  2.101   14.817  1.00 22.93 ?  130 ARG A C   1 
ATOM   1101 O O   . ARG A 1 134 ? -7.287  1.683   15.938  1.00 23.07 ?  130 ARG A O   1 
ATOM   1102 C CB  . ARG A 1 134 ? -9.815  1.140   14.052  1.00 20.43 ?  130 ARG A CB  1 
ATOM   1103 C CG  . ARG A 1 134 ? -10.562 0.617   12.842  1.00 22.62 ?  130 ARG A CG  1 
ATOM   1104 C CD  . ARG A 1 134 ? -12.021 0.970   12.896  1.00 24.30 ?  130 ARG A CD  1 
ATOM   1105 N NE  . ARG A 1 134 ? -12.821 0.283   11.903  1.00 24.97 ?  130 ARG A NE  1 
ATOM   1106 C CZ  . ARG A 1 134 ? -13.050 0.774   10.697  1.00 23.92 ?  130 ARG A CZ  1 
ATOM   1107 N NH1 . ARG A 1 134 ? -12.519 1.942   10.378  1.00 22.28 ?  130 ARG A NH1 1 
ATOM   1108 N NH2 . ARG A 1 134 ? -13.802 0.107   9.827   1.00 23.46 ?  130 ARG A NH2 1 
ATOM   1109 N N   . ALA A 1 135 ? -7.470  3.342   14.416  1.00 22.68 ?  131 ALA A N   1 
ATOM   1110 C CA  . ALA A 1 135 ? -6.800  4.333   15.268  1.00 31.84 ?  131 ALA A CA  1 
ATOM   1111 C C   . ALA A 1 135 ? -7.694  4.867   16.383  1.00 39.00 ?  131 ALA A C   1 
ATOM   1112 O O   . ALA A 1 135 ? -8.921  4.958   16.243  1.00 40.78 ?  131 ALA A O   1 
ATOM   1113 C CB  . ALA A 1 135 ? -6.258  5.484   14.447  1.00 30.16 ?  131 ALA A CB  1 
ATOM   1114 O OXT . ALA A 1 135 ? -7.187  5.189   17.468  1.00 42.44 ?  131 ALA A OXT 1 
HETATM 1115 C C10 . WJH B 2 .   ? 8.990   0.845   -0.954  1.00 26.39 ?  201 WJH A C10 1 
HETATM 1116 C C11 . WJH B 2 .   ? 8.475   -0.517  -0.576  1.00 23.61 ?  201 WJH A C11 1 
HETATM 1117 C C13 . WJH B 2 .   ? 7.530   5.132   4.653   1.00 28.57 ?  201 WJH A C13 1 
HETATM 1118 C C15 . WJH B 2 .   ? 9.648   5.656   3.378   1.00 31.89 ?  201 WJH A C15 1 
HETATM 1119 C C16 . WJH B 2 .   ? 9.536   7.042   4.054   1.00 32.38 ?  201 WJH A C16 1 
HETATM 1120 C C17 . WJH B 2 .   ? 9.043   7.003   5.506   1.00 31.14 ?  201 WJH A C17 1 
HETATM 1121 C C18 . WJH B 2 .   ? 7.675   6.267   5.659   1.00 29.92 ?  201 WJH A C18 1 
HETATM 1122 C C19 . WJH B 2 .   ? 4.901   1.537   3.308   1.00 24.93 ?  201 WJH A C19 1 
HETATM 1123 C C20 . WJH B 2 .   ? 4.280   0.524   2.457   1.00 23.33 ?  201 WJH A C20 1 
HETATM 1124 C C22 . WJH B 2 .   ? 3.064   -0.026  2.653   1.00 23.88 ?  201 WJH A C22 1 
HETATM 1125 C C23 . WJH B 2 .   ? 2.425   -1.055  1.737   1.00 23.95 ?  201 WJH A C23 1 
HETATM 1126 C C25 . WJH B 2 .   ? 4.566   -1.168  0.615   1.00 22.82 ?  201 WJH A C25 1 
HETATM 1127 C C26 . WJH B 2 .   ? 5.108   0.129   1.238   1.00 25.61 ?  201 WJH A C26 1 
HETATM 1128 C C27 . WJH B 2 .   ? 2.214   0.377   3.767   1.00 26.12 ?  201 WJH A C27 1 
HETATM 1129 S S1  . WJH B 2 .   ? 6.177   4.031   4.754   1.00 27.78 ?  201 WJH A S1  1 
HETATM 1130 C C2  . WJH B 2 .   ? 6.796   3.209   3.393   1.00 25.84 ?  201 WJH A C2  1 
HETATM 1131 C C3  . WJH B 2 .   ? 7.956   3.713   2.870   1.00 26.83 ?  201 WJH A C3  1 
HETATM 1132 N N4  . WJH B 2 .   ? 6.104   2.107   2.842   1.00 23.44 ?  201 WJH A N4  1 
HETATM 1133 C C5  . WJH B 2 .   ? 9.094   1.895   0.098   1.00 26.57 ?  201 WJH A C5  1 
HETATM 1134 N N6  . WJH B 2 .   ? 10.088  2.747   0.183   1.00 29.48 ?  201 WJH A N6  1 
HETATM 1135 O O7  . WJH B 2 .   ? 9.785   3.548   1.254   1.00 25.86 ?  201 WJH A O7  1 
HETATM 1136 N N8  . WJH B 2 .   ? 8.112   2.060   1.036   1.00 24.99 ?  201 WJH A N8  1 
HETATM 1137 C C9  . WJH B 2 .   ? 8.576   3.075   1.721   1.00 24.81 ?  201 WJH A C9  1 
HETATM 1138 C C12 . WJH B 2 .   ? 7.601   0.442   -1.373  1.00 25.94 ?  201 WJH A C12 1 
HETATM 1139 C C14 . WJH B 2 .   ? 8.398   4.840   3.627   1.00 27.16 ?  201 WJH A C14 1 
HETATM 1140 O O21 . WJH B 2 .   ? 4.432   1.905   4.418   1.00 22.66 ?  201 WJH A O21 1 
HETATM 1141 O O24 . WJH B 2 .   ? 3.111   -1.208  0.478   1.00 26.74 ?  201 WJH A O24 1 
HETATM 1142 O O28 . WJH B 2 .   ? 2.227   -0.325  4.927   1.00 24.72 ?  201 WJH A O28 1 
HETATM 1143 O O29 . WJH B 2 .   ? 1.507   1.380   3.663   1.00 26.42 ?  201 WJH A O29 1 
HETATM 1144 S S   . DMS C 3 .   ? -0.822  4.749   -0.717  1.00 33.43 ?  202 DMS A S   1 
HETATM 1145 O O   . DMS C 3 .   ? -0.505  3.993   0.521   1.00 39.57 ?  202 DMS A O   1 
HETATM 1146 C C1  . DMS C 3 .   ? -0.384  6.390   -0.428  1.00 32.45 ?  202 DMS A C1  1 
HETATM 1147 C C2  . DMS C 3 .   ? 0.188   4.218   -2.020  1.00 29.29 ?  202 DMS A C2  1 
HETATM 1148 C C   . FMT D 4 .   ? 1.048   10.159  -5.900  1.00 27.92 ?  203 FMT A C   1 
HETATM 1149 O O1  . FMT D 4 .   ? 1.536   9.772   -4.813  1.00 36.98 -1 203 FMT A O1  1 
HETATM 1150 O O2  . FMT D 4 .   ? 1.858   10.065  -6.961  1.00 28.96 ?  203 FMT A O2  1 
HETATM 1151 S S   . DMS E 3 .   ? -16.966 2.878   -5.045  1.00 55.52 ?  204 DMS A S   1 
HETATM 1152 O O   . DMS E 3 .   ? -17.255 2.298   -3.717  1.00 52.46 ?  204 DMS A O   1 
HETATM 1153 C C1  . DMS E 3 .   ? -15.571 3.857   -4.995  1.00 38.98 ?  204 DMS A C1  1 
HETATM 1154 C C2  . DMS E 3 .   ? -16.458 1.640   -6.101  1.00 53.52 ?  204 DMS A C2  1 
HETATM 1155 S S   . SO4 F 5 .   ? -15.902 -2.432  11.817  1.00 43.12 ?  205 SO4 A S   1 
HETATM 1156 O O1  . SO4 F 5 .   ? -15.547 -3.853  12.130  1.00 41.61 ?  205 SO4 A O1  1 
HETATM 1157 O O2  . SO4 F 5 .   ? -17.297 -2.117  12.176  1.00 41.79 ?  205 SO4 A O2  1 
HETATM 1158 O O3  . SO4 F 5 .   ? -15.731 -2.195  10.348  1.00 45.94 ?  205 SO4 A O3  1 
HETATM 1159 O O4  . SO4 F 5 .   ? -14.947 -1.578  12.559  1.00 46.50 -1 205 SO4 A O4  1 
HETATM 1160 S S   . SO4 G 5 .   ? 10.482  -5.955  9.084   1.00 40.15 ?  206 SO4 A S   1 
HETATM 1161 O O1  . SO4 G 5 .   ? 10.233  -4.545  9.519   1.00 43.71 ?  206 SO4 A O1  1 
HETATM 1162 O O2  . SO4 G 5 .   ? 9.148   -6.357  8.587   1.00 32.77 -1 206 SO4 A O2  1 
HETATM 1163 O O3  . SO4 G 5 .   ? 10.860  -6.763  10.288  1.00 39.53 ?  206 SO4 A O3  1 
HETATM 1164 O O4  . SO4 G 5 .   ? 11.656  -6.085  8.137   1.00 37.34 ?  206 SO4 A O4  1 
HETATM 1165 O O   . HOH H 6 .   ? -0.678  10.786  -15.638 0.50 15.29 ?  301 HOH A O   1 
HETATM 1166 O O   . HOH H 6 .   ? 11.028  -13.199 8.416   1.00 47.26 ?  302 HOH A O   1 
HETATM 1167 O O   . HOH H 6 .   ? -9.230  -2.457  14.634  1.00 26.99 ?  303 HOH A O   1 
HETATM 1168 O O   . HOH H 6 .   ? -5.312  12.892  -4.013  1.00 37.59 ?  304 HOH A O   1 
HETATM 1169 O O   . HOH H 6 .   ? -14.345 -11.403 0.038   1.00 31.93 ?  305 HOH A O   1 
HETATM 1170 O O   . HOH H 6 .   ? -9.067  7.709   -13.815 1.00 34.52 ?  306 HOH A O   1 
HETATM 1171 O O   . HOH H 6 .   ? 2.974   -7.593  -9.549  1.00 34.60 ?  307 HOH A O   1 
HETATM 1172 O O   . HOH H 6 .   ? -15.139 1.377   7.698   1.00 24.61 ?  308 HOH A O   1 
HETATM 1173 O O   . HOH H 6 .   ? 0.566   4.940   13.755  1.00 41.19 ?  309 HOH A O   1 
HETATM 1174 O O   . HOH H 6 .   ? 14.258  -1.929  6.818   1.00 26.28 ?  310 HOH A O   1 
HETATM 1175 O O   . HOH H 6 .   ? 6.032   -16.290 7.965   1.00 28.59 ?  311 HOH A O   1 
HETATM 1176 O O   . HOH H 6 .   ? 1.778   2.762   1.202   1.00 27.87 ?  312 HOH A O   1 
HETATM 1177 O O   . HOH H 6 .   ? 2.587   6.619   -3.547  1.00 31.87 ?  313 HOH A O   1 
HETATM 1178 O O   . HOH H 6 .   ? -1.291  3.073   2.925   1.00 35.39 ?  314 HOH A O   1 
HETATM 1179 O O   . HOH H 6 .   ? -11.490 -11.753 5.730   1.00 25.50 ?  315 HOH A O   1 
HETATM 1180 O O   . HOH H 6 .   ? -10.846 4.820   14.327  1.00 37.97 ?  316 HOH A O   1 
HETATM 1181 O O   . HOH H 6 .   ? -11.383 -7.796  2.524   1.00 25.52 ?  317 HOH A O   1 
HETATM 1182 O O   . HOH H 6 .   ? -0.555  0.823   -1.898  1.00 26.31 ?  318 HOH A O   1 
HETATM 1183 O O   . HOH H 6 .   ? 1.293   2.534   15.156  1.00 41.20 ?  319 HOH A O   1 
HETATM 1184 O O   . HOH H 6 .   ? 0.640   3.427   5.270   1.00 31.31 ?  320 HOH A O   1 
HETATM 1185 O O   . HOH H 6 .   ? 18.977  -3.763  5.452   1.00 28.22 ?  321 HOH A O   1 
HETATM 1186 O O   . HOH H 6 .   ? -6.924  0.906   -16.650 1.00 20.00 ?  322 HOH A O   1 
HETATM 1187 O O   . HOH H 6 .   ? 6.431   -4.137  -16.128 1.00 34.69 ?  323 HOH A O   1 
HETATM 1188 O O   . HOH H 6 .   ? 7.392   -9.501  -9.160  1.00 37.81 ?  324 HOH A O   1 
HETATM 1189 O O   . HOH H 6 .   ? -19.333 6.237   -3.013  1.00 41.66 ?  325 HOH A O   1 
HETATM 1190 O O   . HOH H 6 .   ? 10.665  -9.714  9.530   1.00 32.25 ?  326 HOH A O   1 
HETATM 1191 O O   . HOH H 6 .   ? -11.049 3.879   11.696  1.00 30.69 ?  327 HOH A O   1 
HETATM 1192 O O   . HOH H 6 .   ? 2.867   12.926  9.204   1.00 34.50 ?  328 HOH A O   1 
HETATM 1193 O O   . HOH H 6 .   ? 7.142   0.848   8.513   1.00 21.82 ?  329 HOH A O   1 
HETATM 1194 O O   . HOH H 6 .   ? 13.801  2.390   -5.114  1.00 30.19 ?  330 HOH A O   1 
HETATM 1195 O O   . HOH H 6 .   ? -6.941  2.345   -10.464 1.00 14.70 ?  331 HOH A O   1 
HETATM 1196 O O   . HOH H 6 .   ? -7.842  -0.428  17.653  1.00 38.59 ?  332 HOH A O   1 
HETATM 1197 O O   . HOH H 6 .   ? -12.259 11.472  -0.066  1.00 24.03 ?  333 HOH A O   1 
HETATM 1198 O O   . HOH H 6 .   ? 4.309   7.530   5.212   1.00 27.73 ?  334 HOH A O   1 
HETATM 1199 O O   . HOH H 6 .   ? -0.258  -8.461  14.335  1.00 40.37 ?  335 HOH A O   1 
HETATM 1200 O O   . HOH H 6 .   ? 6.063   14.375  3.004   1.00 37.52 ?  336 HOH A O   1 
HETATM 1201 O O   . HOH H 6 .   ? -9.212  -8.673  15.149  1.00 30.35 ?  337 HOH A O   1 
HETATM 1202 O O   . HOH H 6 .   ? -4.208  -2.638  -2.192  1.00 16.63 ?  338 HOH A O   1 
HETATM 1203 O O   . HOH H 6 .   ? 14.889  0.130   10.126  1.00 26.67 ?  339 HOH A O   1 
HETATM 1204 O O   . HOH H 6 .   ? -15.276 7.903   3.103   1.00 23.59 ?  340 HOH A O   1 
HETATM 1205 O O   . HOH H 6 .   ? -14.824 1.718   -11.634 1.00 34.39 ?  341 HOH A O   1 
HETATM 1206 O O   . HOH H 6 .   ? 4.821   4.216   -1.876  1.00 29.82 ?  342 HOH A O   1 
HETATM 1207 O O   . HOH H 6 .   ? 4.342   7.043   -14.013 1.00 35.39 ?  343 HOH A O   1 
HETATM 1208 O O   . HOH H 6 .   ? 2.204   10.342  -18.206 1.00 51.62 ?  344 HOH A O   1 
HETATM 1209 O O   . HOH H 6 .   ? 2.852   -8.484  10.386  1.00 24.32 ?  345 HOH A O   1 
HETATM 1210 O O   . HOH H 6 .   ? -6.138  8.699   -10.563 1.00 17.74 ?  346 HOH A O   1 
HETATM 1211 O O   . HOH H 6 .   ? 21.317  4.291   0.827   1.00 32.29 ?  347 HOH A O   1 
HETATM 1212 O O   . HOH H 6 .   ? -5.433  -4.385  -10.051 1.00 26.51 ?  348 HOH A O   1 
HETATM 1213 O O   . HOH H 6 .   ? -17.239 10.384  -8.511  1.00 23.31 ?  349 HOH A O   1 
HETATM 1214 O O   . HOH H 6 .   ? -11.901 10.565  -2.451  1.00 20.05 ?  350 HOH A O   1 
HETATM 1215 O O   . HOH H 6 .   ? -14.073 3.400   -8.244  1.00 16.02 ?  351 HOH A O   1 
HETATM 1216 O O   . HOH H 6 .   ? -13.199 8.499   -15.134 1.00 36.56 ?  352 HOH A O   1 
HETATM 1217 O O   . HOH H 6 .   ? 9.237   2.490   -16.404 1.00 38.37 ?  353 HOH A O   1 
HETATM 1218 O O   . HOH H 6 .   ? 5.756   -0.799  -3.747  1.00 22.55 ?  354 HOH A O   1 
HETATM 1219 O O   . HOH H 6 .   ? 6.257   -5.871  13.947  1.00 32.05 ?  355 HOH A O   1 
HETATM 1220 O O   . HOH H 6 .   ? 13.156  -8.473  6.126   1.00 24.79 ?  356 HOH A O   1 
HETATM 1221 O O   . HOH H 6 .   ? 8.652   -2.114  9.460   1.00 34.53 ?  357 HOH A O   1 
HETATM 1222 O O   . HOH H 6 .   ? -2.253  9.848   -13.230 1.00 20.35 ?  358 HOH A O   1 
HETATM 1223 O O   . HOH H 6 .   ? -16.499 12.196  -6.745  1.00 30.34 ?  359 HOH A O   1 
HETATM 1224 O O   . HOH H 6 .   ? -6.130  8.332   -14.671 1.00 36.59 ?  360 HOH A O   1 
HETATM 1225 O O   . HOH H 6 .   ? 8.870   2.363   15.182  1.00 33.44 ?  361 HOH A O   1 
HETATM 1226 O O   . HOH H 6 .   ? -15.098 -9.403  -7.542  1.00 36.57 ?  362 HOH A O   1 
HETATM 1227 O O   . HOH H 6 .   ? 8.074   10.102  -2.495  1.00 48.97 ?  363 HOH A O   1 
HETATM 1228 O O   . HOH H 6 .   ? -14.261 14.230  0.059   1.00 25.82 ?  364 HOH A O   1 
HETATM 1229 O O   . HOH H 6 .   ? 3.958   1.663   -2.882  1.00 30.60 ?  365 HOH A O   1 
HETATM 1230 O O   . HOH H 6 .   ? -8.103  9.601   2.730   1.00 21.82 ?  366 HOH A O   1 
HETATM 1231 O O   . HOH H 6 .   ? -16.986 -4.246  8.605   1.00 35.38 ?  367 HOH A O   1 
HETATM 1232 O O   . HOH H 6 .   ? 1.965   1.027   -1.112  1.00 32.74 ?  368 HOH A O   1 
HETATM 1233 O O   . HOH H 6 .   ? -14.999 -7.558  -5.123  1.00 33.74 ?  369 HOH A O   1 
HETATM 1234 O O   . HOH H 6 .   ? -7.649  6.390   -11.541 1.00 18.10 ?  370 HOH A O   1 
HETATM 1235 O O   . HOH H 6 .   ? -12.691 -3.320  -9.618  1.00 27.98 ?  371 HOH A O   1 
HETATM 1236 O O   . HOH H 6 .   ? 16.087  4.098   -2.786  1.00 33.40 ?  372 HOH A O   1 
HETATM 1237 O O   . HOH H 6 .   ? 14.687  6.046   -2.302  1.00 43.66 ?  373 HOH A O   1 
HETATM 1238 O O   . HOH H 6 .   ? 6.878   3.280   -15.160 1.00 45.59 ?  374 HOH A O   1 
HETATM 1239 O O   . HOH H 6 .   ? 4.124   -9.536  -7.704  1.00 34.34 ?  375 HOH A O   1 
HETATM 1240 O O   . HOH H 6 .   ? 5.143   -12.051 5.269   1.00 32.50 ?  376 HOH A O   1 
HETATM 1241 O O   . HOH H 6 .   ? 5.637   0.927   -16.622 1.00 43.34 ?  377 HOH A O   1 
HETATM 1242 O O   . HOH H 6 .   ? -4.511  -13.685 -2.262  1.00 42.23 ?  378 HOH A O   1 
HETATM 1243 O O   . HOH H 6 .   ? 9.146   -8.065  -11.366 1.00 29.92 ?  379 HOH A O   1 
HETATM 1244 O O   . HOH H 6 .   ? -0.737  -11.354 -1.299  1.00 37.54 ?  380 HOH A O   1 
HETATM 1245 O O   . HOH H 6 .   ? 18.484  5.006   -0.057  1.00 28.51 ?  381 HOH A O   1 
HETATM 1246 O O   . HOH H 6 .   ? 18.223  -3.297  -3.164  1.00 45.84 ?  382 HOH A O   1 
HETATM 1247 O O   . HOH H 6 .   ? 1.888   12.183  -2.589  1.00 40.92 ?  383 HOH A O   1 
HETATM 1248 O O   . HOH H 6 .   ? -11.229 -9.189  16.417  1.00 32.98 ?  384 HOH A O   1 
HETATM 1249 O O   . HOH H 6 .   ? 11.952  6.960   10.608  1.00 20.35 ?  385 HOH A O   1 
HETATM 1250 O O   . HOH H 6 .   ? 7.093   -1.482  -17.246 1.00 38.53 ?  386 HOH A O   1 
HETATM 1251 O O   . HOH H 6 .   ? 11.516  5.082   -11.816 1.00 31.13 ?  387 HOH A O   1 
HETATM 1252 O O   . HOH H 6 .   ? -10.103 13.302  -0.916  1.00 41.14 ?  388 HOH A O   1 
HETATM 1253 O O   . HOH H 6 .   ? -11.923 8.349   6.660   1.00 30.14 ?  389 HOH A O   1 
HETATM 1254 O O   . HOH H 6 .   ? 0.058   -9.295  -3.002  1.00 34.00 ?  390 HOH A O   1 
HETATM 1255 O O   . HOH H 6 .   ? -6.574  -10.863 11.509  1.00 49.80 ?  391 HOH A O   1 
HETATM 1256 O O   . HOH H 6 .   ? 4.163   3.970   0.689   1.00 34.03 ?  392 HOH A O   1 
HETATM 1257 O O   . HOH H 6 .   ? -14.530 -6.432  2.215   1.00 45.93 ?  393 HOH A O   1 
HETATM 1258 O O   . HOH H 6 .   ? -16.003 -5.250  -1.069  1.00 40.37 ?  394 HOH A O   1 
HETATM 1259 O O   . HOH H 6 .   ? -19.316 4.799   -0.724  1.00 46.42 ?  395 HOH A O   1 
HETATM 1260 O O   . HOH H 6 .   ? 3.717   -9.124  -9.459  1.00 30.89 ?  396 HOH A O   1 
HETATM 1261 O O   . HOH H 6 .   ? 12.972  -1.412  12.690  1.00 45.13 ?  397 HOH A O   1 
HETATM 1262 O O   . HOH H 6 .   ? -20.063 9.232   -9.013  1.00 46.62 ?  398 HOH A O   1 
HETATM 1263 O O   . HOH H 6 .   ? 13.905  4.973   -7.566  1.00 50.04 ?  399 HOH A O   1 
HETATM 1264 O O   . HOH H 6 .   ? -10.472 12.409  4.265   1.00 47.06 ?  400 HOH A O   1 
HETATM 1265 O O   . HOH H 6 .   ? -14.493 12.163  1.643   1.00 30.33 ?  401 HOH A O   1 
HETATM 1266 O O   . HOH H 6 .   ? -16.225 2.716   -9.722  1.00 40.33 ?  402 HOH A O   1 
HETATM 1267 O O   . HOH H 6 .   ? -22.156 7.211   1.311   1.00 42.33 ?  403 HOH A O   1 
HETATM 1268 O O   . HOH H 6 .   ? -19.613 8.617   1.620   1.00 45.53 ?  404 HOH A O   1 
HETATM 1269 O O   . HOH H 6 .   ? -16.370 10.168  -11.133 1.00 39.77 ?  405 HOH A O   1 
# 
